data_1B25
#
_entry.id   1B25
#
_cell.length_a   100.340
_cell.length_b   170.850
_cell.length_c   180.640
_cell.angle_alpha   90.00
_cell.angle_beta   90.00
_cell.angle_gamma   90.00
#
_symmetry.space_group_name_H-M   'P 21 21 21'
#
loop_
_entity.id
_entity.type
_entity.pdbx_description
1 polymer 'PROTEIN (FORMALDEHYDE FERREDOXIN OXIDOREDUCTASE)'
2 non-polymer 'IRON/SULFUR CLUSTER'
3 non-polymer TUNGSTOPTERIN
4 water water
#
_entity_poly.entity_id   1
_entity_poly.type   'polypeptide(L)'
_entity_poly.pdbx_seq_one_letter_code
;MYGWWGRILRVNLTTGEVKVQEYPEEVAKKFIGGRGLAAWILWNEARGVEPLSPENKLIFAAGPFNGLPTPSGGKLVVAA
KSPLTGGYGDGNLGTMASVHLRRAGYDALVVEGKAKKPVYIYIEDDNVSILSAEGLWGKTTFETERELKEIHGKNVGVLT
IGPAGENLVKYAVVISQEGRAAGRPGMGAVMGSKKLKAVVIRGTKEIPVADKEELKKLSQEAYNEILNSPGYPFWKRQGT
MAAVEWCNTNYALPTRNFSDGYFEFARSIDGYTMEGMKVQQRGCPYCNMPCGNVVLDAEGQESELDYENVALLGSNLGIG
KLNEVSVLNRIADEMGMDTISLGVSIAHVMEAVERGILKEGPTFGDFKGAKQLALDIAYRKGELGNLAAEGVKAMAEKLG
THDFAMHVKGLEVSGYNCYIYPAMALAYGTSAIGAHHKEAWVIAWEIGTAPIEGEKAEKVEYKISYDPIKAQKVVELQRL
RGGLFEMLTACRLPWVEVGLSLDYYPKLLKAITGVTYTWDDLYKAADRVYSLIRAYWVREFNGKWDRKMDYPPKRWFTEG
LKSGPHKGEHLDEKKYDELLSEYYRIRGWDERGIPKKETLKELDLDFVIPELEKVTNLE
;
_entity_poly.pdbx_strand_id   A,B,C,D
#
loop_
_chem_comp.id
_chem_comp.type
_chem_comp.name
_chem_comp.formula
PTT non-polymer TUNGSTOPTERIN 'C21 H25 Mg N10 O13 P2 S4 W'
SF4 non-polymer 'IRON/SULFUR CLUSTER' 'Fe4 S4'
#
# COMPACT_ATOMS: atom_id res chain seq x y z
N MET A 1 -46.39 -28.80 -17.99
CA MET A 1 -45.76 -27.62 -18.67
C MET A 1 -44.26 -27.85 -18.70
N TYR A 2 -43.65 -27.62 -19.86
CA TYR A 2 -42.21 -27.77 -20.06
C TYR A 2 -41.60 -26.41 -20.39
N GLY A 3 -40.31 -26.26 -20.09
CA GLY A 3 -39.62 -25.00 -20.35
C GLY A 3 -39.99 -23.97 -19.30
N TRP A 4 -41.19 -23.41 -19.44
CA TRP A 4 -41.68 -22.43 -18.48
C TRP A 4 -42.00 -23.11 -17.15
N TRP A 5 -41.79 -22.40 -16.05
CA TRP A 5 -42.11 -22.93 -14.72
C TRP A 5 -43.58 -22.61 -14.46
N GLY A 6 -44.03 -21.51 -15.08
CA GLY A 6 -45.38 -21.04 -14.86
C GLY A 6 -45.41 -20.41 -13.47
N ARG A 7 -44.23 -20.00 -12.98
CA ARG A 7 -44.10 -19.39 -11.65
C ARG A 7 -43.39 -18.03 -11.70
N ILE A 8 -43.90 -17.07 -10.93
CA ILE A 8 -43.34 -15.72 -10.86
C ILE A 8 -43.11 -15.39 -9.38
N LEU A 9 -41.87 -15.06 -9.02
CA LEU A 9 -41.57 -14.69 -7.63
C LEU A 9 -42.04 -13.26 -7.35
N ARG A 10 -42.79 -13.10 -6.27
CA ARG A 10 -43.31 -11.77 -5.90
C ARG A 10 -42.74 -11.31 -4.59
N VAL A 11 -42.09 -10.14 -4.61
CA VAL A 11 -41.49 -9.58 -3.42
C VAL A 11 -42.07 -8.18 -3.20
N ASN A 12 -42.75 -7.98 -2.06
CA ASN A 12 -43.31 -6.66 -1.73
C ASN A 12 -42.43 -6.06 -0.64
N LEU A 13 -41.67 -5.02 -0.99
CA LEU A 13 -40.77 -4.39 -0.04
C LEU A 13 -41.46 -3.53 1.01
N THR A 14 -42.72 -3.17 0.76
CA THR A 14 -43.43 -2.35 1.73
C THR A 14 -43.95 -3.23 2.85
N THR A 15 -44.50 -4.39 2.50
CA THR A 15 -45.07 -5.29 3.49
C THR A 15 -44.12 -6.40 3.96
N GLY A 16 -43.05 -6.63 3.21
CA GLY A 16 -42.11 -7.69 3.56
C GLY A 16 -42.61 -9.04 3.04
N GLU A 17 -43.76 -9.02 2.37
CA GLU A 17 -44.33 -10.26 1.85
C GLU A 17 -43.63 -10.85 0.63
N VAL A 18 -43.35 -12.14 0.69
CA VAL A 18 -42.73 -12.89 -0.41
C VAL A 18 -43.66 -14.05 -0.75
N LYS A 19 -44.06 -14.13 -2.00
CA LYS A 19 -44.95 -15.20 -2.43
C LYS A 19 -44.65 -15.60 -3.87
N VAL A 20 -45.20 -16.72 -4.30
CA VAL A 20 -45.01 -17.17 -5.68
C VAL A 20 -46.36 -17.15 -6.41
N GLN A 21 -46.40 -16.41 -7.51
CA GLN A 21 -47.58 -16.30 -8.35
C GLN A 21 -47.51 -17.37 -9.45
N GLU A 22 -48.53 -18.20 -9.55
CA GLU A 22 -48.56 -19.18 -10.63
C GLU A 22 -49.42 -18.55 -11.71
N TYR A 23 -48.90 -18.52 -12.93
CA TYR A 23 -49.65 -17.95 -14.03
C TYR A 23 -50.00 -19.06 -15.03
N PRO A 24 -51.06 -18.86 -15.84
CA PRO A 24 -51.53 -19.83 -16.84
C PRO A 24 -50.58 -20.16 -18.00
N GLU A 25 -50.57 -21.43 -18.39
CA GLU A 25 -49.72 -21.88 -19.49
C GLU A 25 -50.06 -21.14 -20.79
N GLU A 26 -51.31 -20.72 -20.95
CA GLU A 26 -51.70 -20.02 -22.16
C GLU A 26 -51.10 -18.62 -22.19
N VAL A 27 -50.84 -18.05 -21.03
CA VAL A 27 -50.25 -16.72 -20.96
C VAL A 27 -48.77 -16.90 -21.32
N ALA A 28 -48.19 -18.00 -20.85
CA ALA A 28 -46.79 -18.32 -21.12
C ALA A 28 -46.58 -18.48 -22.62
N LYS A 29 -47.48 -19.23 -23.27
CA LYS A 29 -47.42 -19.47 -24.72
C LYS A 29 -47.68 -18.20 -25.51
N LYS A 30 -48.66 -17.43 -25.04
CA LYS A 30 -49.08 -16.17 -25.66
C LYS A 30 -48.01 -15.06 -25.60
N PHE A 31 -47.31 -14.94 -24.48
CA PHE A 31 -46.30 -13.90 -24.31
C PHE A 31 -44.85 -14.37 -24.32
N ILE A 32 -44.67 -15.69 -24.22
CA ILE A 32 -43.38 -16.38 -24.22
C ILE A 32 -42.46 -16.12 -23.03
N GLY A 33 -42.20 -14.84 -22.73
CA GLY A 33 -41.33 -14.50 -21.62
C GLY A 33 -40.70 -13.15 -21.83
N GLY A 34 -39.75 -12.81 -20.97
CA GLY A 34 -39.03 -11.55 -21.06
C GLY A 34 -39.93 -10.34 -21.16
N ARG A 35 -39.69 -9.54 -22.19
CA ARG A 35 -40.46 -8.33 -22.47
C ARG A 35 -41.97 -8.62 -22.65
N GLY A 36 -42.29 -9.76 -23.27
CA GLY A 36 -43.69 -10.13 -23.47
C GLY A 36 -44.39 -10.33 -22.15
N LEU A 37 -43.74 -11.07 -21.28
CA LEU A 37 -44.26 -11.33 -19.94
C LEU A 37 -44.31 -10.01 -19.16
N ALA A 38 -43.28 -9.18 -19.29
CA ALA A 38 -43.23 -7.90 -18.60
C ALA A 38 -44.34 -6.96 -19.03
N ALA A 39 -44.60 -6.90 -20.34
CA ALA A 39 -45.64 -6.01 -20.83
C ALA A 39 -47.01 -6.48 -20.31
N TRP A 40 -47.21 -7.79 -20.21
CA TRP A 40 -48.46 -8.33 -19.69
C TRP A 40 -48.63 -7.91 -18.21
N ILE A 41 -47.55 -8.04 -17.43
CA ILE A 41 -47.56 -7.64 -16.01
C ILE A 41 -47.78 -6.13 -15.81
N LEU A 42 -47.06 -5.28 -16.54
CA LEU A 42 -47.24 -3.83 -16.39
C LEU A 42 -48.63 -3.31 -16.80
N TRP A 43 -49.19 -3.89 -17.86
CA TRP A 43 -50.52 -3.50 -18.33
C TRP A 43 -51.48 -3.68 -17.16
N ASN A 44 -51.44 -4.87 -16.58
CA ASN A 44 -52.30 -5.22 -15.47
C ASN A 44 -51.98 -4.60 -14.12
N GLU A 45 -50.69 -4.45 -13.83
CA GLU A 45 -50.27 -3.97 -12.51
C GLU A 45 -49.58 -2.63 -12.35
N ALA A 46 -49.47 -1.85 -13.42
CA ALA A 46 -48.83 -0.55 -13.30
C ALA A 46 -49.70 0.47 -14.02
N ARG A 47 -51.00 0.39 -13.75
CA ARG A 47 -51.97 1.28 -14.35
C ARG A 47 -52.03 2.64 -13.65
N GLY A 48 -51.58 3.69 -14.35
CA GLY A 48 -51.60 5.03 -13.81
C GLY A 48 -50.64 5.38 -12.68
N VAL A 49 -49.74 4.48 -12.34
CA VAL A 49 -48.78 4.73 -11.26
C VAL A 49 -47.67 5.74 -11.57
N GLU A 50 -47.21 6.44 -10.55
CA GLU A 50 -46.08 7.38 -10.70
C GLU A 50 -44.87 6.45 -10.83
N PRO A 51 -44.01 6.66 -11.84
CA PRO A 51 -42.84 5.76 -11.98
C PRO A 51 -41.88 5.57 -10.79
N LEU A 52 -41.73 6.59 -9.95
CA LEU A 52 -40.84 6.49 -8.79
C LEU A 52 -41.57 6.27 -7.46
N SER A 53 -42.85 5.91 -7.53
CA SER A 53 -43.65 5.68 -6.35
C SER A 53 -43.60 4.19 -6.02
N PRO A 54 -43.95 3.81 -4.78
CA PRO A 54 -43.92 2.40 -4.39
C PRO A 54 -44.80 1.47 -5.22
N GLU A 55 -45.79 2.04 -5.93
CA GLU A 55 -46.72 1.24 -6.74
C GLU A 55 -46.17 0.76 -8.09
N ASN A 56 -45.09 1.38 -8.56
CA ASN A 56 -44.50 0.92 -9.81
C ASN A 56 -43.94 -0.49 -9.57
N LYS A 57 -43.92 -1.30 -10.63
CA LYS A 57 -43.43 -2.67 -10.57
C LYS A 57 -42.08 -2.80 -11.30
N LEU A 58 -41.09 -3.32 -10.58
CA LEU A 58 -39.77 -3.56 -11.15
C LEU A 58 -39.74 -5.06 -11.49
N ILE A 59 -39.61 -5.36 -12.78
CA ILE A 59 -39.63 -6.73 -13.25
C ILE A 59 -38.33 -7.25 -13.83
N PHE A 60 -37.92 -8.45 -13.38
CA PHE A 60 -36.73 -9.12 -13.90
C PHE A 60 -37.34 -10.34 -14.56
N ALA A 61 -37.49 -10.24 -15.87
CA ALA A 61 -38.13 -11.31 -16.63
C ALA A 61 -37.22 -12.13 -17.51
N ALA A 62 -37.29 -13.45 -17.34
CA ALA A 62 -36.52 -14.41 -18.12
C ALA A 62 -37.52 -15.09 -19.06
N GLY A 63 -37.02 -16.01 -19.87
CA GLY A 63 -37.85 -16.73 -20.82
C GLY A 63 -37.43 -18.19 -20.79
N PRO A 64 -38.08 -19.06 -21.59
CA PRO A 64 -37.77 -20.50 -21.63
C PRO A 64 -36.33 -20.91 -21.95
N PHE A 65 -35.61 -20.06 -22.68
CA PHE A 65 -34.21 -20.31 -23.05
C PHE A 65 -33.26 -20.15 -21.86
N ASN A 66 -33.68 -19.33 -20.90
CA ASN A 66 -32.86 -19.02 -19.75
C ASN A 66 -32.72 -20.12 -18.73
N GLY A 67 -31.53 -20.21 -18.15
CA GLY A 67 -31.27 -21.25 -17.17
C GLY A 67 -30.82 -22.54 -17.82
N LEU A 68 -30.86 -22.58 -19.14
CA LEU A 68 -30.47 -23.77 -19.89
C LEU A 68 -29.29 -23.45 -20.78
N PRO A 69 -28.51 -24.47 -21.16
CA PRO A 69 -27.36 -24.25 -22.03
C PRO A 69 -27.78 -23.96 -23.48
N THR A 70 -28.30 -22.76 -23.74
CA THR A 70 -28.71 -22.38 -25.09
C THR A 70 -27.66 -21.37 -25.56
N PRO A 71 -27.40 -21.30 -26.89
CA PRO A 71 -26.41 -20.39 -27.48
C PRO A 71 -26.63 -18.94 -27.05
N SER A 72 -25.70 -18.42 -26.26
CA SER A 72 -25.79 -17.05 -25.74
C SER A 72 -27.15 -16.80 -25.08
N GLY A 73 -27.66 -17.79 -24.34
CA GLY A 73 -28.95 -17.64 -23.70
C GLY A 73 -28.92 -17.21 -22.23
N GLY A 74 -28.00 -16.33 -21.87
CA GLY A 74 -27.90 -15.87 -20.49
C GLY A 74 -28.30 -14.42 -20.33
N LYS A 75 -29.28 -13.99 -21.13
CA LYS A 75 -29.79 -12.62 -21.11
C LYS A 75 -30.98 -12.49 -20.16
N LEU A 76 -31.32 -11.25 -19.79
CA LEU A 76 -32.43 -11.03 -18.87
C LEU A 76 -33.02 -9.66 -19.12
N VAL A 77 -34.34 -9.56 -19.02
CA VAL A 77 -35.01 -8.29 -19.25
C VAL A 77 -35.39 -7.63 -17.92
N VAL A 78 -35.16 -6.32 -17.83
CA VAL A 78 -35.52 -5.54 -16.65
C VAL A 78 -36.50 -4.51 -17.16
N ALA A 79 -37.70 -4.49 -16.58
CA ALA A 79 -38.74 -3.58 -17.00
C ALA A 79 -39.50 -2.90 -15.84
N ALA A 80 -40.22 -1.83 -16.19
CA ALA A 80 -41.02 -1.06 -15.24
C ALA A 80 -41.58 0.14 -15.96
N LYS A 81 -42.51 0.87 -15.34
CA LYS A 81 -42.99 2.07 -15.99
C LYS A 81 -41.77 3.01 -15.88
N SER A 82 -41.40 3.64 -16.99
CA SER A 82 -40.23 4.49 -17.04
C SER A 82 -40.30 5.89 -16.41
N PRO A 83 -39.34 6.23 -15.51
CA PRO A 83 -39.33 7.55 -14.89
C PRO A 83 -38.82 8.59 -15.88
N LEU A 84 -38.13 8.12 -16.92
CA LEU A 84 -37.57 9.00 -17.92
C LEU A 84 -38.58 9.37 -19.02
N THR A 85 -39.35 8.38 -19.48
CA THR A 85 -40.31 8.59 -20.57
C THR A 85 -41.78 8.64 -20.16
N GLY A 86 -42.12 7.97 -19.06
CA GLY A 86 -43.50 7.95 -18.63
C GLY A 86 -44.29 6.84 -19.30
N GLY A 87 -43.64 6.01 -20.12
CA GLY A 87 -44.32 4.91 -20.79
C GLY A 87 -43.75 3.57 -20.40
N TYR A 88 -43.88 2.58 -21.28
CA TYR A 88 -43.32 1.26 -21.00
C TYR A 88 -41.80 1.37 -21.14
N GLY A 89 -41.08 0.80 -20.18
CA GLY A 89 -39.63 0.87 -20.26
C GLY A 89 -38.99 -0.44 -19.94
N ASP A 90 -37.98 -0.82 -20.73
CA ASP A 90 -37.26 -2.04 -20.42
C ASP A 90 -35.87 -2.01 -21.01
N GLY A 91 -35.07 -3.01 -20.62
CA GLY A 91 -33.71 -3.13 -21.10
C GLY A 91 -33.31 -4.57 -20.92
N ASN A 92 -32.13 -4.91 -21.40
CA ASN A 92 -31.67 -6.29 -21.37
C ASN A 92 -30.20 -6.34 -20.92
N LEU A 93 -29.81 -7.40 -20.21
CA LEU A 93 -28.41 -7.57 -19.83
C LEU A 93 -28.08 -9.04 -19.70
N GLY A 94 -26.85 -9.39 -20.03
CA GLY A 94 -26.37 -10.75 -19.88
C GLY A 94 -25.88 -10.84 -18.42
N THR A 95 -26.21 -11.92 -17.71
CA THR A 95 -25.82 -12.03 -16.31
C THR A 95 -26.12 -13.39 -15.77
N MET A 96 -25.28 -13.87 -14.84
CA MET A 96 -25.52 -15.17 -14.21
C MET A 96 -26.82 -15.12 -13.43
N ALA A 97 -27.35 -13.92 -13.16
CA ALA A 97 -28.64 -13.77 -12.46
C ALA A 97 -29.71 -14.44 -13.30
N SER A 98 -29.59 -14.31 -14.63
CA SER A 98 -30.54 -14.92 -15.56
C SER A 98 -30.59 -16.43 -15.36
N VAL A 99 -29.42 -17.06 -15.36
CA VAL A 99 -29.30 -18.49 -15.20
C VAL A 99 -29.81 -18.95 -13.83
N HIS A 100 -29.36 -18.27 -12.78
CA HIS A 100 -29.79 -18.60 -11.42
C HIS A 100 -31.27 -18.34 -11.12
N LEU A 101 -31.86 -17.31 -11.71
CA LEU A 101 -33.30 -17.05 -11.45
C LEU A 101 -34.15 -18.24 -11.93
N ARG A 102 -33.83 -18.72 -13.13
CA ARG A 102 -34.56 -19.83 -13.70
C ARG A 102 -34.24 -21.15 -13.03
N ARG A 103 -32.97 -21.38 -12.69
CA ARG A 103 -32.60 -22.61 -12.00
C ARG A 103 -33.13 -22.61 -10.55
N ALA A 104 -33.56 -21.44 -10.07
CA ALA A 104 -34.14 -21.32 -8.72
C ALA A 104 -35.65 -21.65 -8.73
N GLY A 105 -36.22 -21.78 -9.92
CA GLY A 105 -37.62 -22.14 -10.04
C GLY A 105 -38.59 -21.06 -10.47
N TYR A 106 -38.09 -19.95 -11.01
CA TYR A 106 -38.96 -18.84 -11.41
C TYR A 106 -38.70 -18.38 -12.83
N ASP A 107 -39.76 -17.90 -13.48
CA ASP A 107 -39.67 -17.38 -14.84
C ASP A 107 -39.38 -15.88 -14.75
N ALA A 108 -39.73 -15.30 -13.61
CA ALA A 108 -39.50 -13.88 -13.38
C ALA A 108 -39.60 -13.54 -11.90
N LEU A 109 -39.15 -12.33 -11.57
CA LEU A 109 -39.18 -11.79 -10.22
C LEU A 109 -39.80 -10.42 -10.38
N VAL A 110 -40.83 -10.15 -9.59
CA VAL A 110 -41.48 -8.84 -9.63
C VAL A 110 -41.37 -8.24 -8.23
N VAL A 111 -40.81 -7.04 -8.19
CA VAL A 111 -40.63 -6.32 -6.94
C VAL A 111 -41.56 -5.12 -6.91
N GLU A 112 -42.36 -5.03 -5.85
CA GLU A 112 -43.28 -3.91 -5.69
C GLU A 112 -43.02 -3.28 -4.34
N GLY A 113 -43.63 -2.12 -4.09
CA GLY A 113 -43.44 -1.47 -2.82
C GLY A 113 -42.14 -0.72 -2.70
N LYS A 114 -41.76 -0.41 -1.47
CA LYS A 114 -40.54 0.33 -1.20
C LYS A 114 -40.14 -0.03 0.22
N ALA A 115 -38.83 -0.25 0.42
CA ALA A 115 -38.35 -0.57 1.74
C ALA A 115 -38.13 0.71 2.57
N LYS A 116 -38.24 0.60 3.88
CA LYS A 116 -38.05 1.74 4.78
C LYS A 116 -36.59 2.20 4.71
N LYS A 117 -35.68 1.22 4.62
CA LYS A 117 -34.22 1.46 4.53
C LYS A 117 -33.65 0.61 3.40
N PRO A 118 -32.37 0.84 3.03
CA PRO A 118 -31.75 0.06 1.95
C PRO A 118 -31.78 -1.45 2.25
N VAL A 119 -32.17 -2.24 1.25
CA VAL A 119 -32.26 -3.69 1.40
C VAL A 119 -31.77 -4.34 0.12
N TYR A 120 -31.53 -5.65 0.19
CA TYR A 120 -31.18 -6.41 -1.02
C TYR A 120 -32.02 -7.69 -0.94
N ILE A 121 -32.38 -8.24 -2.10
CA ILE A 121 -33.18 -9.46 -2.14
C ILE A 121 -32.22 -10.62 -2.31
N TYR A 122 -32.39 -11.63 -1.48
CA TYR A 122 -31.56 -12.82 -1.53
C TYR A 122 -32.42 -14.00 -1.96
N ILE A 123 -32.03 -14.65 -3.05
CA ILE A 123 -32.78 -15.80 -3.56
C ILE A 123 -31.89 -17.02 -3.74
N GLU A 124 -32.20 -18.10 -3.01
CA GLU A 124 -31.48 -19.35 -3.17
C GLU A 124 -32.57 -20.43 -3.25
N ASP A 125 -32.92 -20.81 -4.48
CA ASP A 125 -33.99 -21.79 -4.72
C ASP A 125 -35.30 -21.31 -4.05
N ASP A 126 -35.84 -22.07 -3.09
CA ASP A 126 -37.09 -21.67 -2.42
C ASP A 126 -36.91 -20.72 -1.24
N ASN A 127 -35.66 -20.53 -0.84
CA ASN A 127 -35.31 -19.65 0.27
C ASN A 127 -35.13 -18.20 -0.24
N VAL A 128 -36.11 -17.35 0.04
CA VAL A 128 -36.07 -15.95 -0.39
C VAL A 128 -36.23 -15.02 0.81
N SER A 129 -35.36 -14.02 0.91
CA SER A 129 -35.38 -13.06 2.02
C SER A 129 -35.03 -11.64 1.58
N ILE A 130 -35.55 -10.67 2.33
CA ILE A 130 -35.27 -9.26 2.10
C ILE A 130 -34.32 -8.96 3.25
N LEU A 131 -33.09 -8.57 2.93
CA LEU A 131 -32.05 -8.36 3.92
C LEU A 131 -31.57 -6.92 3.95
N SER A 132 -31.07 -6.49 5.12
CA SER A 132 -30.55 -5.15 5.24
C SER A 132 -29.33 -4.91 4.33
N ALA A 133 -29.33 -3.78 3.62
CA ALA A 133 -28.23 -3.42 2.75
C ALA A 133 -27.69 -2.07 3.20
N GLU A 134 -27.96 -1.72 4.46
CA GLU A 134 -27.52 -0.43 4.96
C GLU A 134 -26.03 -0.17 4.84
N GLY A 135 -25.22 -1.22 4.94
CA GLY A 135 -23.78 -1.05 4.80
C GLY A 135 -23.33 -0.91 3.35
N LEU A 136 -24.16 -1.39 2.43
CA LEU A 136 -23.88 -1.34 1.00
C LEU A 136 -24.26 -0.02 0.33
N TRP A 137 -25.28 0.65 0.86
CA TRP A 137 -25.76 1.90 0.27
C TRP A 137 -24.69 2.96 0.09
N GLY A 138 -24.52 3.40 -1.16
CA GLY A 138 -23.53 4.41 -1.48
C GLY A 138 -22.33 3.81 -2.20
N LYS A 139 -22.20 2.48 -2.15
CA LYS A 139 -21.07 1.83 -2.82
C LYS A 139 -21.28 1.70 -4.33
N THR A 140 -20.19 1.58 -5.07
CA THR A 140 -20.27 1.43 -6.52
C THR A 140 -20.85 0.06 -6.84
N THR A 141 -21.23 -0.12 -8.09
CA THR A 141 -21.79 -1.38 -8.54
C THR A 141 -20.75 -2.50 -8.39
N PHE A 142 -19.51 -2.22 -8.76
CA PHE A 142 -18.42 -3.20 -8.67
C PHE A 142 -18.21 -3.65 -7.24
N GLU A 143 -18.07 -2.69 -6.35
CA GLU A 143 -17.83 -2.97 -4.95
C GLU A 143 -18.98 -3.69 -4.29
N THR A 144 -20.20 -3.32 -4.67
CA THR A 144 -21.40 -3.95 -4.13
C THR A 144 -21.42 -5.44 -4.49
N GLU A 145 -21.21 -5.75 -5.77
CA GLU A 145 -21.21 -7.14 -6.19
C GLU A 145 -20.03 -7.91 -5.58
N ARG A 146 -18.87 -7.27 -5.50
CA ARG A 146 -17.67 -7.88 -4.94
C ARG A 146 -17.90 -8.28 -3.47
N GLU A 147 -18.39 -7.33 -2.67
CA GLU A 147 -18.64 -7.60 -1.27
C GLU A 147 -19.70 -8.67 -1.04
N LEU A 148 -20.76 -8.67 -1.87
CA LEU A 148 -21.81 -9.67 -1.73
C LEU A 148 -21.28 -11.08 -2.00
N LYS A 149 -20.42 -11.23 -3.01
CA LYS A 149 -19.82 -12.53 -3.29
C LYS A 149 -18.82 -12.94 -2.20
N GLU A 150 -18.22 -11.96 -1.52
CA GLU A 150 -17.26 -12.26 -0.46
C GLU A 150 -18.01 -12.86 0.73
N ILE A 151 -19.32 -12.63 0.77
CA ILE A 151 -20.15 -13.19 1.83
C ILE A 151 -20.73 -14.53 1.38
N HIS A 152 -21.52 -14.46 0.30
CA HIS A 152 -22.26 -15.61 -0.20
C HIS A 152 -21.57 -16.63 -1.08
N GLY A 153 -20.41 -16.30 -1.62
CA GLY A 153 -19.73 -17.22 -2.50
C GLY A 153 -19.76 -16.70 -3.92
N LYS A 154 -18.87 -17.21 -4.77
CA LYS A 154 -18.78 -16.74 -6.16
C LYS A 154 -19.86 -17.28 -7.12
N ASN A 155 -20.52 -18.38 -6.74
CA ASN A 155 -21.54 -18.97 -7.60
C ASN A 155 -22.95 -18.47 -7.40
N VAL A 156 -23.10 -17.16 -7.53
CA VAL A 156 -24.39 -16.50 -7.41
C VAL A 156 -24.43 -15.49 -8.55
N GLY A 157 -25.63 -15.10 -8.95
CA GLY A 157 -25.79 -14.09 -9.97
C GLY A 157 -26.18 -12.86 -9.19
N VAL A 158 -25.57 -11.71 -9.52
CA VAL A 158 -25.86 -10.46 -8.79
C VAL A 158 -26.25 -9.29 -9.68
N LEU A 159 -27.28 -8.56 -9.26
CA LEU A 159 -27.79 -7.36 -9.94
C LEU A 159 -27.66 -6.20 -8.96
N THR A 160 -27.08 -5.08 -9.38
CA THR A 160 -26.92 -3.95 -8.46
C THR A 160 -27.17 -2.60 -9.12
N ILE A 161 -27.34 -1.59 -8.27
CA ILE A 161 -27.44 -0.22 -8.73
C ILE A 161 -26.25 0.47 -8.03
N GLY A 162 -25.78 1.56 -8.61
CA GLY A 162 -24.70 2.32 -8.01
C GLY A 162 -25.32 3.61 -7.54
N PRO A 163 -24.51 4.60 -7.13
CA PRO A 163 -25.01 5.91 -6.66
C PRO A 163 -26.03 6.60 -7.60
N ALA A 164 -25.86 6.47 -8.92
CA ALA A 164 -26.79 7.08 -9.88
C ALA A 164 -28.22 6.51 -9.70
N GLY A 165 -28.33 5.21 -9.46
CA GLY A 165 -29.63 4.60 -9.24
C GLY A 165 -30.19 5.08 -7.90
N GLU A 166 -29.32 5.05 -6.88
CA GLU A 166 -29.69 5.48 -5.54
C GLU A 166 -30.20 6.92 -5.55
N ASN A 167 -29.55 7.78 -6.34
CA ASN A 167 -29.91 9.19 -6.45
C ASN A 167 -30.97 9.51 -7.49
N LEU A 168 -31.59 8.45 -8.01
CA LEU A 168 -32.67 8.56 -8.98
C LEU A 168 -32.35 9.32 -10.26
N VAL A 169 -31.12 9.17 -10.76
CA VAL A 169 -30.72 9.78 -12.03
C VAL A 169 -31.72 9.12 -12.99
N LYS A 170 -32.36 9.91 -13.86
CA LYS A 170 -33.40 9.38 -14.74
C LYS A 170 -33.04 8.24 -15.70
N TYR A 171 -31.77 8.16 -16.07
CA TYR A 171 -31.31 7.10 -16.95
C TYR A 171 -30.38 6.13 -16.22
N ALA A 172 -30.62 5.94 -14.92
CA ALA A 172 -29.82 4.99 -14.12
C ALA A 172 -30.18 3.60 -14.59
N VAL A 173 -29.20 2.70 -14.63
CA VAL A 173 -29.41 1.32 -15.07
C VAL A 173 -29.07 0.28 -13.99
N VAL A 174 -29.31 -0.98 -14.32
CA VAL A 174 -28.98 -2.09 -13.43
C VAL A 174 -27.67 -2.64 -14.01
N ILE A 175 -26.72 -2.95 -13.13
CA ILE A 175 -25.41 -3.44 -13.56
C ILE A 175 -25.11 -4.83 -12.99
N SER A 176 -24.40 -5.64 -13.77
CA SER A 176 -23.98 -6.96 -13.32
C SER A 176 -22.60 -7.26 -13.91
N GLN A 177 -21.76 -7.90 -13.12
CA GLN A 177 -20.42 -8.33 -13.53
C GLN A 177 -19.54 -7.23 -14.14
N GLU A 178 -19.56 -6.05 -13.52
CA GLU A 178 -18.77 -4.89 -13.95
C GLU A 178 -18.77 -4.67 -15.47
N GLY A 179 -19.90 -4.32 -16.04
CA GLY A 179 -19.90 -4.12 -17.47
C GLY A 179 -21.22 -4.42 -18.13
N ARG A 180 -21.96 -5.40 -17.62
CA ARG A 180 -23.26 -5.73 -18.23
C ARG A 180 -24.30 -4.75 -17.65
N ALA A 181 -25.04 -4.09 -18.53
CA ALA A 181 -26.05 -3.11 -18.09
C ALA A 181 -27.39 -3.34 -18.73
N ALA A 182 -28.45 -2.92 -18.01
CA ALA A 182 -29.83 -3.03 -18.50
C ALA A 182 -30.74 -1.94 -17.99
N GLY A 183 -31.62 -1.50 -18.87
CA GLY A 183 -32.62 -0.53 -18.51
C GLY A 183 -32.41 0.93 -18.71
N ARG A 184 -31.97 1.30 -19.92
CA ARG A 184 -31.75 2.72 -20.26
C ARG A 184 -32.84 3.70 -19.77
N PRO A 185 -34.13 3.35 -19.94
CA PRO A 185 -35.23 4.24 -19.52
C PRO A 185 -35.40 4.45 -18.01
N GLY A 186 -34.32 4.29 -17.24
CA GLY A 186 -34.36 4.51 -15.81
C GLY A 186 -34.72 3.33 -14.93
N MET A 187 -34.43 2.11 -15.36
CA MET A 187 -34.76 0.95 -14.53
C MET A 187 -33.98 1.00 -13.21
N GLY A 188 -32.75 1.52 -13.28
CA GLY A 188 -31.90 1.64 -12.11
C GLY A 188 -32.51 2.62 -11.11
N ALA A 189 -33.13 3.69 -11.63
CA ALA A 189 -33.76 4.70 -10.78
C ALA A 189 -35.03 4.11 -10.14
N VAL A 190 -35.72 3.22 -10.83
CA VAL A 190 -36.91 2.60 -10.26
C VAL A 190 -36.45 1.71 -9.10
N MET A 191 -35.37 0.95 -9.34
CA MET A 191 -34.84 0.06 -8.32
C MET A 191 -34.41 0.89 -7.10
N GLY A 192 -33.76 2.01 -7.37
CA GLY A 192 -33.30 2.90 -6.31
C GLY A 192 -34.44 3.55 -5.54
N SER A 193 -35.54 3.84 -6.23
CA SER A 193 -36.72 4.47 -5.62
C SER A 193 -37.37 3.53 -4.61
N LYS A 194 -37.07 2.23 -4.73
CA LYS A 194 -37.59 1.22 -3.84
C LYS A 194 -36.63 0.91 -2.69
N LYS A 195 -35.49 1.61 -2.68
CA LYS A 195 -34.43 1.40 -1.70
C LYS A 195 -33.84 -0.02 -1.87
N LEU A 196 -33.93 -0.57 -3.09
CA LEU A 196 -33.39 -1.90 -3.40
C LEU A 196 -32.00 -1.73 -3.99
N LYS A 197 -30.98 -2.11 -3.23
CA LYS A 197 -29.58 -1.96 -3.64
C LYS A 197 -29.09 -3.09 -4.54
N ALA A 198 -29.63 -4.28 -4.35
CA ALA A 198 -29.19 -5.42 -5.13
C ALA A 198 -30.11 -6.62 -5.01
N VAL A 199 -29.84 -7.61 -5.86
CA VAL A 199 -30.57 -8.87 -5.91
C VAL A 199 -29.47 -9.92 -6.11
N VAL A 200 -29.41 -10.89 -5.20
CA VAL A 200 -28.43 -11.96 -5.25
C VAL A 200 -29.22 -13.25 -5.51
N ILE A 201 -28.83 -14.02 -6.52
CA ILE A 201 -29.58 -15.22 -6.87
C ILE A 201 -28.75 -16.49 -7.06
N ARG A 202 -29.25 -17.60 -6.54
CA ARG A 202 -28.61 -18.88 -6.71
C ARG A 202 -29.67 -19.95 -7.02
N GLY A 203 -29.46 -20.73 -8.08
CA GLY A 203 -30.41 -21.75 -8.48
C GLY A 203 -29.72 -23.08 -8.72
N THR A 204 -30.34 -24.18 -8.28
CA THR A 204 -29.77 -25.51 -8.43
C THR A 204 -30.71 -26.53 -9.04
N LYS A 205 -31.98 -26.15 -9.24
CA LYS A 205 -33.00 -27.04 -9.79
C LYS A 205 -32.84 -27.37 -11.28
N GLU A 206 -33.26 -28.56 -11.67
CA GLU A 206 -33.20 -28.90 -13.09
C GLU A 206 -34.53 -28.50 -13.69
N ILE A 207 -34.44 -27.65 -14.71
CA ILE A 207 -35.59 -27.12 -15.42
C ILE A 207 -36.18 -28.22 -16.33
N PRO A 208 -37.50 -28.47 -16.24
CA PRO A 208 -38.13 -29.51 -17.07
C PRO A 208 -38.00 -29.12 -18.54
N VAL A 209 -37.52 -30.07 -19.34
CA VAL A 209 -37.34 -29.84 -20.78
C VAL A 209 -38.08 -30.94 -21.57
N ALA A 210 -38.83 -30.54 -22.57
CA ALA A 210 -39.59 -31.48 -23.41
C ALA A 210 -38.70 -32.54 -24.11
N ASP A 211 -37.62 -32.09 -24.73
CA ASP A 211 -36.70 -32.98 -25.43
C ASP A 211 -35.27 -32.59 -25.13
N LYS A 212 -34.71 -33.19 -24.07
CA LYS A 212 -33.35 -32.93 -23.63
C LYS A 212 -32.34 -33.23 -24.72
N GLU A 213 -32.57 -34.32 -25.43
CA GLU A 213 -31.68 -34.74 -26.50
C GLU A 213 -31.64 -33.76 -27.65
N GLU A 214 -32.81 -33.29 -28.11
CA GLU A 214 -32.85 -32.32 -29.20
C GLU A 214 -32.21 -31.00 -28.79
N LEU A 215 -32.47 -30.58 -27.55
CA LEU A 215 -31.93 -29.36 -26.98
C LEU A 215 -30.41 -29.42 -27.04
N LYS A 216 -29.84 -30.53 -26.54
CA LYS A 216 -28.39 -30.71 -26.54
C LYS A 216 -27.83 -30.70 -27.97
N LYS A 217 -28.51 -31.41 -28.87
CA LYS A 217 -28.08 -31.51 -30.26
C LYS A 217 -28.04 -30.16 -30.96
N LEU A 218 -29.16 -29.43 -30.92
CA LEU A 218 -29.29 -28.11 -31.53
C LEU A 218 -28.27 -27.09 -31.01
N SER A 219 -28.15 -27.00 -29.68
CA SER A 219 -27.21 -26.07 -29.06
C SER A 219 -25.78 -26.35 -29.56
N GLN A 220 -25.39 -27.62 -29.61
CA GLN A 220 -24.07 -28.01 -30.09
C GLN A 220 -23.85 -27.61 -31.54
N GLU A 221 -24.84 -27.83 -32.40
CA GLU A 221 -24.73 -27.47 -33.80
C GLU A 221 -24.58 -25.94 -33.93
N ALA A 222 -25.43 -25.20 -33.22
CA ALA A 222 -25.38 -23.74 -33.22
C ALA A 222 -24.01 -23.24 -32.73
N TYR A 223 -23.50 -23.83 -31.65
CA TYR A 223 -22.20 -23.43 -31.12
C TYR A 223 -21.13 -23.62 -32.15
N ASN A 224 -21.14 -24.77 -32.82
CA ASN A 224 -20.13 -25.04 -33.84
C ASN A 224 -20.29 -24.14 -35.05
N GLU A 225 -21.54 -23.84 -35.41
CA GLU A 225 -21.80 -22.94 -36.53
C GLU A 225 -21.17 -21.57 -36.23
N ILE A 226 -21.26 -21.13 -34.97
CA ILE A 226 -20.68 -19.85 -34.57
C ILE A 226 -19.15 -19.90 -34.69
N LEU A 227 -18.56 -20.94 -34.08
CA LEU A 227 -17.12 -21.12 -34.13
C LEU A 227 -16.55 -21.17 -35.55
N ASN A 228 -17.28 -21.76 -36.48
CA ASN A 228 -16.81 -21.88 -37.87
C ASN A 228 -17.25 -20.79 -38.86
N SER A 229 -18.04 -19.83 -38.38
CA SER A 229 -18.50 -18.75 -39.26
C SER A 229 -17.32 -17.85 -39.64
N PRO A 230 -17.33 -17.34 -40.90
CA PRO A 230 -16.24 -16.47 -41.37
C PRO A 230 -16.04 -15.20 -40.54
N GLY A 231 -17.07 -14.78 -39.80
CA GLY A 231 -16.96 -13.57 -38.99
C GLY A 231 -16.39 -13.75 -37.60
N TYR A 232 -16.38 -14.99 -37.12
CA TYR A 232 -15.88 -15.29 -35.78
C TYR A 232 -14.52 -14.67 -35.42
N PRO A 233 -13.51 -14.79 -36.29
CA PRO A 233 -12.22 -14.20 -35.92
C PRO A 233 -12.23 -12.69 -35.71
N PHE A 234 -12.86 -11.93 -36.60
CA PHE A 234 -12.87 -10.48 -36.44
C PHE A 234 -13.78 -10.06 -35.30
N TRP A 235 -14.83 -10.83 -35.05
CA TRP A 235 -15.73 -10.54 -33.95
C TRP A 235 -14.96 -10.66 -32.65
N LYS A 236 -14.20 -11.75 -32.51
CA LYS A 236 -13.39 -12.03 -31.33
C LYS A 236 -12.40 -10.91 -31.07
N ARG A 237 -11.89 -10.33 -32.15
CA ARG A 237 -10.94 -9.24 -32.06
C ARG A 237 -11.54 -7.88 -31.67
N GLN A 238 -12.56 -7.44 -32.41
CA GLN A 238 -13.17 -6.14 -32.16
C GLN A 238 -14.57 -6.05 -31.56
N GLY A 239 -15.36 -7.13 -31.64
CA GLY A 239 -16.71 -7.07 -31.12
C GLY A 239 -17.50 -5.92 -31.74
N THR A 240 -18.34 -5.25 -30.96
CA THR A 240 -19.12 -4.13 -31.49
C THR A 240 -18.28 -2.91 -31.84
N MET A 241 -17.04 -2.85 -31.34
CA MET A 241 -16.16 -1.72 -31.61
C MET A 241 -15.81 -1.51 -33.09
N ALA A 242 -16.10 -2.51 -33.93
CA ALA A 242 -15.87 -2.44 -35.38
C ALA A 242 -16.78 -1.36 -35.97
N ALA A 243 -17.85 -1.00 -35.26
CA ALA A 243 -18.79 0.01 -35.75
C ALA A 243 -18.25 1.42 -35.78
N VAL A 244 -17.22 1.73 -34.99
CA VAL A 244 -16.68 3.09 -34.98
C VAL A 244 -16.22 3.50 -36.37
N GLU A 245 -15.40 2.66 -37.00
CA GLU A 245 -14.92 2.97 -38.34
C GLU A 245 -16.01 2.88 -39.37
N TRP A 246 -16.87 1.87 -39.24
CA TRP A 246 -17.96 1.66 -40.18
C TRP A 246 -18.90 2.86 -40.20
N CYS A 247 -19.23 3.35 -39.02
CA CYS A 247 -20.11 4.50 -38.91
C CYS A 247 -19.42 5.76 -39.39
N ASN A 248 -18.14 5.92 -39.09
CA ASN A 248 -17.43 7.11 -39.53
C ASN A 248 -17.38 7.16 -41.07
N THR A 249 -17.15 5.98 -41.67
CA THR A 249 -17.07 5.83 -43.11
C THR A 249 -18.40 6.15 -43.78
N ASN A 250 -19.47 5.89 -43.06
CA ASN A 250 -20.80 6.12 -43.57
C ASN A 250 -21.53 7.34 -43.04
N TYR A 251 -20.77 8.28 -42.48
CA TYR A 251 -21.33 9.52 -41.96
C TYR A 251 -22.47 9.31 -40.97
N ALA A 252 -22.34 8.28 -40.15
CA ALA A 252 -23.34 7.92 -39.17
C ALA A 252 -22.82 7.92 -37.73
N LEU A 253 -21.59 8.38 -37.55
CA LEU A 253 -20.98 8.43 -36.21
C LEU A 253 -21.38 9.73 -35.55
N PRO A 254 -22.16 9.66 -34.45
CA PRO A 254 -22.58 10.90 -33.78
C PRO A 254 -21.38 11.69 -33.28
N THR A 255 -21.26 12.92 -33.77
CA THR A 255 -20.14 13.76 -33.42
C THR A 255 -20.64 15.11 -32.94
N ARG A 256 -20.21 15.48 -31.72
CA ARG A 256 -20.58 16.74 -31.05
C ARG A 256 -22.11 16.95 -31.04
N ASN A 257 -22.79 16.19 -30.18
CA ASN A 257 -24.25 16.21 -30.03
C ASN A 257 -24.96 16.03 -31.37
N PHE A 258 -24.46 15.06 -32.13
CA PHE A 258 -25.00 14.70 -33.43
C PHE A 258 -24.89 15.80 -34.48
N SER A 259 -24.05 16.82 -34.22
CA SER A 259 -23.87 17.89 -35.18
C SER A 259 -23.44 17.33 -36.55
N ASP A 260 -22.54 16.36 -36.56
CA ASP A 260 -22.08 15.74 -37.81
C ASP A 260 -22.05 14.20 -37.64
N GLY A 261 -21.80 13.49 -38.74
CA GLY A 261 -21.73 12.03 -38.69
C GLY A 261 -20.33 11.54 -38.99
N TYR A 262 -19.37 12.45 -38.89
CA TYR A 262 -17.96 12.19 -39.13
C TYR A 262 -17.10 12.87 -38.05
N PHE A 263 -16.21 12.10 -37.45
CA PHE A 263 -15.33 12.59 -36.39
C PHE A 263 -13.90 12.51 -36.92
N GLU A 264 -13.21 13.63 -36.91
CA GLU A 264 -11.84 13.68 -37.43
C GLU A 264 -10.86 12.81 -36.64
N PHE A 265 -11.19 12.48 -35.40
CA PHE A 265 -10.30 11.68 -34.57
C PHE A 265 -10.85 10.30 -34.25
N ALA A 266 -11.65 9.76 -35.16
CA ALA A 266 -12.24 8.45 -34.98
C ALA A 266 -11.23 7.32 -34.84
N ARG A 267 -10.11 7.40 -35.56
CA ARG A 267 -9.11 6.35 -35.49
C ARG A 267 -8.56 6.09 -34.08
N SER A 268 -8.39 7.15 -33.31
CA SER A 268 -7.87 7.05 -31.94
C SER A 268 -8.86 6.55 -30.88
N ILE A 269 -10.10 6.27 -31.28
CA ILE A 269 -11.12 5.71 -30.39
C ILE A 269 -11.78 4.55 -31.11
N ASP A 270 -11.10 3.96 -32.09
CA ASP A 270 -11.73 2.85 -32.84
C ASP A 270 -11.38 1.44 -32.38
N GLY A 271 -11.89 0.45 -33.12
CA GLY A 271 -11.67 -0.95 -32.80
C GLY A 271 -10.23 -1.43 -32.82
N TYR A 272 -9.40 -0.84 -33.67
CA TYR A 272 -7.98 -1.20 -33.76
C TYR A 272 -7.26 -0.65 -32.56
N THR A 273 -7.60 0.58 -32.19
CA THR A 273 -7.00 1.21 -31.02
C THR A 273 -7.39 0.37 -29.79
N MET A 274 -8.64 -0.07 -29.74
CA MET A 274 -9.11 -0.90 -28.64
C MET A 274 -8.32 -2.21 -28.58
N GLU A 275 -8.11 -2.85 -29.74
CA GLU A 275 -7.34 -4.10 -29.76
C GLU A 275 -5.97 -3.89 -29.15
N GLY A 276 -5.35 -2.75 -29.43
CA GLY A 276 -4.02 -2.47 -28.89
C GLY A 276 -4.03 -2.15 -27.41
N MET A 277 -5.22 -1.95 -26.83
CA MET A 277 -5.37 -1.63 -25.40
C MET A 277 -6.09 -2.74 -24.61
N LYS A 278 -6.52 -3.80 -25.27
CA LYS A 278 -7.25 -4.86 -24.59
C LYS A 278 -6.39 -5.69 -23.63
N VAL A 279 -6.95 -5.99 -22.45
CA VAL A 279 -6.24 -6.79 -21.45
C VAL A 279 -7.04 -7.97 -20.96
N GLN A 280 -8.34 -7.96 -21.24
CA GLN A 280 -9.23 -9.06 -20.87
C GLN A 280 -10.42 -9.10 -21.79
N GLN A 281 -11.06 -10.27 -21.84
CA GLN A 281 -12.27 -10.46 -22.64
C GLN A 281 -13.24 -11.31 -21.79
N ARG A 282 -14.41 -10.74 -21.50
CA ARG A 282 -15.42 -11.43 -20.70
C ARG A 282 -16.65 -11.59 -21.57
N GLY A 283 -17.68 -12.25 -21.03
CA GLY A 283 -18.91 -12.44 -21.78
C GLY A 283 -20.09 -12.81 -20.92
N CYS A 284 -21.25 -12.98 -21.54
CA CYS A 284 -22.47 -13.36 -20.84
C CYS A 284 -22.50 -14.88 -20.71
N PRO A 285 -23.36 -15.42 -19.83
CA PRO A 285 -23.40 -16.88 -19.67
C PRO A 285 -23.81 -17.62 -20.95
N TYR A 286 -23.20 -18.79 -21.14
CA TYR A 286 -23.47 -19.65 -22.29
C TYR A 286 -23.12 -19.10 -23.66
N CYS A 287 -22.22 -18.14 -23.71
CA CYS A 287 -21.82 -17.56 -24.98
C CYS A 287 -20.42 -17.99 -25.37
N ASN A 288 -20.27 -18.54 -26.57
CA ASN A 288 -18.94 -18.96 -27.05
C ASN A 288 -18.29 -17.93 -28.00
N MET A 289 -18.88 -16.73 -28.02
CA MET A 289 -18.35 -15.61 -28.81
C MET A 289 -18.32 -14.32 -27.96
N PRO A 290 -17.60 -14.35 -26.83
CA PRO A 290 -17.43 -13.24 -25.86
C PRO A 290 -17.06 -11.93 -26.53
N CYS A 291 -17.77 -10.86 -26.16
CA CYS A 291 -17.51 -9.55 -26.73
C CYS A 291 -17.31 -8.47 -25.67
N GLY A 292 -17.19 -8.88 -24.40
CA GLY A 292 -16.95 -7.92 -23.33
C GLY A 292 -15.46 -7.58 -23.31
N ASN A 293 -15.05 -6.69 -24.20
CA ASN A 293 -13.65 -6.32 -24.31
C ASN A 293 -13.17 -5.29 -23.28
N VAL A 294 -12.25 -5.73 -22.43
CA VAL A 294 -11.73 -4.89 -21.38
C VAL A 294 -10.39 -4.25 -21.70
N VAL A 295 -10.31 -2.94 -21.52
CA VAL A 295 -9.08 -2.17 -21.75
C VAL A 295 -8.64 -1.50 -20.44
N LEU A 296 -7.47 -0.88 -20.44
CA LEU A 296 -7.05 -0.12 -19.28
C LEU A 296 -7.27 1.31 -19.73
N ASP A 297 -7.96 2.09 -18.90
CA ASP A 297 -8.22 3.49 -19.22
C ASP A 297 -7.01 4.38 -18.93
N ALA A 298 -7.18 5.69 -19.12
CA ALA A 298 -6.10 6.65 -18.89
C ALA A 298 -5.55 6.70 -17.45
N GLU A 299 -6.28 6.09 -16.53
CA GLU A 299 -5.90 6.05 -15.13
C GLU A 299 -5.48 4.64 -14.73
N GLY A 300 -5.24 3.79 -15.71
CA GLY A 300 -4.81 2.42 -15.45
C GLY A 300 -5.86 1.48 -14.89
N GLN A 301 -7.14 1.86 -14.98
CA GLN A 301 -8.23 1.04 -14.46
C GLN A 301 -8.93 0.26 -15.57
N GLU A 302 -9.46 -0.92 -15.23
CA GLU A 302 -10.18 -1.73 -16.20
C GLU A 302 -11.50 -1.09 -16.59
N SER A 303 -11.83 -1.18 -17.88
CA SER A 303 -13.05 -0.59 -18.40
C SER A 303 -13.51 -1.42 -19.60
N GLU A 304 -14.71 -1.97 -19.52
CA GLU A 304 -15.27 -2.79 -20.58
C GLU A 304 -15.91 -1.89 -21.64
N LEU A 305 -15.42 -1.94 -22.87
CA LEU A 305 -15.93 -1.09 -23.94
C LEU A 305 -16.88 -1.70 -24.93
N ASP A 306 -17.95 -0.95 -25.21
CA ASP A 306 -18.95 -1.35 -26.21
C ASP A 306 -19.07 -0.13 -27.13
N TYR A 307 -19.40 -0.38 -28.39
CA TYR A 307 -19.51 0.70 -29.37
C TYR A 307 -20.32 1.91 -28.89
N GLU A 308 -21.57 1.71 -28.51
CA GLU A 308 -22.43 2.79 -28.04
C GLU A 308 -21.74 3.66 -26.99
N ASN A 309 -21.10 3.02 -26.02
CA ASN A 309 -20.40 3.72 -24.95
C ASN A 309 -19.38 4.69 -25.54
N VAL A 310 -18.58 4.18 -26.48
CA VAL A 310 -17.55 4.98 -27.12
C VAL A 310 -18.12 6.07 -28.06
N ALA A 311 -19.14 5.74 -28.83
CA ALA A 311 -19.73 6.75 -29.71
C ALA A 311 -20.36 7.92 -28.92
N LEU A 312 -21.12 7.61 -27.86
CA LEU A 312 -21.78 8.66 -27.10
C LEU A 312 -20.91 9.35 -26.08
N LEU A 313 -19.85 8.68 -25.64
CA LEU A 313 -18.94 9.29 -24.68
C LEU A 313 -17.65 9.76 -25.34
N GLY A 314 -17.54 9.52 -26.65
CA GLY A 314 -16.32 9.91 -27.37
C GLY A 314 -16.55 10.92 -28.48
N SER A 315 -16.84 10.43 -29.69
CA SER A 315 -17.09 11.30 -30.82
C SER A 315 -18.21 12.31 -30.52
N ASN A 316 -19.28 11.81 -29.89
CA ASN A 316 -20.42 12.64 -29.53
C ASN A 316 -20.03 13.78 -28.58
N LEU A 317 -18.95 13.59 -27.81
CA LEU A 317 -18.46 14.64 -26.89
C LEU A 317 -17.22 15.34 -27.43
N GLY A 318 -16.83 15.01 -28.66
CA GLY A 318 -15.63 15.60 -29.24
C GLY A 318 -14.34 15.14 -28.58
N ILE A 319 -14.36 13.99 -27.89
CA ILE A 319 -13.18 13.44 -27.20
C ILE A 319 -12.56 12.33 -28.07
N GLY A 320 -11.34 12.58 -28.56
CA GLY A 320 -10.67 11.64 -29.44
C GLY A 320 -9.59 10.69 -28.93
N LYS A 321 -9.54 10.39 -27.63
CA LYS A 321 -8.54 9.44 -27.08
C LYS A 321 -9.32 8.34 -26.37
N LEU A 322 -9.13 7.08 -26.80
CA LEU A 322 -9.86 5.97 -26.20
C LEU A 322 -9.60 5.79 -24.70
N ASN A 323 -8.38 6.07 -24.26
CA ASN A 323 -8.08 5.91 -22.85
C ASN A 323 -8.90 6.85 -21.98
N GLU A 324 -9.18 8.03 -22.51
CA GLU A 324 -9.98 9.04 -21.80
C GLU A 324 -11.46 8.70 -21.84
N VAL A 325 -11.95 8.28 -23.01
CA VAL A 325 -13.34 7.87 -23.17
C VAL A 325 -13.59 6.69 -22.21
N SER A 326 -12.56 5.85 -22.04
CA SER A 326 -12.66 4.68 -21.17
C SER A 326 -12.82 5.04 -19.69
N VAL A 327 -12.31 6.20 -19.27
CA VAL A 327 -12.48 6.67 -17.89
C VAL A 327 -13.98 7.01 -17.70
N LEU A 328 -14.57 7.69 -18.67
CA LEU A 328 -16.00 8.06 -18.63
C LEU A 328 -16.86 6.79 -18.63
N ASN A 329 -16.43 5.80 -19.42
CA ASN A 329 -17.12 4.52 -19.54
C ASN A 329 -17.14 3.80 -18.19
N ARG A 330 -15.99 3.72 -17.54
CA ARG A 330 -15.88 3.07 -16.24
C ARG A 330 -16.75 3.78 -15.20
N ILE A 331 -16.76 5.11 -15.23
CA ILE A 331 -17.60 5.88 -14.32
C ILE A 331 -19.08 5.53 -14.51
N ALA A 332 -19.53 5.44 -15.76
CA ALA A 332 -20.92 5.09 -16.03
C ALA A 332 -21.24 3.72 -15.44
N ASP A 333 -20.35 2.75 -15.65
CA ASP A 333 -20.55 1.42 -15.10
C ASP A 333 -20.54 1.39 -13.57
N GLU A 334 -19.56 2.05 -12.96
CA GLU A 334 -19.40 2.11 -11.50
C GLU A 334 -20.61 2.73 -10.82
N MET A 335 -21.09 3.85 -11.40
CA MET A 335 -22.23 4.61 -10.85
C MET A 335 -23.57 4.01 -11.21
N GLY A 336 -23.58 3.15 -12.23
CA GLY A 336 -24.81 2.52 -12.67
C GLY A 336 -25.71 3.48 -13.45
N MET A 337 -25.17 4.11 -14.48
CA MET A 337 -25.99 5.00 -15.30
C MET A 337 -25.69 4.72 -16.77
N ASP A 338 -26.73 4.78 -17.59
CA ASP A 338 -26.65 4.51 -19.03
C ASP A 338 -25.58 5.35 -19.72
N THR A 339 -24.64 4.71 -20.41
CA THR A 339 -23.59 5.43 -21.14
C THR A 339 -24.16 6.29 -22.27
N ILE A 340 -25.21 5.82 -22.94
CA ILE A 340 -25.81 6.53 -24.07
C ILE A 340 -26.50 7.82 -23.63
N SER A 341 -27.46 7.71 -22.72
CA SER A 341 -28.20 8.88 -22.24
C SER A 341 -27.26 9.80 -21.47
N LEU A 342 -26.28 9.24 -20.77
CA LEU A 342 -25.31 10.07 -20.07
C LEU A 342 -24.57 10.91 -21.09
N GLY A 343 -24.06 10.27 -22.15
CA GLY A 343 -23.33 10.97 -23.18
C GLY A 343 -24.18 11.98 -23.95
N VAL A 344 -25.41 11.61 -24.29
CA VAL A 344 -26.27 12.54 -25.02
C VAL A 344 -26.61 13.75 -24.12
N SER A 345 -26.80 13.51 -22.81
CA SER A 345 -27.08 14.59 -21.86
C SER A 345 -25.87 15.50 -21.70
N ILE A 346 -24.67 14.91 -21.66
CA ILE A 346 -23.45 15.71 -21.52
C ILE A 346 -23.17 16.51 -22.80
N ALA A 347 -23.51 15.92 -23.95
CA ALA A 347 -23.31 16.55 -25.26
C ALA A 347 -24.28 17.72 -25.38
N HIS A 348 -25.49 17.52 -24.86
CA HIS A 348 -26.51 18.57 -24.90
C HIS A 348 -26.03 19.81 -24.15
N VAL A 349 -25.41 19.58 -23.00
CA VAL A 349 -24.85 20.64 -22.15
C VAL A 349 -23.68 21.33 -22.84
N MET A 350 -22.85 20.55 -23.53
CA MET A 350 -21.69 21.10 -24.22
C MET A 350 -22.10 22.07 -25.34
N GLU A 351 -23.14 21.71 -26.07
CA GLU A 351 -23.61 22.57 -27.14
C GLU A 351 -24.22 23.84 -26.57
N ALA A 352 -24.98 23.70 -25.48
CA ALA A 352 -25.61 24.84 -24.82
C ALA A 352 -24.55 25.79 -24.25
N VAL A 353 -23.44 25.23 -23.78
CA VAL A 353 -22.35 26.03 -23.23
C VAL A 353 -21.66 26.78 -24.36
N GLU A 354 -21.41 26.09 -25.47
CA GLU A 354 -20.74 26.70 -26.61
C GLU A 354 -21.59 27.82 -27.21
N ARG A 355 -22.90 27.62 -27.20
CA ARG A 355 -23.83 28.58 -27.74
C ARG A 355 -24.17 29.72 -26.77
N GLY A 356 -23.57 29.68 -25.58
CA GLY A 356 -23.80 30.71 -24.59
C GLY A 356 -25.10 30.60 -23.81
N ILE A 357 -25.90 29.57 -24.07
CA ILE A 357 -27.16 29.37 -23.37
C ILE A 357 -26.91 29.06 -21.89
N LEU A 358 -25.90 28.22 -21.61
CA LEU A 358 -25.49 27.89 -20.24
C LEU A 358 -24.22 28.71 -20.04
N LYS A 359 -24.09 29.38 -18.91
CA LYS A 359 -22.91 30.19 -18.71
C LYS A 359 -21.70 29.47 -18.12
N GLU A 360 -21.97 28.30 -17.54
CA GLU A 360 -20.94 27.46 -16.93
C GLU A 360 -21.11 26.01 -17.37
N GLY A 361 -20.00 25.29 -17.54
CA GLY A 361 -20.07 23.90 -17.92
C GLY A 361 -19.01 23.49 -18.93
N PRO A 362 -18.88 22.19 -19.22
CA PRO A 362 -17.90 21.70 -20.19
C PRO A 362 -18.30 21.99 -21.64
N THR A 363 -17.30 22.03 -22.52
CA THR A 363 -17.53 22.24 -23.94
C THR A 363 -17.02 21.00 -24.65
N PHE A 364 -17.19 20.93 -25.97
CA PHE A 364 -16.74 19.77 -26.72
C PHE A 364 -15.23 19.59 -26.61
N GLY A 365 -14.82 18.33 -26.45
CA GLY A 365 -13.40 17.99 -26.34
C GLY A 365 -12.80 18.19 -24.97
N ASP A 366 -13.61 18.63 -24.02
CA ASP A 366 -13.17 18.88 -22.65
C ASP A 366 -13.37 17.61 -21.82
N PHE A 367 -12.33 16.77 -21.76
CA PHE A 367 -12.40 15.53 -21.01
C PHE A 367 -12.54 15.74 -19.49
N LYS A 368 -11.71 16.61 -18.92
CA LYS A 368 -11.76 16.85 -17.48
C LYS A 368 -13.14 17.37 -17.08
N GLY A 369 -13.71 18.28 -17.87
CA GLY A 369 -15.01 18.81 -17.57
C GLY A 369 -16.10 17.77 -17.73
N ALA A 370 -15.95 16.90 -18.72
CA ALA A 370 -16.92 15.84 -18.95
C ALA A 370 -16.93 14.88 -17.78
N LYS A 371 -15.74 14.55 -17.28
CA LYS A 371 -15.60 13.60 -16.17
C LYS A 371 -16.27 14.17 -14.91
N GLN A 372 -16.02 15.46 -14.66
CA GLN A 372 -16.59 16.10 -13.49
C GLN A 372 -18.10 16.15 -13.55
N LEU A 373 -18.64 16.42 -14.74
CA LEU A 373 -20.09 16.46 -14.91
C LEU A 373 -20.72 15.07 -14.77
N ALA A 374 -20.03 14.04 -15.27
CA ALA A 374 -20.52 12.67 -15.16
C ALA A 374 -20.64 12.32 -13.68
N LEU A 375 -19.61 12.66 -12.90
CA LEU A 375 -19.63 12.38 -11.46
C LEU A 375 -20.72 13.21 -10.74
N ASP A 376 -20.87 14.48 -11.14
CA ASP A 376 -21.89 15.37 -10.56
C ASP A 376 -23.29 14.90 -10.89
N ILE A 377 -23.44 14.26 -12.04
CA ILE A 377 -24.75 13.71 -12.40
C ILE A 377 -25.05 12.52 -11.48
N ALA A 378 -24.08 11.61 -11.32
CA ALA A 378 -24.28 10.41 -10.51
C ALA A 378 -24.62 10.70 -9.08
N TYR A 379 -23.96 11.71 -8.53
CA TYR A 379 -24.14 12.13 -7.15
C TYR A 379 -25.11 13.29 -6.99
N ARG A 380 -25.67 13.76 -8.10
CA ARG A 380 -26.59 14.89 -8.14
C ARG A 380 -26.02 16.06 -7.34
N LYS A 381 -24.78 16.41 -7.66
CA LYS A 381 -24.08 17.51 -6.99
C LYS A 381 -24.10 18.76 -7.89
N GLY A 382 -24.75 19.81 -7.40
CA GLY A 382 -24.81 21.06 -8.16
C GLY A 382 -26.03 21.19 -9.05
N GLU A 383 -26.31 22.43 -9.46
CA GLU A 383 -27.47 22.69 -10.30
C GLU A 383 -27.34 22.02 -11.66
N LEU A 384 -26.17 22.15 -12.30
CA LEU A 384 -25.95 21.56 -13.61
C LEU A 384 -26.04 20.02 -13.58
N GLY A 385 -25.40 19.39 -12.58
CA GLY A 385 -25.46 17.94 -12.46
C GLY A 385 -26.87 17.44 -12.24
N ASN A 386 -27.64 18.17 -11.43
CA ASN A 386 -29.02 17.78 -11.15
C ASN A 386 -29.91 17.93 -12.37
N LEU A 387 -29.61 18.93 -13.18
CA LEU A 387 -30.39 19.19 -14.38
C LEU A 387 -30.09 18.09 -15.41
N ALA A 388 -28.81 17.84 -15.69
CA ALA A 388 -28.43 16.83 -16.67
C ALA A 388 -28.83 15.42 -16.24
N ALA A 389 -29.05 15.23 -14.93
CA ALA A 389 -29.46 13.96 -14.39
C ALA A 389 -30.91 13.63 -14.77
N GLU A 390 -31.62 14.64 -15.27
CA GLU A 390 -33.01 14.47 -15.68
C GLU A 390 -33.21 13.96 -17.11
N GLY A 391 -32.16 14.01 -17.94
CA GLY A 391 -32.29 13.60 -19.34
C GLY A 391 -32.46 14.83 -20.21
N VAL A 392 -32.23 14.69 -21.52
CA VAL A 392 -32.32 15.84 -22.43
C VAL A 392 -33.72 16.42 -22.65
N LYS A 393 -34.75 15.57 -22.64
CA LYS A 393 -36.11 16.08 -22.83
C LYS A 393 -36.43 17.09 -21.72
N ALA A 394 -36.24 16.67 -20.48
CA ALA A 394 -36.49 17.51 -19.30
C ALA A 394 -35.56 18.70 -19.25
N MET A 395 -34.28 18.46 -19.51
CA MET A 395 -33.29 19.53 -19.49
C MET A 395 -33.62 20.60 -20.54
N ALA A 396 -34.08 20.17 -21.71
CA ALA A 396 -34.45 21.07 -22.80
C ALA A 396 -35.65 21.94 -22.45
N GLU A 397 -36.63 21.38 -21.72
CA GLU A 397 -37.82 22.16 -21.33
C GLU A 397 -37.42 23.32 -20.42
N LYS A 398 -36.41 23.10 -19.59
CA LYS A 398 -35.91 24.11 -18.67
C LYS A 398 -35.04 25.18 -19.34
N LEU A 399 -34.22 24.76 -20.31
CA LEU A 399 -33.29 25.67 -20.98
C LEU A 399 -33.80 26.27 -22.28
N GLY A 400 -34.89 25.71 -22.81
CA GLY A 400 -35.42 26.19 -24.07
C GLY A 400 -34.50 25.74 -25.21
N THR A 401 -33.96 24.53 -25.08
CA THR A 401 -33.02 23.99 -26.08
C THR A 401 -33.52 22.76 -26.83
N HIS A 402 -34.83 22.72 -27.05
CA HIS A 402 -35.49 21.64 -27.79
C HIS A 402 -34.87 21.40 -29.18
N ASP A 403 -34.33 22.44 -29.81
CA ASP A 403 -33.71 22.34 -31.15
C ASP A 403 -32.61 21.29 -31.23
N PHE A 404 -31.83 21.17 -30.17
CA PHE A 404 -30.77 20.17 -30.15
C PHE A 404 -30.92 19.10 -29.05
N ALA A 405 -32.17 18.75 -28.71
CA ALA A 405 -32.44 17.72 -27.70
C ALA A 405 -32.66 16.42 -28.45
N MET A 406 -31.63 15.59 -28.52
CA MET A 406 -31.69 14.33 -29.27
C MET A 406 -32.34 13.19 -28.54
N HIS A 407 -33.64 13.02 -28.72
CA HIS A 407 -34.38 11.96 -28.06
C HIS A 407 -35.69 11.71 -28.81
N VAL A 408 -36.30 10.55 -28.58
CA VAL A 408 -37.62 10.24 -29.13
C VAL A 408 -38.35 9.67 -27.92
N LYS A 409 -39.50 10.26 -27.59
CA LYS A 409 -40.30 9.87 -26.43
C LYS A 409 -39.57 10.03 -25.09
N GLY A 410 -38.57 10.91 -25.03
CA GLY A 410 -37.84 11.10 -23.78
C GLY A 410 -36.58 10.27 -23.63
N LEU A 411 -36.44 9.21 -24.43
CA LEU A 411 -35.25 8.36 -24.40
C LEU A 411 -34.25 8.91 -25.41
N GLU A 412 -33.02 9.13 -24.96
CA GLU A 412 -31.96 9.68 -25.81
C GLU A 412 -31.60 8.79 -27.01
N VAL A 413 -31.31 9.44 -28.14
CA VAL A 413 -30.94 8.74 -29.38
C VAL A 413 -29.60 8.05 -29.19
N SER A 414 -29.46 6.85 -29.75
CA SER A 414 -28.22 6.11 -29.60
C SER A 414 -27.15 6.41 -30.65
N GLY A 415 -26.25 5.45 -30.85
CA GLY A 415 -25.09 5.66 -31.71
C GLY A 415 -25.11 5.75 -33.21
N TYR A 416 -26.25 6.08 -33.81
CA TYR A 416 -26.35 6.18 -35.27
C TYR A 416 -26.97 7.50 -35.69
N ASN A 417 -26.19 8.35 -36.36
CA ASN A 417 -26.69 9.65 -36.81
C ASN A 417 -27.43 9.44 -38.13
N CYS A 418 -28.72 9.76 -38.14
CA CYS A 418 -29.56 9.49 -39.29
C CYS A 418 -29.96 10.64 -40.20
N TYR A 419 -29.10 11.63 -40.42
CA TYR A 419 -29.43 12.74 -41.32
C TYR A 419 -29.83 12.22 -42.71
N ILE A 420 -29.16 11.18 -43.19
CA ILE A 420 -29.45 10.66 -44.51
C ILE A 420 -29.95 9.22 -44.51
N TYR A 421 -30.45 8.77 -43.35
CA TYR A 421 -30.94 7.38 -43.21
C TYR A 421 -32.40 7.30 -42.72
N PRO A 422 -33.37 7.36 -43.65
CA PRO A 422 -34.79 7.30 -43.33
C PRO A 422 -35.29 6.07 -42.58
N ALA A 423 -34.81 4.88 -42.94
CA ALA A 423 -35.27 3.69 -42.26
C ALA A 423 -34.75 3.64 -40.84
N MET A 424 -33.51 4.09 -40.62
CA MET A 424 -32.97 4.07 -39.26
C MET A 424 -33.67 5.13 -38.42
N ALA A 425 -33.99 6.27 -39.04
CA ALA A 425 -34.71 7.33 -38.35
C ALA A 425 -36.10 6.86 -37.93
N LEU A 426 -36.74 6.07 -38.79
CA LEU A 426 -38.07 5.51 -38.50
C LEU A 426 -37.96 4.47 -37.39
N ALA A 427 -36.84 3.76 -37.36
CA ALA A 427 -36.59 2.77 -36.33
C ALA A 427 -36.49 3.48 -34.98
N TYR A 428 -35.79 4.61 -34.93
CA TYR A 428 -35.70 5.35 -33.70
C TYR A 428 -37.05 5.94 -33.37
N GLY A 429 -37.73 6.47 -34.39
CA GLY A 429 -39.03 7.07 -34.18
C GLY A 429 -40.09 6.12 -33.66
N THR A 430 -40.08 4.87 -34.11
CA THR A 430 -41.08 3.90 -33.69
C THR A 430 -40.69 2.95 -32.58
N SER A 431 -39.43 3.01 -32.13
CA SER A 431 -38.95 2.12 -31.06
C SER A 431 -39.97 2.12 -29.89
N ALA A 432 -40.41 0.92 -29.50
CA ALA A 432 -41.41 0.75 -28.44
C ALA A 432 -41.13 1.37 -27.09
N ILE A 433 -39.86 1.59 -26.76
CA ILE A 433 -39.50 2.15 -25.47
C ILE A 433 -38.92 3.56 -25.59
N GLY A 434 -38.86 4.09 -26.82
CA GLY A 434 -38.27 5.39 -27.03
C GLY A 434 -37.01 5.19 -27.88
N ALA A 435 -36.34 6.27 -28.25
CA ALA A 435 -35.16 6.17 -29.09
C ALA A 435 -34.12 5.13 -28.65
N HIS A 436 -33.96 4.09 -29.46
CA HIS A 436 -32.99 3.02 -29.23
C HIS A 436 -32.86 2.28 -30.58
N HIS A 437 -31.68 1.73 -30.83
CA HIS A 437 -31.42 0.97 -32.06
C HIS A 437 -31.71 -0.52 -31.80
N LYS A 438 -31.95 -0.85 -30.54
CA LYS A 438 -32.23 -2.22 -30.12
C LYS A 438 -33.18 -3.03 -31.00
N GLU A 439 -34.37 -2.50 -31.22
CA GLU A 439 -35.41 -3.20 -31.96
C GLU A 439 -35.29 -3.28 -33.47
N ALA A 440 -34.49 -2.40 -34.05
CA ALA A 440 -34.33 -2.36 -35.49
C ALA A 440 -33.06 -1.63 -35.86
N TRP A 441 -31.99 -2.39 -36.08
CA TRP A 441 -30.72 -1.80 -36.51
C TRP A 441 -30.77 -2.00 -38.04
N VAL A 442 -31.52 -1.12 -38.69
CA VAL A 442 -31.76 -1.17 -40.12
C VAL A 442 -30.80 -0.35 -40.96
N ILE A 443 -29.93 0.41 -40.31
CA ILE A 443 -28.98 1.24 -41.02
C ILE A 443 -28.01 0.40 -41.85
N ALA A 444 -27.68 -0.78 -41.33
CA ALA A 444 -26.78 -1.72 -42.00
C ALA A 444 -27.33 -2.10 -43.38
N TRP A 445 -28.59 -2.56 -43.39
CA TRP A 445 -29.30 -2.94 -44.60
C TRP A 445 -29.53 -1.75 -45.54
N GLU A 446 -29.76 -0.56 -44.97
CA GLU A 446 -29.96 0.64 -45.77
C GLU A 446 -28.71 1.00 -46.59
N ILE A 447 -27.53 0.77 -46.00
CA ILE A 447 -26.24 1.07 -46.64
C ILE A 447 -25.73 -0.07 -47.53
N GLY A 448 -26.01 -1.32 -47.15
CA GLY A 448 -25.53 -2.44 -47.97
C GLY A 448 -24.26 -3.10 -47.45
N THR A 449 -23.65 -2.50 -46.42
CA THR A 449 -22.44 -3.04 -45.79
C THR A 449 -22.67 -3.18 -44.27
N ALA A 450 -21.74 -3.88 -43.61
CA ALA A 450 -21.83 -4.10 -42.17
C ALA A 450 -20.44 -3.97 -41.51
N PRO A 451 -20.43 -3.56 -40.22
CA PRO A 451 -19.17 -3.39 -39.48
C PRO A 451 -18.32 -4.66 -39.41
N ILE A 452 -18.96 -5.83 -39.28
CA ILE A 452 -18.27 -7.12 -39.19
C ILE A 452 -17.32 -7.39 -40.38
N GLU A 453 -17.61 -6.80 -41.53
CA GLU A 453 -16.78 -7.00 -42.72
C GLU A 453 -15.40 -6.31 -42.57
N TYR A 462 -24.05 5.70 -52.13
CA TYR A 462 -25.33 5.74 -51.34
C TYR A 462 -26.28 6.84 -51.80
N LYS A 463 -27.56 6.50 -51.87
CA LYS A 463 -28.60 7.46 -52.28
C LYS A 463 -29.81 7.38 -51.34
N ILE A 464 -30.23 8.52 -50.79
CA ILE A 464 -31.38 8.55 -49.86
C ILE A 464 -32.61 7.94 -50.54
N SER A 465 -33.49 7.32 -49.77
CA SER A 465 -34.69 6.71 -50.33
C SER A 465 -35.78 6.48 -49.28
N TYR A 466 -37.02 6.86 -49.59
CA TYR A 466 -38.12 6.67 -48.64
C TYR A 466 -39.07 5.57 -49.08
N ASP A 467 -38.55 4.61 -49.83
CA ASP A 467 -39.31 3.49 -50.36
C ASP A 467 -40.12 2.84 -49.25
N PRO A 468 -41.45 2.71 -49.43
CA PRO A 468 -42.33 2.10 -48.42
C PRO A 468 -41.91 0.71 -47.92
N ILE A 469 -41.00 0.05 -48.63
CA ILE A 469 -40.52 -1.25 -48.19
C ILE A 469 -39.69 -1.06 -46.90
N LYS A 470 -39.13 0.14 -46.75
CA LYS A 470 -38.32 0.51 -45.58
C LYS A 470 -39.11 0.24 -44.30
N ALA A 471 -40.39 0.63 -44.32
CA ALA A 471 -41.29 0.45 -43.18
C ALA A 471 -41.52 -1.03 -42.91
N GLN A 472 -41.61 -1.82 -43.98
CA GLN A 472 -41.79 -3.27 -43.86
C GLN A 472 -40.54 -3.91 -43.23
N LYS A 473 -39.36 -3.40 -43.61
CA LYS A 473 -38.10 -3.92 -43.07
C LYS A 473 -38.00 -3.59 -41.57
N VAL A 474 -38.38 -2.37 -41.18
CA VAL A 474 -38.34 -1.99 -39.77
C VAL A 474 -39.25 -2.91 -38.97
N VAL A 475 -40.45 -3.20 -39.51
CA VAL A 475 -41.36 -4.09 -38.81
C VAL A 475 -40.84 -5.51 -38.67
N GLU A 476 -40.18 -5.99 -39.72
CA GLU A 476 -39.62 -7.34 -39.69
C GLU A 476 -38.53 -7.42 -38.64
N LEU A 477 -37.68 -6.39 -38.61
CA LEU A 477 -36.61 -6.35 -37.64
C LEU A 477 -37.15 -6.23 -36.21
N GLN A 478 -38.23 -5.47 -36.03
CA GLN A 478 -38.81 -5.31 -34.71
C GLN A 478 -39.38 -6.62 -34.20
N ARG A 479 -39.97 -7.42 -35.09
CA ARG A 479 -40.51 -8.71 -34.67
C ARG A 479 -39.43 -9.62 -34.12
N LEU A 480 -38.23 -9.53 -34.69
CA LEU A 480 -37.12 -10.36 -34.26
C LEU A 480 -36.35 -9.77 -33.08
N ARG A 481 -35.88 -8.55 -33.26
CA ARG A 481 -35.07 -7.87 -32.27
C ARG A 481 -35.80 -7.30 -31.06
N GLY A 482 -37.00 -6.77 -31.27
CA GLY A 482 -37.76 -6.22 -30.17
C GLY A 482 -38.84 -7.19 -29.72
N GLY A 483 -38.88 -8.35 -30.38
CA GLY A 483 -39.87 -9.35 -30.06
C GLY A 483 -39.23 -10.65 -29.64
N LEU A 484 -38.99 -11.52 -30.62
CA LEU A 484 -38.38 -12.83 -30.36
C LEU A 484 -37.23 -12.84 -29.36
N PHE A 485 -36.17 -12.09 -29.65
CA PHE A 485 -34.98 -12.06 -28.80
C PHE A 485 -35.20 -11.45 -27.41
N GLU A 486 -36.20 -10.59 -27.28
CA GLU A 486 -36.52 -9.98 -25.98
C GLU A 486 -37.46 -10.86 -25.17
N MET A 487 -37.99 -11.90 -25.82
CA MET A 487 -38.92 -12.82 -25.18
C MET A 487 -38.33 -14.16 -24.81
N LEU A 488 -37.27 -14.58 -25.49
CA LEU A 488 -36.68 -15.89 -25.20
C LEU A 488 -36.05 -16.12 -23.81
N THR A 489 -35.15 -15.27 -23.34
CA THR A 489 -34.65 -14.08 -24.01
C THR A 489 -33.19 -14.49 -24.27
N ALA A 490 -32.68 -14.23 -25.48
CA ALA A 490 -31.31 -14.65 -25.80
C ALA A 490 -30.61 -13.58 -26.61
N CYS A 491 -29.28 -13.65 -26.69
CA CYS A 491 -28.54 -12.66 -27.46
C CYS A 491 -28.86 -12.70 -28.95
N ARG A 492 -29.06 -11.52 -29.53
CA ARG A 492 -29.37 -11.40 -30.96
C ARG A 492 -28.09 -11.29 -31.78
N LEU A 493 -26.92 -11.15 -31.12
CA LEU A 493 -25.67 -10.97 -31.86
C LEU A 493 -25.15 -12.16 -32.64
N PRO A 494 -25.34 -13.40 -32.15
CA PRO A 494 -24.84 -14.53 -32.95
C PRO A 494 -25.48 -14.44 -34.34
N TRP A 495 -26.78 -14.21 -34.38
CA TRP A 495 -27.48 -14.05 -35.65
C TRP A 495 -26.99 -12.78 -36.38
N VAL A 496 -27.10 -11.61 -35.74
CA VAL A 496 -26.72 -10.33 -36.34
C VAL A 496 -25.29 -10.16 -36.85
N GLU A 497 -24.32 -10.55 -36.04
CA GLU A 497 -22.90 -10.37 -36.36
C GLU A 497 -22.20 -11.49 -37.11
N VAL A 498 -22.47 -12.71 -36.66
CA VAL A 498 -21.84 -13.89 -37.18
C VAL A 498 -22.69 -14.73 -38.14
N GLY A 499 -23.94 -14.32 -38.34
CA GLY A 499 -24.83 -15.02 -39.26
C GLY A 499 -25.41 -16.36 -38.85
N LEU A 500 -25.48 -16.62 -37.55
CA LEU A 500 -26.05 -17.88 -37.08
C LEU A 500 -27.48 -17.97 -37.64
N SER A 501 -27.91 -19.16 -38.05
CA SER A 501 -29.24 -19.33 -38.62
C SER A 501 -30.35 -19.08 -37.60
N LEU A 502 -31.36 -18.31 -38.02
CA LEU A 502 -32.53 -18.02 -37.17
C LEU A 502 -33.39 -19.27 -37.00
N ASP A 503 -33.21 -20.25 -37.89
CA ASP A 503 -33.98 -21.49 -37.83
C ASP A 503 -33.75 -22.32 -36.57
N TYR A 504 -32.65 -22.06 -35.88
CA TYR A 504 -32.33 -22.75 -34.63
C TYR A 504 -33.33 -22.40 -33.53
N TYR A 505 -33.77 -21.15 -33.50
CA TYR A 505 -34.67 -20.65 -32.45
C TYR A 505 -36.02 -21.34 -32.32
N PRO A 506 -36.79 -21.45 -33.42
CA PRO A 506 -38.08 -22.13 -33.28
C PRO A 506 -37.85 -23.61 -32.87
N LYS A 507 -36.75 -24.19 -33.34
CA LYS A 507 -36.42 -25.59 -33.05
C LYS A 507 -36.00 -25.78 -31.60
N LEU A 508 -35.27 -24.82 -31.05
CA LEU A 508 -34.86 -24.87 -29.65
C LEU A 508 -36.09 -24.60 -28.76
N LEU A 509 -36.96 -23.69 -29.18
CA LEU A 509 -38.17 -23.36 -28.42
C LEU A 509 -39.06 -24.59 -28.31
N LYS A 510 -39.17 -25.33 -29.40
CA LYS A 510 -39.95 -26.57 -29.44
C LYS A 510 -39.30 -27.65 -28.56
N ALA A 511 -37.98 -27.80 -28.65
CA ALA A 511 -37.28 -28.80 -27.85
C ALA A 511 -37.41 -28.52 -26.35
N ILE A 512 -37.48 -27.25 -26.01
CA ILE A 512 -37.58 -26.83 -24.63
C ILE A 512 -38.98 -26.93 -24.03
N THR A 513 -39.92 -26.20 -24.62
CA THR A 513 -41.31 -26.17 -24.16
C THR A 513 -42.23 -27.26 -24.72
N GLY A 514 -41.83 -27.86 -25.84
CA GLY A 514 -42.64 -28.89 -26.47
C GLY A 514 -43.70 -28.27 -27.38
N VAL A 515 -43.78 -26.94 -27.35
CA VAL A 515 -44.74 -26.21 -28.15
C VAL A 515 -44.11 -25.82 -29.49
N THR A 516 -44.81 -26.12 -30.58
CA THR A 516 -44.33 -25.80 -31.91
C THR A 516 -44.80 -24.41 -32.30
N TYR A 517 -43.85 -23.55 -32.70
CA TYR A 517 -44.17 -22.20 -33.13
C TYR A 517 -43.64 -22.06 -34.54
N THR A 518 -44.53 -21.73 -35.47
CA THR A 518 -44.14 -21.50 -36.86
C THR A 518 -43.66 -20.05 -36.84
N TRP A 519 -42.92 -19.63 -37.86
CA TRP A 519 -42.48 -18.24 -37.90
C TRP A 519 -43.65 -17.26 -37.78
N ASP A 520 -44.81 -17.62 -38.36
CA ASP A 520 -45.99 -16.76 -38.29
C ASP A 520 -46.49 -16.63 -36.87
N ASP A 521 -46.41 -17.73 -36.11
CA ASP A 521 -46.83 -17.75 -34.72
C ASP A 521 -45.99 -16.72 -33.95
N LEU A 522 -44.68 -16.74 -34.21
CA LEU A 522 -43.73 -15.84 -33.57
C LEU A 522 -43.91 -14.39 -34.01
N TYR A 523 -44.25 -14.15 -35.28
CA TYR A 523 -44.48 -12.79 -35.75
C TYR A 523 -45.73 -12.21 -35.09
N LYS A 524 -46.74 -13.06 -34.88
CA LYS A 524 -47.96 -12.61 -34.25
C LYS A 524 -47.74 -12.29 -32.76
N ALA A 525 -46.98 -13.13 -32.06
CA ALA A 525 -46.71 -12.88 -30.65
C ALA A 525 -45.91 -11.58 -30.50
N ALA A 526 -44.99 -11.33 -31.45
CA ALA A 526 -44.16 -10.12 -31.42
C ALA A 526 -45.03 -8.88 -31.65
N ASP A 527 -45.94 -8.94 -32.63
CA ASP A 527 -46.84 -7.82 -32.93
C ASP A 527 -47.81 -7.62 -31.77
N ARG A 528 -48.17 -8.72 -31.09
CA ARG A 528 -49.07 -8.67 -29.94
C ARG A 528 -48.39 -7.84 -28.86
N VAL A 529 -47.10 -8.14 -28.62
CA VAL A 529 -46.32 -7.43 -27.63
C VAL A 529 -46.18 -5.96 -28.02
N TYR A 530 -45.93 -5.70 -29.30
CA TYR A 530 -45.81 -4.32 -29.77
C TYR A 530 -47.08 -3.49 -29.62
N SER A 531 -48.24 -4.10 -29.88
CA SER A 531 -49.51 -3.39 -29.73
C SER A 531 -49.88 -3.22 -28.26
N LEU A 532 -49.57 -4.23 -27.44
CA LEU A 532 -49.84 -4.14 -26.01
C LEU A 532 -48.95 -3.05 -25.40
N ILE A 533 -47.70 -2.98 -25.85
CA ILE A 533 -46.77 -1.97 -25.35
C ILE A 533 -47.27 -0.60 -25.79
N ARG A 534 -47.75 -0.52 -27.03
CA ARG A 534 -48.27 0.74 -27.55
C ARG A 534 -49.51 1.17 -26.77
N ALA A 535 -50.35 0.20 -26.44
CA ALA A 535 -51.56 0.46 -25.68
C ALA A 535 -51.19 1.00 -24.29
N TYR A 536 -50.12 0.46 -23.71
CA TYR A 536 -49.66 0.89 -22.39
C TYR A 536 -49.28 2.36 -22.42
N TRP A 537 -48.51 2.76 -23.44
CA TRP A 537 -48.12 4.16 -23.59
C TRP A 537 -49.33 5.11 -23.73
N VAL A 538 -50.25 4.77 -24.63
CA VAL A 538 -51.43 5.58 -24.88
C VAL A 538 -52.25 5.73 -23.60
N ARG A 539 -52.51 4.61 -22.94
CA ARG A 539 -53.25 4.60 -21.70
C ARG A 539 -52.58 5.51 -20.68
N GLU A 540 -51.30 5.26 -20.40
CA GLU A 540 -50.54 6.06 -19.43
C GLU A 540 -50.41 7.53 -19.79
N PHE A 541 -50.56 7.86 -21.07
CA PHE A 541 -50.47 9.26 -21.50
C PHE A 541 -51.86 9.89 -21.42
N ASN A 542 -52.80 9.11 -20.92
CA ASN A 542 -54.19 9.52 -20.76
C ASN A 542 -54.77 9.93 -22.11
N GLY A 543 -54.51 9.11 -23.11
CA GLY A 543 -55.02 9.39 -24.44
C GLY A 543 -54.36 10.52 -25.20
N LYS A 544 -53.44 11.27 -24.57
CA LYS A 544 -52.75 12.38 -25.25
C LYS A 544 -51.63 11.78 -26.11
N TRP A 545 -52.00 11.43 -27.34
CA TRP A 545 -51.09 10.75 -28.25
C TRP A 545 -51.37 10.97 -29.74
N ASP A 546 -50.32 11.24 -30.51
CA ASP A 546 -50.44 11.39 -31.96
C ASP A 546 -49.18 10.89 -32.67
N ARG A 547 -49.17 10.97 -33.99
CA ARG A 547 -48.03 10.51 -34.80
C ARG A 547 -46.68 11.17 -34.54
N LYS A 548 -46.69 12.39 -34.01
CA LYS A 548 -45.43 13.10 -33.71
C LYS A 548 -44.62 12.40 -32.60
N MET A 549 -45.28 11.51 -31.87
CA MET A 549 -44.62 10.75 -30.82
C MET A 549 -43.61 9.80 -31.49
N ASP A 550 -43.90 9.45 -32.74
CA ASP A 550 -43.04 8.56 -33.53
C ASP A 550 -42.14 9.29 -34.52
N TYR A 551 -41.84 10.55 -34.24
CA TYR A 551 -41.00 11.34 -35.13
C TYR A 551 -39.58 11.38 -34.57
N PRO A 552 -38.57 11.44 -35.46
CA PRO A 552 -37.15 11.51 -35.06
C PRO A 552 -36.90 12.94 -34.57
N PRO A 553 -35.75 13.18 -33.92
CA PRO A 553 -35.52 14.54 -33.45
C PRO A 553 -35.48 15.56 -34.59
N LYS A 554 -35.99 16.75 -34.28
CA LYS A 554 -36.09 17.87 -35.20
C LYS A 554 -34.80 18.17 -35.97
N ARG A 555 -33.66 18.03 -35.31
CA ARG A 555 -32.36 18.32 -35.92
C ARG A 555 -32.10 17.61 -37.25
N TRP A 556 -32.57 16.38 -37.38
CA TRP A 556 -32.35 15.63 -38.62
C TRP A 556 -33.15 16.16 -39.81
N PHE A 557 -34.16 16.99 -39.53
CA PHE A 557 -35.00 17.58 -40.57
C PHE A 557 -34.56 19.01 -40.85
N THR A 558 -34.05 19.64 -39.80
CA THR A 558 -33.65 21.04 -39.79
C THR A 558 -32.23 21.40 -40.20
N GLU A 559 -31.30 20.46 -40.05
CA GLU A 559 -29.90 20.71 -40.42
C GLU A 559 -29.43 19.49 -41.17
N GLY A 560 -28.23 19.57 -41.71
CA GLY A 560 -27.72 18.43 -42.45
C GLY A 560 -26.30 18.10 -42.06
N LEU A 561 -25.71 17.13 -42.74
CA LEU A 561 -24.34 16.75 -42.44
C LEU A 561 -23.44 17.97 -42.65
N LYS A 562 -22.39 18.06 -41.84
CA LYS A 562 -21.49 19.20 -41.93
C LYS A 562 -20.23 18.96 -42.77
N SER A 563 -20.10 17.77 -43.37
CA SER A 563 -18.92 17.44 -44.16
C SER A 563 -19.17 16.22 -45.05
N GLY A 564 -18.19 15.89 -45.89
CA GLY A 564 -18.29 14.73 -46.78
C GLY A 564 -19.12 14.98 -48.01
N PRO A 565 -19.23 13.99 -48.93
CA PRO A 565 -20.01 14.13 -50.16
C PRO A 565 -21.50 14.30 -49.95
N HIS A 566 -21.95 14.16 -48.70
CA HIS A 566 -23.36 14.31 -48.38
C HIS A 566 -23.64 15.57 -47.57
N LYS A 567 -22.62 16.42 -47.46
CA LYS A 567 -22.71 17.67 -46.74
C LYS A 567 -23.99 18.42 -47.09
N GLY A 568 -24.75 18.79 -46.06
CA GLY A 568 -25.98 19.53 -46.25
C GLY A 568 -27.26 18.74 -46.36
N GLU A 569 -27.15 17.43 -46.58
CA GLU A 569 -28.33 16.58 -46.72
C GLU A 569 -28.97 16.25 -45.38
N HIS A 570 -30.29 16.15 -45.38
CA HIS A 570 -31.04 15.86 -44.15
C HIS A 570 -32.28 15.07 -44.54
N LEU A 571 -33.14 14.78 -43.57
CA LEU A 571 -34.36 14.06 -43.85
C LEU A 571 -35.47 15.01 -44.31
N ASP A 572 -36.45 14.46 -45.00
CA ASP A 572 -37.57 15.22 -45.49
C ASP A 572 -38.82 14.86 -44.69
N GLU A 573 -39.44 15.86 -44.07
CA GLU A 573 -40.62 15.68 -43.23
C GLU A 573 -41.81 15.03 -43.89
N LYS A 574 -42.07 15.42 -45.15
CA LYS A 574 -43.19 14.86 -45.89
C LYS A 574 -42.98 13.40 -46.25
N LYS A 575 -41.80 13.09 -46.78
CA LYS A 575 -41.49 11.72 -47.16
C LYS A 575 -41.40 10.85 -45.91
N TYR A 576 -40.89 11.40 -44.81
CA TYR A 576 -40.83 10.67 -43.55
C TYR A 576 -42.27 10.39 -43.06
N ASP A 577 -43.14 11.41 -43.12
CA ASP A 577 -44.53 11.24 -42.69
C ASP A 577 -45.25 10.14 -43.46
N GLU A 578 -44.97 10.07 -44.76
CA GLU A 578 -45.57 9.02 -45.61
C GLU A 578 -45.04 7.67 -45.21
N LEU A 579 -43.73 7.60 -44.94
CA LEU A 579 -43.10 6.36 -44.54
C LEU A 579 -43.71 5.86 -43.22
N LEU A 580 -43.98 6.79 -42.32
CA LEU A 580 -44.57 6.51 -41.01
C LEU A 580 -46.01 5.97 -41.20
N SER A 581 -46.75 6.55 -42.15
CA SER A 581 -48.10 6.06 -42.41
C SER A 581 -48.05 4.62 -42.93
N GLU A 582 -47.00 4.29 -43.68
CA GLU A 582 -46.82 2.94 -44.20
C GLU A 582 -46.56 1.97 -43.05
N TYR A 583 -45.77 2.44 -42.08
CA TYR A 583 -45.47 1.67 -40.89
C TYR A 583 -46.80 1.41 -40.18
N TYR A 584 -47.62 2.46 -40.02
CA TYR A 584 -48.92 2.28 -39.37
C TYR A 584 -49.81 1.30 -40.14
N ARG A 585 -49.85 1.43 -41.46
CA ARG A 585 -50.66 0.53 -42.29
C ARG A 585 -50.25 -0.94 -42.05
N ILE A 586 -48.95 -1.21 -42.06
CA ILE A 586 -48.45 -2.56 -41.85
C ILE A 586 -48.80 -3.11 -40.45
N ARG A 587 -48.72 -2.25 -39.44
CA ARG A 587 -49.04 -2.67 -38.07
C ARG A 587 -50.52 -2.67 -37.75
N GLY A 588 -51.33 -2.02 -38.60
CA GLY A 588 -52.75 -1.95 -38.33
C GLY A 588 -53.05 -0.88 -37.28
N TRP A 589 -52.35 0.23 -37.37
CA TRP A 589 -52.52 1.33 -36.43
C TRP A 589 -53.13 2.57 -37.08
N ASP A 590 -53.82 3.37 -36.26
CA ASP A 590 -54.46 4.65 -36.62
C ASP A 590 -53.39 5.51 -37.22
N GLU A 591 -53.76 6.70 -37.66
CA GLU A 591 -52.81 7.66 -38.18
C GLU A 591 -52.28 8.50 -37.03
N ARG A 592 -52.63 8.06 -35.81
CA ARG A 592 -52.16 8.70 -34.59
C ARG A 592 -51.11 7.78 -33.94
N GLY A 593 -51.05 6.53 -34.37
CA GLY A 593 -50.08 5.60 -33.84
C GLY A 593 -50.65 4.72 -32.78
N ILE A 594 -51.98 4.64 -32.77
CA ILE A 594 -52.73 3.86 -31.80
C ILE A 594 -53.30 2.64 -32.49
N PRO A 595 -53.22 1.44 -31.87
CA PRO A 595 -53.79 0.25 -32.53
C PRO A 595 -55.31 0.37 -32.79
N LYS A 596 -55.76 -0.24 -33.88
CA LYS A 596 -57.18 -0.23 -34.25
C LYS A 596 -57.91 -1.37 -33.54
N LYS A 597 -59.19 -1.15 -33.25
CA LYS A 597 -59.99 -2.18 -32.59
C LYS A 597 -59.86 -3.53 -33.28
N GLU A 598 -59.82 -3.53 -34.61
CA GLU A 598 -59.69 -4.78 -35.35
C GLU A 598 -58.33 -5.46 -35.14
N THR A 599 -57.26 -4.66 -35.08
CA THR A 599 -55.92 -5.17 -34.85
C THR A 599 -55.78 -5.77 -33.45
N LEU A 600 -56.34 -5.09 -32.46
CA LEU A 600 -56.30 -5.57 -31.08
C LEU A 600 -57.01 -6.90 -30.94
N LYS A 601 -58.17 -7.03 -31.60
CA LYS A 601 -58.95 -8.28 -31.55
C LYS A 601 -58.16 -9.39 -32.24
N GLU A 602 -57.48 -9.01 -33.32
CA GLU A 602 -56.64 -9.91 -34.13
C GLU A 602 -55.46 -10.51 -33.33
N LEU A 603 -54.84 -9.68 -32.50
CA LEU A 603 -53.70 -10.08 -31.68
C LEU A 603 -54.11 -10.65 -30.32
N ASP A 604 -55.41 -10.86 -30.10
CA ASP A 604 -55.94 -11.39 -28.85
C ASP A 604 -55.75 -10.41 -27.71
N LEU A 605 -55.93 -9.13 -28.04
CA LEU A 605 -55.78 -8.03 -27.08
C LEU A 605 -57.10 -7.26 -26.88
N ASP A 606 -58.21 -7.98 -26.85
CA ASP A 606 -59.53 -7.40 -26.66
C ASP A 606 -59.61 -6.62 -25.34
N PHE A 607 -59.04 -7.18 -24.27
CA PHE A 607 -59.05 -6.53 -22.97
C PHE A 607 -58.52 -5.09 -22.94
N VAL A 608 -57.75 -4.70 -23.96
CA VAL A 608 -57.22 -3.32 -23.96
C VAL A 608 -58.23 -2.28 -24.50
N ILE A 609 -59.14 -2.76 -25.36
CA ILE A 609 -60.15 -1.89 -25.98
C ILE A 609 -60.91 -1.01 -24.97
N PRO A 610 -61.60 -1.62 -23.98
CA PRO A 610 -62.35 -0.83 -22.99
C PRO A 610 -61.49 0.26 -22.33
N GLU A 611 -60.25 -0.12 -22.00
CA GLU A 611 -59.31 0.75 -21.34
C GLU A 611 -58.86 1.96 -22.16
N LEU A 612 -58.60 1.74 -23.44
CA LEU A 612 -58.21 2.84 -24.32
C LEU A 612 -59.41 3.71 -24.65
N GLU A 613 -60.58 3.09 -24.79
CA GLU A 613 -61.81 3.84 -25.10
C GLU A 613 -62.13 4.83 -24.00
N LYS A 614 -61.74 4.48 -22.77
CA LYS A 614 -61.99 5.37 -21.62
C LYS A 614 -61.12 6.63 -21.68
N VAL A 615 -60.07 6.58 -22.50
CA VAL A 615 -59.12 7.68 -22.57
C VAL A 615 -59.04 8.45 -23.91
N THR A 616 -59.43 7.80 -25.00
CA THR A 616 -59.43 8.41 -26.33
C THR A 616 -60.42 7.66 -27.24
N ASN A 617 -60.55 8.13 -28.47
CA ASN A 617 -61.45 7.50 -29.45
C ASN A 617 -60.66 6.51 -30.28
N LEU A 618 -61.12 5.27 -30.36
CA LEU A 618 -60.38 4.29 -31.16
C LEU A 618 -60.95 4.19 -32.57
N GLU A 619 -60.20 3.51 -33.45
CA GLU A 619 -60.63 3.27 -34.82
C GLU A 619 -60.59 1.78 -35.09
N MET B 1 39.16 31.80 -27.76
CA MET B 1 38.29 30.76 -28.37
C MET B 1 36.86 30.96 -27.86
N TYR B 2 35.90 30.96 -28.78
CA TYR B 2 34.49 31.11 -28.41
C TYR B 2 33.77 29.78 -28.71
N GLY B 3 32.60 29.58 -28.11
CA GLY B 3 31.85 28.36 -28.35
C GLY B 3 32.44 27.14 -27.65
N TRP B 4 33.56 26.66 -28.19
CA TRP B 4 34.26 25.52 -27.60
C TRP B 4 35.01 26.00 -26.37
N TRP B 5 35.20 25.11 -25.40
CA TRP B 5 35.97 25.44 -24.20
C TRP B 5 37.42 25.05 -24.45
N GLY B 6 37.64 24.08 -25.33
CA GLY B 6 38.99 23.59 -25.59
C GLY B 6 39.41 22.72 -24.40
N ARG B 7 38.41 22.29 -23.62
CA ARG B 7 38.62 21.49 -22.42
C ARG B 7 37.85 20.17 -22.43
N ILE B 8 38.55 19.10 -22.03
CA ILE B 8 37.96 17.77 -21.95
C ILE B 8 38.22 17.23 -20.54
N LEU B 9 37.17 16.83 -19.84
CA LEU B 9 37.31 16.28 -18.49
C LEU B 9 37.78 14.83 -18.57
N ARG B 10 38.84 14.49 -17.85
CA ARG B 10 39.38 13.12 -17.86
C ARG B 10 39.25 12.46 -16.50
N VAL B 11 38.61 11.30 -16.46
CA VAL B 11 38.45 10.55 -15.22
C VAL B 11 39.04 9.15 -15.41
N ASN B 12 39.97 8.79 -14.53
CA ASN B 12 40.60 7.48 -14.54
C ASN B 12 40.08 6.76 -13.32
N LEU B 13 39.20 5.78 -13.55
CA LEU B 13 38.59 5.00 -12.47
C LEU B 13 39.55 4.05 -11.77
N THR B 14 40.58 3.62 -12.48
CA THR B 14 41.58 2.72 -11.92
C THR B 14 42.45 3.44 -10.85
N THR B 15 42.98 4.60 -11.21
CA THR B 15 43.83 5.40 -10.31
C THR B 15 43.05 6.43 -9.47
N GLY B 16 41.82 6.74 -9.88
CA GLY B 16 41.03 7.72 -9.17
C GLY B 16 41.45 9.13 -9.56
N GLU B 17 42.35 9.24 -10.53
CA GLU B 17 42.82 10.55 -10.96
C GLU B 17 41.83 11.28 -11.85
N VAL B 18 41.60 12.55 -11.54
CA VAL B 18 40.71 13.42 -12.32
C VAL B 18 41.53 14.63 -12.76
N LYS B 19 41.52 14.93 -14.06
CA LYS B 19 42.26 16.06 -14.63
C LYS B 19 41.50 16.63 -15.82
N VAL B 20 41.92 17.80 -16.29
CA VAL B 20 41.31 18.45 -17.45
C VAL B 20 42.33 18.57 -18.54
N GLN B 21 42.03 18.00 -19.69
CA GLN B 21 42.89 18.04 -20.84
C GLN B 21 42.51 19.25 -21.69
N GLU B 22 43.50 19.98 -22.17
CA GLU B 22 43.21 21.11 -23.05
C GLU B 22 43.58 20.66 -24.45
N TYR B 23 42.70 20.87 -25.41
CA TYR B 23 43.03 20.48 -26.76
C TYR B 23 43.01 21.76 -27.60
N PRO B 24 43.84 21.81 -28.64
CA PRO B 24 43.94 22.99 -29.51
C PRO B 24 42.69 23.41 -30.24
N GLU B 25 42.54 24.72 -30.45
CA GLU B 25 41.39 25.24 -31.18
C GLU B 25 41.37 24.65 -32.60
N GLU B 26 42.54 24.24 -33.10
CA GLU B 26 42.64 23.65 -34.43
C GLU B 26 41.88 22.33 -34.50
N VAL B 27 42.02 21.52 -33.46
CA VAL B 27 41.34 20.23 -33.36
C VAL B 27 39.84 20.46 -33.25
N ALA B 28 39.43 21.42 -32.44
CA ALA B 28 38.03 21.77 -32.27
C ALA B 28 37.38 22.25 -33.56
N LYS B 29 38.12 23.03 -34.37
CA LYS B 29 37.60 23.55 -35.64
C LYS B 29 37.50 22.47 -36.69
N LYS B 30 38.49 21.58 -36.66
CA LYS B 30 38.62 20.46 -37.57
C LYS B 30 37.61 19.32 -37.34
N PHE B 31 37.28 19.05 -36.09
CA PHE B 31 36.36 17.95 -35.76
C PHE B 31 35.01 18.42 -35.22
N ILE B 32 34.97 19.70 -34.85
CA ILE B 32 33.76 20.35 -34.34
C ILE B 32 33.22 19.88 -33.00
N GLY B 33 32.99 18.59 -32.83
CA GLY B 33 32.47 18.09 -31.56
C GLY B 33 31.81 16.73 -31.70
N GLY B 34 31.12 16.31 -30.64
CA GLY B 34 30.42 15.02 -30.62
C GLY B 34 31.21 13.88 -31.22
N ARG B 35 30.63 13.24 -32.24
CA ARG B 35 31.25 12.13 -32.96
C ARG B 35 32.64 12.47 -33.53
N GLY B 36 32.79 13.69 -34.06
CA GLY B 36 34.09 14.10 -34.60
C GLY B 36 35.17 14.05 -33.53
N LEU B 37 34.91 14.74 -32.43
CA LEU B 37 35.83 14.77 -31.31
C LEU B 37 36.06 13.33 -30.79
N ALA B 38 34.99 12.53 -30.73
CA ALA B 38 35.10 11.15 -30.24
C ALA B 38 35.97 10.29 -31.13
N ALA B 39 35.83 10.45 -32.45
CA ALA B 39 36.62 9.69 -33.41
C ALA B 39 38.11 10.06 -33.25
N TRP B 40 38.37 11.35 -33.04
CA TRP B 40 39.75 11.81 -32.85
C TRP B 40 40.35 11.16 -31.59
N ILE B 41 39.57 11.15 -30.50
CA ILE B 41 40.01 10.55 -29.24
C ILE B 41 40.25 9.06 -29.33
N LEU B 42 39.27 8.32 -29.87
CA LEU B 42 39.39 6.86 -29.99
C LEU B 42 40.53 6.44 -30.92
N TRP B 43 40.73 7.20 -32.00
CA TRP B 43 41.82 6.86 -32.93
C TRP B 43 43.14 6.91 -32.15
N ASN B 44 43.31 7.98 -31.38
CA ASN B 44 44.52 8.18 -30.60
C ASN B 44 44.67 7.39 -29.31
N GLU B 45 43.56 7.14 -28.62
CA GLU B 45 43.63 6.46 -27.33
C GLU B 45 43.05 5.08 -27.18
N ALA B 46 42.50 4.51 -28.26
CA ALA B 46 41.98 3.16 -28.15
C ALA B 46 42.50 2.24 -29.26
N ARG B 47 43.83 2.21 -29.44
CA ARG B 47 44.46 1.37 -30.45
C ARG B 47 44.66 -0.01 -29.91
N GLY B 48 44.03 -0.98 -30.56
CA GLY B 48 44.13 -2.38 -30.20
C GLY B 48 43.59 -2.80 -28.85
N VAL B 49 42.73 -2.00 -28.24
CA VAL B 49 42.20 -2.37 -26.92
C VAL B 49 41.01 -3.32 -26.98
N GLU B 50 40.86 -4.13 -25.93
CA GLU B 50 39.72 -5.03 -25.78
C GLU B 50 38.57 -4.08 -25.36
N PRO B 51 37.43 -4.12 -26.07
CA PRO B 51 36.29 -3.25 -25.76
C PRO B 51 35.79 -3.26 -24.32
N LEU B 52 35.92 -4.39 -23.63
CA LEU B 52 35.46 -4.52 -22.25
C LEU B 52 36.59 -4.46 -21.20
N SER B 53 37.80 -4.17 -21.67
CA SER B 53 38.96 -4.03 -20.80
C SER B 53 39.03 -2.58 -20.29
N PRO B 54 39.75 -2.35 -19.17
CA PRO B 54 39.86 -1.01 -18.59
C PRO B 54 40.45 0.04 -19.55
N GLU B 55 41.19 -0.42 -20.57
CA GLU B 55 41.84 0.48 -21.52
C GLU B 55 40.90 1.14 -22.54
N ASN B 56 39.70 0.61 -22.70
CA ASN B 56 38.76 1.23 -23.62
C ASN B 56 38.38 2.59 -23.03
N LYS B 57 38.10 3.54 -23.92
CA LYS B 57 37.74 4.88 -23.50
C LYS B 57 36.25 5.12 -23.72
N LEU B 58 35.55 5.50 -22.65
CA LEU B 58 34.13 5.78 -22.71
C LEU B 58 34.04 7.29 -22.83
N ILE B 59 33.51 7.75 -23.96
CA ILE B 59 33.43 9.17 -24.24
C ILE B 59 32.03 9.77 -24.26
N PHE B 60 31.84 10.87 -23.53
CA PHE B 60 30.57 11.59 -23.55
C PHE B 60 30.95 12.91 -24.22
N ALA B 61 30.64 13.04 -25.50
CA ALA B 61 31.03 14.22 -26.23
C ALA B 61 29.93 15.13 -26.70
N ALA B 62 30.02 16.39 -26.26
CA ALA B 62 29.07 17.43 -26.65
C ALA B 62 29.73 18.24 -27.76
N GLY B 63 29.06 19.31 -28.18
CA GLY B 63 29.61 20.14 -29.23
C GLY B 63 29.25 21.58 -28.93
N PRO B 64 29.68 22.51 -29.80
CA PRO B 64 29.41 23.94 -29.61
C PRO B 64 27.95 24.37 -29.37
N PHE B 65 26.99 23.63 -29.90
CA PHE B 65 25.58 23.96 -29.74
C PHE B 65 25.05 23.64 -28.35
N ASN B 66 25.71 22.69 -27.70
CA ASN B 66 25.29 22.20 -26.39
C ASN B 66 25.59 23.12 -25.22
N GLY B 67 24.66 23.20 -24.29
CA GLY B 67 24.82 24.08 -23.14
C GLY B 67 24.23 25.47 -23.44
N LEU B 68 23.87 25.70 -24.70
CA LEU B 68 23.29 26.96 -25.16
C LEU B 68 21.85 26.74 -25.59
N PRO B 69 21.03 27.82 -25.62
CA PRO B 69 19.64 27.70 -26.04
C PRO B 69 19.53 27.64 -27.57
N THR B 70 19.89 26.49 -28.13
CA THR B 70 19.83 26.25 -29.56
C THR B 70 18.65 25.30 -29.83
N PRO B 71 17.98 25.43 -31.00
CA PRO B 71 16.83 24.61 -31.39
C PRO B 71 17.09 23.12 -31.28
N SER B 72 16.41 22.47 -30.34
CA SER B 72 16.59 21.02 -30.09
C SER B 72 18.08 20.69 -29.99
N GLY B 73 18.83 21.54 -29.30
CA GLY B 73 20.26 21.32 -29.17
C GLY B 73 20.67 20.67 -27.86
N GLY B 74 19.81 19.82 -27.32
CA GLY B 74 20.11 19.14 -26.06
C GLY B 74 20.60 17.70 -26.21
N LYS B 75 21.34 17.44 -27.29
CA LYS B 75 21.86 16.12 -27.58
C LYS B 75 23.27 15.88 -27.06
N LEU B 76 23.67 14.62 -27.02
CA LEU B 76 24.98 14.23 -26.51
C LEU B 76 25.36 12.91 -27.18
N VAL B 77 26.64 12.79 -27.50
CA VAL B 77 27.15 11.59 -28.13
C VAL B 77 27.92 10.75 -27.11
N VAL B 78 27.70 9.44 -27.12
CA VAL B 78 28.37 8.50 -26.24
C VAL B 78 29.12 7.59 -27.19
N ALA B 79 30.43 7.46 -27.00
CA ALA B 79 31.24 6.63 -27.90
C ALA B 79 32.30 5.81 -27.18
N ALA B 80 32.73 4.73 -27.82
CA ALA B 80 33.75 3.83 -27.29
C ALA B 80 34.01 2.76 -28.34
N LYS B 81 35.11 2.01 -28.22
CA LYS B 81 35.33 0.91 -29.17
C LYS B 81 34.18 -0.03 -28.79
N SER B 82 33.44 -0.51 -29.77
CA SER B 82 32.28 -1.35 -29.54
C SER B 82 32.48 -2.80 -29.16
N PRO B 83 31.87 -3.24 -28.03
CA PRO B 83 32.02 -4.64 -27.62
C PRO B 83 31.15 -5.54 -28.51
N LEU B 84 30.18 -4.94 -29.20
CA LEU B 84 29.30 -5.70 -30.08
C LEU B 84 29.92 -5.90 -31.47
N THR B 85 30.51 -4.85 -32.02
CA THR B 85 31.09 -4.88 -33.37
C THR B 85 32.60 -4.95 -33.48
N GLY B 86 33.30 -4.50 -32.45
CA GLY B 86 34.76 -4.47 -32.49
C GLY B 86 35.33 -3.26 -33.24
N GLY B 87 34.45 -2.39 -33.72
CA GLY B 87 34.89 -1.21 -34.45
C GLY B 87 34.53 0.06 -33.71
N TYR B 88 34.47 1.18 -34.42
CA TYR B 88 34.11 2.45 -33.80
C TYR B 88 32.62 2.36 -33.52
N GLY B 89 32.23 2.70 -32.29
CA GLY B 89 30.83 2.66 -31.95
C GLY B 89 30.39 3.91 -31.23
N ASP B 90 29.20 4.40 -31.59
CA ASP B 90 28.64 5.55 -30.89
C ASP B 90 27.12 5.58 -30.97
N GLY B 91 26.55 6.53 -30.25
CA GLY B 91 25.12 6.71 -30.17
C GLY B 91 24.86 8.10 -29.68
N ASN B 92 23.60 8.50 -29.68
CA ASN B 92 23.22 9.85 -29.31
C ASN B 92 21.97 9.80 -28.44
N LEU B 93 21.86 10.75 -27.51
CA LEU B 93 20.67 10.86 -26.68
C LEU B 93 20.49 12.31 -26.28
N GLY B 94 19.23 12.69 -26.09
CA GLY B 94 18.89 14.01 -25.61
C GLY B 94 18.89 13.83 -24.11
N THR B 95 19.51 14.76 -23.39
CA THR B 95 19.59 14.66 -21.94
C THR B 95 20.07 15.97 -21.33
N MET B 96 19.58 16.29 -20.14
CA MET B 96 20.03 17.50 -19.46
C MET B 96 21.53 17.42 -19.13
N ALA B 97 22.10 16.21 -19.20
CA ALA B 97 23.52 16.02 -18.96
C ALA B 97 24.33 16.75 -20.03
N SER B 98 23.76 16.87 -21.23
CA SER B 98 24.39 17.58 -22.35
C SER B 98 24.53 19.09 -22.01
N VAL B 99 23.44 19.67 -21.51
CA VAL B 99 23.38 21.08 -21.11
C VAL B 99 24.36 21.34 -19.96
N HIS B 100 24.29 20.49 -18.94
CA HIS B 100 25.14 20.62 -17.76
C HIS B 100 26.64 20.35 -17.97
N LEU B 101 26.99 19.41 -18.83
CA LEU B 101 28.40 19.11 -19.06
C LEU B 101 29.08 20.34 -19.65
N ARG B 102 28.41 20.97 -20.60
CA ARG B 102 28.94 22.16 -21.24
C ARG B 102 28.92 23.38 -20.32
N ARG B 103 27.85 23.53 -19.54
CA ARG B 103 27.78 24.66 -18.61
C ARG B 103 28.73 24.50 -17.42
N ALA B 104 29.25 23.30 -17.23
CA ALA B 104 30.21 23.02 -16.16
C ALA B 104 31.63 23.37 -16.62
N GLY B 105 31.79 23.66 -17.91
CA GLY B 105 33.08 24.02 -18.45
C GLY B 105 33.81 22.99 -19.27
N TYR B 106 33.08 22.02 -19.82
CA TYR B 106 33.74 20.97 -20.59
C TYR B 106 33.04 20.70 -21.93
N ASP B 107 33.82 20.31 -22.92
CA ASP B 107 33.28 19.97 -24.23
C ASP B 107 32.95 18.48 -24.24
N ALA B 108 33.66 17.72 -23.42
CA ALA B 108 33.46 16.29 -23.35
C ALA B 108 33.99 15.73 -22.03
N LEU B 109 33.63 14.47 -21.76
CA LEU B 109 34.07 13.74 -20.57
C LEU B 109 34.59 12.39 -21.07
N VAL B 110 35.81 12.04 -20.69
CA VAL B 110 36.39 10.79 -21.10
C VAL B 110 36.72 9.96 -19.86
N VAL B 111 36.13 8.78 -19.79
CA VAL B 111 36.34 7.87 -18.69
C VAL B 111 37.21 6.71 -19.15
N GLU B 112 38.28 6.44 -18.41
CA GLU B 112 39.18 5.33 -18.73
C GLU B 112 39.32 4.48 -17.48
N GLY B 113 39.92 3.30 -17.64
CA GLY B 113 40.13 2.42 -16.51
C GLY B 113 38.90 1.70 -16.00
N LYS B 114 38.98 1.22 -14.77
CA LYS B 114 37.91 0.47 -14.14
C LYS B 114 37.94 0.65 -12.63
N ALA B 115 36.79 0.96 -12.06
CA ALA B 115 36.69 1.16 -10.62
C ALA B 115 36.80 -0.19 -9.93
N LYS B 116 37.15 -0.16 -8.65
CA LYS B 116 37.29 -1.37 -7.83
C LYS B 116 35.92 -1.83 -7.33
N LYS B 117 34.95 -0.95 -7.42
CA LYS B 117 33.60 -1.25 -6.96
C LYS B 117 32.66 -0.33 -7.71
N PRO B 118 31.34 -0.55 -7.61
CA PRO B 118 30.39 0.32 -8.31
C PRO B 118 30.56 1.77 -7.85
N VAL B 119 30.65 2.69 -8.81
CA VAL B 119 30.82 4.11 -8.50
C VAL B 119 30.05 4.94 -9.49
N TYR B 120 29.87 6.21 -9.17
CA TYR B 120 29.27 7.15 -10.11
C TYR B 120 30.15 8.40 -10.12
N ILE B 121 30.17 9.08 -11.25
CA ILE B 121 30.95 10.30 -11.40
C ILE B 121 30.04 11.49 -11.12
N TYR B 122 30.49 12.35 -10.22
CA TYR B 122 29.75 13.56 -9.85
C TYR B 122 30.49 14.78 -10.41
N ILE B 123 29.76 15.62 -11.14
CA ILE B 123 30.34 16.81 -11.73
C ILE B 123 29.48 18.04 -11.44
N GLU B 124 30.06 19.00 -10.73
CA GLU B 124 29.37 20.26 -10.46
C GLU B 124 30.45 21.30 -10.75
N ASP B 125 30.37 21.87 -11.94
CA ASP B 125 31.36 22.85 -12.40
C ASP B 125 32.75 22.28 -12.29
N ASP B 126 33.62 22.91 -11.48
CA ASP B 126 34.99 22.43 -11.31
C ASP B 126 35.19 21.33 -10.28
N ASN B 127 34.14 21.06 -9.50
CA ASN B 127 34.15 20.02 -8.47
C ASN B 127 33.75 18.68 -9.13
N VAL B 128 34.72 17.79 -9.30
CA VAL B 128 34.48 16.48 -9.90
C VAL B 128 34.96 15.39 -8.94
N SER B 129 34.11 14.40 -8.65
CA SER B 129 34.49 13.30 -7.75
C SER B 129 33.99 11.96 -8.22
N ILE B 130 34.69 10.90 -7.80
CA ILE B 130 34.29 9.55 -8.11
C ILE B 130 33.69 9.07 -6.78
N LEU B 131 32.38 8.81 -6.76
CA LEU B 131 31.68 8.40 -5.53
C LEU B 131 31.18 6.97 -5.55
N SER B 132 31.06 6.39 -4.36
CA SER B 132 30.56 5.01 -4.26
C SER B 132 29.11 4.91 -4.72
N ALA B 133 28.83 3.90 -5.54
CA ALA B 133 27.47 3.62 -6.02
C ALA B 133 27.08 2.19 -5.59
N GLU B 134 27.67 1.71 -4.48
CA GLU B 134 27.40 0.36 -3.97
C GLU B 134 25.92 0.14 -3.73
N GLY B 135 25.24 1.18 -3.26
CA GLY B 135 23.81 1.06 -3.01
C GLY B 135 22.95 1.06 -4.26
N LEU B 136 23.44 1.64 -5.35
CA LEU B 136 22.68 1.73 -6.59
C LEU B 136 22.80 0.54 -7.51
N TRP B 137 23.94 -0.12 -7.49
CA TRP B 137 24.20 -1.25 -8.38
C TRP B 137 23.11 -2.32 -8.32
N GLY B 138 22.51 -2.58 -9.47
CA GLY B 138 21.47 -3.58 -9.54
C GLY B 138 20.11 -2.95 -9.76
N LYS B 139 19.98 -1.66 -9.44
CA LYS B 139 18.71 -0.95 -9.63
C LYS B 139 18.47 -0.54 -11.09
N THR B 140 17.20 -0.39 -11.46
CA THR B 140 16.86 0.01 -12.82
C THR B 140 17.39 1.42 -13.12
N THR B 141 17.39 1.78 -14.39
CA THR B 141 17.84 3.10 -14.80
C THR B 141 16.92 4.15 -14.17
N PHE B 142 15.62 3.91 -14.23
CA PHE B 142 14.61 4.83 -13.68
C PHE B 142 14.85 5.09 -12.19
N GLU B 143 15.01 4.01 -11.44
CA GLU B 143 15.21 4.08 -9.99
C GLU B 143 16.54 4.73 -9.62
N THR B 144 17.58 4.47 -10.42
CA THR B 144 18.90 5.04 -10.18
C THR B 144 18.86 6.55 -10.31
N GLU B 145 18.26 7.06 -11.40
CA GLU B 145 18.15 8.50 -11.61
C GLU B 145 17.24 9.13 -10.55
N ARG B 146 16.14 8.46 -10.22
CA ARG B 146 15.21 8.98 -9.23
C ARG B 146 15.91 9.20 -7.87
N GLU B 147 16.67 8.18 -7.45
CA GLU B 147 17.39 8.21 -6.18
C GLU B 147 18.50 9.25 -6.13
N LEU B 148 19.23 9.38 -7.25
CA LEU B 148 20.30 10.36 -7.30
C LEU B 148 19.73 11.78 -7.22
N LYS B 149 18.55 12.00 -7.82
CA LYS B 149 17.91 13.30 -7.77
C LYS B 149 17.31 13.55 -6.38
N GLU B 150 16.92 12.49 -5.69
CA GLU B 150 16.37 12.64 -4.35
C GLU B 150 17.48 13.10 -3.39
N ILE B 151 18.73 12.88 -3.78
CA ILE B 151 19.86 13.32 -2.97
C ILE B 151 20.36 14.71 -3.39
N HIS B 152 20.77 14.81 -4.66
CA HIS B 152 21.38 16.03 -5.20
C HIS B 152 20.47 17.11 -5.72
N GLY B 153 19.18 16.80 -5.87
CA GLY B 153 18.24 17.78 -6.37
C GLY B 153 17.83 17.51 -7.80
N LYS B 154 16.71 18.11 -8.21
CA LYS B 154 16.15 17.94 -9.56
C LYS B 154 17.01 18.55 -10.67
N ASN B 155 17.71 19.63 -10.32
CA ASN B 155 18.54 20.35 -11.28
C ASN B 155 19.87 19.77 -11.70
N VAL B 156 19.87 18.50 -12.10
CA VAL B 156 21.08 17.82 -12.55
C VAL B 156 20.74 16.94 -13.75
N GLY B 157 21.75 16.68 -14.58
CA GLY B 157 21.59 15.80 -15.72
C GLY B 157 22.19 14.46 -15.28
N VAL B 158 21.46 13.36 -15.48
CA VAL B 158 21.92 12.04 -15.04
C VAL B 158 21.94 11.02 -16.18
N LEU B 159 23.05 10.28 -16.28
CA LEU B 159 23.19 9.22 -17.27
C LEU B 159 23.37 7.94 -16.45
N THR B 160 22.64 6.88 -16.80
CA THR B 160 22.79 5.65 -16.03
C THR B 160 22.81 4.42 -16.93
N ILE B 161 23.10 3.28 -16.32
CA ILE B 161 23.03 1.98 -16.99
C ILE B 161 22.10 1.18 -16.06
N GLY B 162 21.47 0.15 -16.61
CA GLY B 162 20.61 -0.70 -15.81
C GLY B 162 21.28 -2.07 -15.73
N PRO B 163 20.60 -3.10 -15.20
CA PRO B 163 21.20 -4.43 -15.12
C PRO B 163 21.78 -5.00 -16.45
N ALA B 164 21.24 -4.61 -17.61
CA ALA B 164 21.80 -5.12 -18.89
C ALA B 164 23.22 -4.59 -19.07
N GLY B 165 23.43 -3.33 -18.71
CA GLY B 165 24.76 -2.75 -18.79
C GLY B 165 25.68 -3.40 -17.76
N GLU B 166 25.18 -3.56 -16.54
CA GLU B 166 25.95 -4.17 -15.44
C GLU B 166 26.37 -5.58 -15.79
N ASN B 167 25.52 -6.27 -16.55
CA ASN B 167 25.76 -7.65 -16.95
C ASN B 167 26.46 -7.80 -18.30
N LEU B 168 26.88 -6.68 -18.86
CA LEU B 168 27.59 -6.65 -20.14
C LEU B 168 26.86 -7.23 -21.35
N VAL B 169 25.56 -6.96 -21.43
CA VAL B 169 24.77 -7.36 -22.59
C VAL B 169 25.41 -6.51 -23.71
N LYS B 170 25.80 -7.17 -24.82
CA LYS B 170 26.52 -6.49 -25.91
C LYS B 170 25.86 -5.26 -26.52
N TYR B 171 24.54 -5.17 -26.45
CA TYR B 171 23.81 -3.99 -26.95
C TYR B 171 23.19 -3.17 -25.81
N ALA B 172 23.83 -3.20 -24.65
CA ALA B 172 23.35 -2.42 -23.51
C ALA B 172 23.64 -0.97 -23.87
N VAL B 173 22.74 -0.07 -23.49
CA VAL B 173 22.89 1.35 -23.78
C VAL B 173 22.92 2.20 -22.50
N VAL B 174 23.09 3.51 -22.69
CA VAL B 174 23.06 4.48 -21.61
C VAL B 174 21.66 5.11 -21.66
N ILE B 175 21.02 5.27 -20.49
CA ILE B 175 19.67 5.83 -20.40
C ILE B 175 19.64 7.11 -19.59
N SER B 176 18.73 8.02 -19.98
CA SER B 176 18.55 9.26 -19.26
C SER B 176 17.08 9.61 -19.29
N GLN B 177 16.58 10.16 -18.17
CA GLN B 177 15.21 10.64 -18.06
C GLN B 177 14.14 9.66 -18.51
N GLU B 178 14.27 8.39 -18.09
CA GLU B 178 13.32 7.33 -18.42
C GLU B 178 12.85 7.35 -19.88
N GLY B 179 13.73 7.03 -20.82
CA GLY B 179 13.29 7.03 -22.18
C GLY B 179 14.32 7.46 -23.17
N ARG B 180 15.23 8.36 -22.80
CA ARG B 180 16.25 8.80 -23.75
C ARG B 180 17.37 7.77 -23.71
N ALA B 181 17.80 7.30 -24.89
CA ALA B 181 18.82 6.27 -24.95
C ALA B 181 19.95 6.56 -25.92
N ALA B 182 21.14 6.07 -25.61
CA ALA B 182 22.29 6.23 -26.50
C ALA B 182 23.27 5.07 -26.50
N GLY B 183 23.81 4.75 -27.68
CA GLY B 183 24.83 3.74 -27.78
C GLY B 183 24.50 2.29 -28.08
N ARG B 184 23.71 2.07 -29.14
CA ARG B 184 23.33 0.72 -29.57
C ARG B 184 24.50 -0.26 -29.64
N PRO B 185 25.70 0.18 -30.13
CA PRO B 185 26.82 -0.77 -30.22
C PRO B 185 27.44 -1.18 -28.89
N GLY B 186 26.67 -1.06 -27.79
CA GLY B 186 27.17 -1.48 -26.49
C GLY B 186 27.86 -0.49 -25.59
N MET B 187 27.51 0.78 -25.70
CA MET B 187 28.10 1.82 -24.86
C MET B 187 27.77 1.55 -23.40
N GLY B 188 26.58 0.99 -23.17
CA GLY B 188 26.15 0.66 -21.82
C GLY B 188 26.98 -0.47 -21.23
N ALA B 189 27.45 -1.39 -22.08
CA ALA B 189 28.27 -2.51 -21.65
C ALA B 189 29.67 -2.00 -21.35
N VAL B 190 30.14 -1.00 -22.09
CA VAL B 190 31.45 -0.45 -21.81
C VAL B 190 31.37 0.28 -20.47
N MET B 191 30.27 1.00 -20.26
CA MET B 191 30.07 1.69 -19.00
C MET B 191 30.05 0.67 -17.84
N GLY B 192 29.32 -0.43 -18.03
CA GLY B 192 29.26 -1.49 -17.03
C GLY B 192 30.59 -2.16 -16.75
N SER B 193 31.42 -2.33 -17.79
CA SER B 193 32.72 -2.98 -17.65
C SER B 193 33.67 -2.18 -16.77
N LYS B 194 33.37 -0.91 -16.58
CA LYS B 194 34.20 -0.05 -15.74
C LYS B 194 33.61 0.08 -14.34
N LYS B 195 32.50 -0.61 -14.09
CA LYS B 195 31.77 -0.51 -12.82
C LYS B 195 31.28 0.91 -12.59
N LEU B 196 30.98 1.60 -13.70
CA LEU B 196 30.46 2.97 -13.69
C LEU B 196 28.94 2.88 -13.82
N LYS B 197 28.24 3.16 -12.72
CA LYS B 197 26.79 3.06 -12.66
C LYS B 197 26.05 4.27 -13.19
N ALA B 198 26.62 5.45 -12.99
CA ALA B 198 25.96 6.67 -13.42
C ALA B 198 26.90 7.86 -13.47
N VAL B 199 26.41 8.94 -14.07
CA VAL B 199 27.13 10.20 -14.17
C VAL B 199 26.10 11.28 -13.86
N VAL B 200 26.40 12.08 -12.83
CA VAL B 200 25.54 13.18 -12.37
C VAL B 200 26.28 14.49 -12.66
N ILE B 201 25.65 15.36 -13.42
CA ILE B 201 26.28 16.60 -13.85
C ILE B 201 25.47 17.85 -13.61
N ARG B 202 26.12 18.91 -13.13
CA ARG B 202 25.47 20.19 -12.94
C ARG B 202 26.47 21.25 -13.39
N GLY B 203 25.96 22.22 -14.15
CA GLY B 203 26.79 23.30 -14.65
C GLY B 203 26.12 24.66 -14.49
N THR B 204 26.92 25.68 -14.19
CA THR B 204 26.37 27.02 -13.99
C THR B 204 27.11 28.13 -14.75
N LYS B 205 28.23 27.80 -15.38
CA LYS B 205 29.03 28.79 -16.10
C LYS B 205 28.42 29.38 -17.37
N GLU B 206 28.86 30.57 -17.75
CA GLU B 206 28.37 31.20 -18.98
C GLU B 206 29.35 30.76 -20.05
N ILE B 207 28.84 30.13 -21.08
CA ILE B 207 29.69 29.67 -22.17
C ILE B 207 29.91 30.89 -23.07
N PRO B 208 31.18 31.26 -23.33
CA PRO B 208 31.55 32.40 -24.19
C PRO B 208 31.04 32.24 -25.62
N VAL B 209 30.19 33.18 -26.03
CA VAL B 209 29.57 33.19 -27.35
C VAL B 209 30.10 34.37 -28.15
N ALA B 210 30.51 34.11 -29.40
CA ALA B 210 31.04 35.17 -30.25
C ALA B 210 30.03 36.28 -30.57
N ASP B 211 28.75 35.92 -30.74
CA ASP B 211 27.73 36.93 -31.06
C ASP B 211 26.42 36.57 -30.36
N LYS B 212 26.31 37.01 -29.11
CA LYS B 212 25.14 36.74 -28.28
C LYS B 212 23.81 37.11 -28.91
N GLU B 213 23.73 38.28 -29.53
CA GLU B 213 22.50 38.73 -30.15
C GLU B 213 22.09 37.95 -31.40
N GLU B 214 23.06 37.57 -32.24
CA GLU B 214 22.75 36.79 -33.45
C GLU B 214 22.24 35.42 -32.98
N LEU B 215 22.93 34.84 -32.01
CA LEU B 215 22.56 33.53 -31.46
C LEU B 215 21.10 33.54 -30.99
N LYS B 216 20.78 34.51 -30.14
CA LYS B 216 19.44 34.63 -29.59
C LYS B 216 18.41 34.87 -30.68
N LYS B 217 18.78 35.66 -31.68
CA LYS B 217 17.90 35.99 -32.81
C LYS B 217 17.62 34.79 -33.72
N LEU B 218 18.69 34.12 -34.16
CA LEU B 218 18.60 32.94 -35.03
C LEU B 218 17.78 31.85 -34.36
N SER B 219 18.00 31.66 -33.06
CA SER B 219 17.31 30.65 -32.28
C SER B 219 15.83 30.92 -32.19
N GLN B 220 15.46 32.18 -31.95
CA GLN B 220 14.05 32.54 -31.88
C GLN B 220 13.36 32.34 -33.25
N GLU B 221 14.06 32.65 -34.34
CA GLU B 221 13.53 32.48 -35.69
C GLU B 221 13.22 31.01 -35.95
N ALA B 222 14.21 30.16 -35.70
CA ALA B 222 14.10 28.72 -35.89
C ALA B 222 12.95 28.13 -35.08
N TYR B 223 12.84 28.52 -33.81
CA TYR B 223 11.75 28.03 -32.96
C TYR B 223 10.40 28.39 -33.55
N ASN B 224 10.27 29.63 -33.99
CA ASN B 224 9.02 30.10 -34.60
C ASN B 224 8.68 29.37 -35.87
N GLU B 225 9.70 29.14 -36.69
CA GLU B 225 9.52 28.43 -37.95
C GLU B 225 8.99 27.01 -37.69
N ILE B 226 9.53 26.36 -36.63
CA ILE B 226 9.08 25.03 -36.24
C ILE B 226 7.60 25.10 -35.83
N LEU B 227 7.27 25.99 -34.90
CA LEU B 227 5.89 26.18 -34.44
C LEU B 227 4.90 26.44 -35.56
N ASN B 228 5.36 27.10 -36.62
CA ASN B 228 4.49 27.45 -37.73
C ASN B 228 4.54 26.50 -38.94
N SER B 229 5.33 25.43 -38.86
CA SER B 229 5.43 24.48 -39.98
C SER B 229 4.12 23.71 -40.14
N PRO B 230 3.76 23.37 -41.39
CA PRO B 230 2.50 22.62 -41.55
C PRO B 230 2.51 21.23 -40.89
N GLY B 231 3.69 20.65 -40.71
CA GLY B 231 3.79 19.33 -40.11
C GLY B 231 3.74 19.29 -38.58
N TYR B 232 3.92 20.44 -37.94
CA TYR B 232 3.93 20.55 -36.49
C TYR B 232 2.73 19.92 -35.73
N PRO B 233 1.49 20.16 -36.20
CA PRO B 233 0.34 19.58 -35.50
C PRO B 233 0.35 18.03 -35.45
N PHE B 234 0.62 17.41 -36.59
CA PHE B 234 0.65 15.95 -36.68
C PHE B 234 1.89 15.42 -35.97
N TRP B 235 2.96 16.19 -35.96
CA TRP B 235 4.19 15.79 -35.27
C TRP B 235 3.91 15.74 -33.79
N LYS B 236 3.15 16.72 -33.31
CA LYS B 236 2.81 16.80 -31.90
C LYS B 236 1.95 15.60 -31.49
N ARG B 237 1.09 15.16 -32.40
CA ARG B 237 0.22 14.04 -32.16
C ARG B 237 0.89 12.66 -32.21
N GLN B 238 1.64 12.38 -33.27
CA GLN B 238 2.24 11.06 -33.42
C GLN B 238 3.74 10.89 -33.34
N GLY B 239 4.48 11.98 -33.51
CA GLY B 239 5.93 11.89 -33.48
C GLY B 239 6.40 10.84 -34.48
N THR B 240 7.45 10.09 -34.12
CA THR B 240 7.99 9.06 -35.03
C THR B 240 7.05 7.89 -35.27
N MET B 241 6.04 7.73 -34.41
CA MET B 241 5.08 6.62 -34.54
C MET B 241 4.25 6.64 -35.82
N ALA B 242 4.24 7.76 -36.53
CA ALA B 242 3.55 7.90 -37.82
C ALA B 242 4.22 6.96 -38.86
N ALA B 243 5.44 6.53 -38.60
CA ALA B 243 6.15 5.65 -39.52
C ALA B 243 5.65 4.21 -39.57
N VAL B 244 4.85 3.80 -38.60
CA VAL B 244 4.37 2.42 -38.59
C VAL B 244 3.46 2.23 -39.80
N GLU B 245 2.48 3.11 -39.96
CA GLU B 245 1.57 3.00 -41.10
C GLU B 245 2.26 3.26 -42.42
N TRP B 246 3.17 4.22 -42.42
CA TRP B 246 3.88 4.58 -43.62
C TRP B 246 4.74 3.41 -44.10
N CYS B 247 5.43 2.75 -43.18
CA CYS B 247 6.27 1.62 -43.55
C CYS B 247 5.44 0.42 -43.99
N ASN B 248 4.30 0.22 -43.34
CA ASN B 248 3.43 -0.89 -43.68
C ASN B 248 2.87 -0.72 -45.09
N THR B 249 2.50 0.51 -45.40
CA THR B 249 1.96 0.87 -46.71
C THR B 249 2.99 0.63 -47.82
N ASN B 250 4.26 0.83 -47.48
CA ASN B 250 5.35 0.68 -48.43
C ASN B 250 6.16 -0.60 -48.33
N TYR B 251 5.63 -1.59 -47.63
CA TYR B 251 6.30 -2.89 -47.52
C TYR B 251 7.71 -2.82 -46.95
N ALA B 252 7.87 -1.89 -45.99
CA ALA B 252 9.18 -1.66 -45.34
C ALA B 252 9.15 -1.93 -43.82
N LEU B 253 7.99 -2.36 -43.32
CA LEU B 253 7.84 -2.65 -41.89
C LEU B 253 8.40 -4.02 -41.55
N PRO B 254 9.53 -4.09 -40.81
CA PRO B 254 10.10 -5.39 -40.46
C PRO B 254 9.08 -6.28 -39.76
N THR B 255 8.75 -7.41 -40.40
CA THR B 255 7.76 -8.32 -39.85
C THR B 255 8.33 -9.72 -39.73
N ARG B 256 8.28 -10.27 -38.51
CA ARG B 256 8.78 -11.61 -38.20
C ARG B 256 10.22 -11.83 -38.67
N ASN B 257 11.15 -11.19 -37.97
CA ASN B 257 12.57 -11.23 -38.27
C ASN B 257 12.81 -10.82 -39.71
N PHE B 258 12.19 -9.72 -40.11
CA PHE B 258 12.33 -9.18 -41.48
C PHE B 258 11.86 -10.12 -42.59
N SER B 259 11.16 -11.19 -42.24
CA SER B 259 10.65 -12.13 -43.22
C SER B 259 9.77 -11.41 -44.27
N ASP B 260 8.93 -10.49 -43.82
CA ASP B 260 8.07 -9.73 -44.74
C ASP B 260 8.12 -8.24 -44.38
N GLY B 261 7.61 -7.40 -45.27
CA GLY B 261 7.61 -5.97 -45.05
C GLY B 261 6.22 -5.46 -44.73
N TYR B 262 5.32 -6.39 -44.48
CA TYR B 262 3.94 -6.03 -44.17
C TYR B 262 3.49 -6.86 -42.96
N PHE B 263 2.73 -6.24 -42.05
CA PHE B 263 2.20 -6.87 -40.85
C PHE B 263 0.67 -6.72 -40.83
N GLU B 264 -0.05 -7.83 -40.76
CA GLU B 264 -1.52 -7.86 -40.76
C GLU B 264 -2.11 -7.08 -39.59
N PHE B 265 -1.37 -6.98 -38.50
CA PHE B 265 -1.88 -6.29 -37.32
C PHE B 265 -1.22 -4.94 -37.01
N ALA B 266 -0.69 -4.29 -38.04
CA ALA B 266 -0.01 -3.01 -37.85
C ALA B 266 -0.90 -1.90 -37.26
N ARG B 267 -2.21 -1.94 -37.51
CA ARG B 267 -3.04 -0.87 -36.99
C ARG B 267 -3.13 -0.82 -35.47
N SER B 268 -3.11 -2.00 -34.85
CA SER B 268 -3.18 -2.09 -33.40
C SER B 268 -1.85 -1.81 -32.72
N ILE B 269 -0.83 -1.44 -33.52
CA ILE B 269 0.47 -1.04 -32.98
C ILE B 269 0.92 0.27 -33.63
N ASP B 270 0.00 0.98 -34.28
CA ASP B 270 0.33 2.22 -34.97
C ASP B 270 0.21 3.54 -34.21
N GLY B 271 0.45 4.64 -34.93
CA GLY B 271 0.41 5.97 -34.33
C GLY B 271 -0.96 6.40 -33.82
N TYR B 272 -2.01 5.92 -34.47
CA TYR B 272 -3.36 6.26 -34.06
C TYR B 272 -3.69 5.53 -32.78
N THR B 273 -3.25 4.29 -32.69
CA THR B 273 -3.48 3.52 -31.49
C THR B 273 -2.71 4.17 -30.33
N MET B 274 -1.49 4.62 -30.62
CA MET B 274 -0.67 5.27 -29.62
C MET B 274 -1.35 6.54 -29.11
N GLU B 275 -1.90 7.35 -30.02
CA GLU B 275 -2.58 8.58 -29.61
C GLU B 275 -3.69 8.31 -28.60
N GLY B 276 -4.42 7.22 -28.82
CA GLY B 276 -5.52 6.83 -27.94
C GLY B 276 -5.08 6.29 -26.59
N MET B 277 -3.78 6.01 -26.41
CA MET B 277 -3.29 5.54 -25.12
C MET B 277 -2.21 6.44 -24.51
N LYS B 278 -2.00 7.61 -25.11
CA LYS B 278 -1.00 8.57 -24.63
C LYS B 278 -1.44 9.26 -23.33
N VAL B 279 -0.56 9.33 -22.33
CA VAL B 279 -0.89 9.97 -21.04
C VAL B 279 -0.01 11.16 -20.73
N GLN B 280 1.17 11.20 -21.34
CA GLN B 280 2.11 12.30 -21.16
C GLN B 280 2.98 12.45 -22.39
N GLN B 281 3.64 13.60 -22.49
CA GLN B 281 4.54 13.87 -23.58
C GLN B 281 5.70 14.64 -23.01
N ARG B 282 6.91 14.18 -23.31
CA ARG B 282 8.10 14.87 -22.83
C ARG B 282 9.11 14.92 -23.96
N GLY B 283 10.19 15.67 -23.75
CA GLY B 283 11.21 15.78 -24.79
C GLY B 283 12.60 16.09 -24.30
N CYS B 284 13.53 16.31 -25.23
CA CYS B 284 14.93 16.63 -24.88
C CYS B 284 15.06 18.13 -24.57
N PRO B 285 16.17 18.54 -23.93
CA PRO B 285 16.35 19.97 -23.60
C PRO B 285 16.29 20.89 -24.82
N TYR B 286 15.73 22.08 -24.61
CA TYR B 286 15.65 23.11 -25.65
C TYR B 286 14.90 22.78 -26.93
N CYS B 287 13.95 21.86 -26.84
CA CYS B 287 13.17 21.49 -28.01
C CYS B 287 11.74 21.91 -27.79
N ASN B 288 11.17 22.62 -28.78
CA ASN B 288 9.79 23.05 -28.69
C ASN B 288 8.83 22.18 -29.51
N MET B 289 9.33 21.03 -29.97
CA MET B 289 8.52 20.06 -30.71
C MET B 289 8.74 18.65 -30.08
N PRO B 290 8.48 18.52 -28.76
CA PRO B 290 8.63 17.29 -27.98
C PRO B 290 8.01 16.09 -28.67
N CYS B 291 8.73 14.98 -28.69
CA CYS B 291 8.23 13.77 -29.35
C CYS B 291 8.28 12.51 -28.46
N GLY B 292 8.65 12.68 -27.19
CA GLY B 292 8.69 11.56 -26.25
C GLY B 292 7.27 11.25 -25.79
N ASN B 293 6.57 10.45 -26.57
CA ASN B 293 5.19 10.11 -26.27
C ASN B 293 5.06 8.95 -25.30
N VAL B 294 4.42 9.23 -24.16
CA VAL B 294 4.24 8.25 -23.10
C VAL B 294 2.86 7.62 -23.04
N VAL B 295 2.80 6.29 -23.02
CA VAL B 295 1.53 5.59 -22.96
C VAL B 295 1.52 4.75 -21.70
N LEU B 296 0.40 4.09 -21.46
CA LEU B 296 0.31 3.15 -20.35
C LEU B 296 0.37 1.79 -21.01
N ASP B 297 1.23 0.91 -20.50
CA ASP B 297 1.36 -0.42 -21.09
C ASP B 297 0.29 -1.37 -20.55
N ALA B 298 0.34 -2.64 -20.96
CA ALA B 298 -0.63 -3.65 -20.56
C ALA B 298 -0.64 -3.90 -19.05
N GLU B 299 0.40 -3.44 -18.37
CA GLU B 299 0.50 -3.61 -16.93
C GLU B 299 0.23 -2.30 -16.22
N GLY B 300 -0.23 -1.29 -16.97
CA GLY B 300 -0.55 0.03 -16.43
C GLY B 300 0.63 0.91 -16.09
N GLN B 301 1.78 0.59 -16.64
CA GLN B 301 3.03 1.34 -16.42
C GLN B 301 3.32 2.29 -17.58
N GLU B 302 3.94 3.42 -17.26
CA GLU B 302 4.28 4.39 -18.29
C GLU B 302 5.42 3.87 -19.13
N SER B 303 5.30 4.10 -20.43
CA SER B 303 6.28 3.63 -21.39
C SER B 303 6.40 4.70 -22.45
N GLU B 304 7.62 5.08 -22.78
CA GLU B 304 7.85 6.10 -23.80
C GLU B 304 8.10 5.40 -25.13
N LEU B 305 7.23 5.65 -26.10
CA LEU B 305 7.34 4.97 -27.39
C LEU B 305 7.95 5.77 -28.52
N ASP B 306 8.83 5.09 -29.26
CA ASP B 306 9.49 5.63 -30.45
C ASP B 306 9.22 4.57 -31.50
N TYR B 307 9.19 4.98 -32.76
CA TYR B 307 8.92 4.05 -33.84
C TYR B 307 9.78 2.80 -33.81
N GLU B 308 11.10 2.94 -33.76
CA GLU B 308 11.98 1.77 -33.79
C GLU B 308 11.64 0.74 -32.74
N ASN B 309 11.34 1.20 -31.53
CA ASN B 309 11.01 0.31 -30.41
C ASN B 309 9.84 -0.56 -30.78
N VAL B 310 8.81 0.09 -31.36
CA VAL B 310 7.59 -0.61 -31.74
C VAL B 310 7.77 -1.53 -32.93
N ALA B 311 8.55 -1.08 -33.91
CA ALA B 311 8.81 -1.90 -35.10
C ALA B 311 9.59 -3.16 -34.75
N LEU B 312 10.66 -3.01 -33.96
CA LEU B 312 11.47 -4.18 -33.64
C LEU B 312 10.93 -5.07 -32.53
N LEU B 313 10.13 -4.52 -31.62
CA LEU B 313 9.54 -5.30 -30.53
C LEU B 313 8.06 -5.62 -30.79
N GLY B 314 7.55 -5.16 -31.93
CA GLY B 314 6.16 -5.39 -32.29
C GLY B 314 6.05 -6.26 -33.54
N SER B 315 5.93 -5.64 -34.72
CA SER B 315 5.79 -6.38 -35.99
C SER B 315 6.91 -7.39 -36.25
N ASN B 316 8.13 -7.02 -35.87
CA ASN B 316 9.33 -7.86 -36.05
C ASN B 316 9.22 -9.12 -35.19
N LEU B 317 8.44 -9.04 -34.11
CA LEU B 317 8.24 -10.18 -33.21
C LEU B 317 6.86 -10.82 -33.44
N GLY B 318 6.10 -10.29 -34.40
CA GLY B 318 4.77 -10.79 -34.70
C GLY B 318 3.77 -10.45 -33.59
N ILE B 319 4.10 -9.47 -32.74
CA ILE B 319 3.26 -9.06 -31.63
C ILE B 319 2.44 -7.86 -32.08
N GLY B 320 1.12 -8.04 -32.10
CA GLY B 320 0.23 -7.00 -32.59
C GLY B 320 -0.56 -6.11 -31.66
N LYS B 321 -0.23 -6.08 -30.36
CA LYS B 321 -0.96 -5.23 -29.43
C LYS B 321 0.01 -4.23 -28.86
N LEU B 322 -0.25 -2.94 -29.08
CA LEU B 322 0.65 -1.89 -28.60
C LEU B 322 0.88 -1.91 -27.09
N ASN B 323 -0.14 -2.25 -26.31
CA ASN B 323 0.02 -2.30 -24.86
C ASN B 323 1.03 -3.36 -24.43
N GLU B 324 1.10 -4.47 -25.18
CA GLU B 324 2.04 -5.54 -24.87
C GLU B 324 3.45 -5.17 -25.35
N VAL B 325 3.54 -4.59 -26.54
CA VAL B 325 4.82 -4.14 -27.09
C VAL B 325 5.42 -3.09 -26.11
N SER B 326 4.52 -2.29 -25.52
CA SER B 326 4.89 -1.26 -24.56
C SER B 326 5.53 -1.82 -23.28
N VAL B 327 5.15 -3.02 -22.88
CA VAL B 327 5.75 -3.66 -21.71
C VAL B 327 7.20 -3.98 -22.05
N LEU B 328 7.42 -4.55 -23.25
CA LEU B 328 8.77 -4.92 -23.71
C LEU B 328 9.63 -3.66 -23.82
N ASN B 329 9.02 -2.60 -24.33
CA ASN B 329 9.69 -1.31 -24.50
C ASN B 329 10.16 -0.81 -23.13
N ARG B 330 9.28 -0.84 -22.14
CA ARG B 330 9.62 -0.37 -20.80
C ARG B 330 10.75 -1.20 -20.22
N ILE B 331 10.70 -2.50 -20.42
CA ILE B 331 11.74 -3.38 -19.90
C ILE B 331 13.10 -2.97 -20.47
N ALA B 332 13.14 -2.70 -21.78
CA ALA B 332 14.37 -2.28 -22.44
C ALA B 332 14.93 -0.99 -21.82
N ASP B 333 14.07 -0.01 -21.57
CA ASP B 333 14.52 1.24 -20.95
C ASP B 333 15.01 1.04 -19.51
N GLU B 334 14.25 0.26 -18.73
CA GLU B 334 14.58 -0.04 -17.33
C GLU B 334 15.88 -0.79 -17.18
N MET B 335 16.08 -1.76 -18.06
CA MET B 335 17.28 -2.57 -18.02
C MET B 335 18.46 -1.88 -18.70
N GLY B 336 18.18 -0.91 -19.56
CA GLY B 336 19.24 -0.23 -20.27
C GLY B 336 19.77 -1.04 -21.46
N MET B 337 18.87 -1.54 -22.30
CA MET B 337 19.32 -2.25 -23.48
C MET B 337 18.60 -1.72 -24.73
N ASP B 338 19.33 -1.70 -25.82
CA ASP B 338 18.82 -1.20 -27.09
C ASP B 338 17.58 -1.98 -27.54
N THR B 339 16.47 -1.27 -27.73
CA THR B 339 15.23 -1.89 -28.17
C THR B 339 15.38 -2.58 -29.54
N ILE B 340 16.18 -1.99 -30.41
CA ILE B 340 16.40 -2.50 -31.76
C ILE B 340 17.15 -3.82 -31.78
N SER B 341 18.36 -3.83 -31.22
CA SER B 341 19.15 -5.05 -31.20
C SER B 341 18.47 -6.10 -30.33
N LEU B 342 17.76 -5.65 -29.28
CA LEU B 342 17.04 -6.58 -28.40
C LEU B 342 15.96 -7.29 -29.23
N GLY B 343 15.19 -6.48 -29.97
CA GLY B 343 14.12 -7.03 -30.79
C GLY B 343 14.62 -7.92 -31.91
N VAL B 344 15.72 -7.54 -32.57
CA VAL B 344 16.26 -8.32 -33.67
C VAL B 344 16.87 -9.62 -33.11
N SER B 345 17.44 -9.58 -31.91
CA SER B 345 18.00 -10.78 -31.29
C SER B 345 16.85 -11.72 -30.91
N ILE B 346 15.76 -11.16 -30.38
CA ILE B 346 14.63 -11.99 -30.00
C ILE B 346 13.97 -12.60 -31.25
N ALA B 347 13.82 -11.80 -32.30
CA ALA B 347 13.19 -12.26 -33.54
C ALA B 347 14.02 -13.38 -34.13
N HIS B 348 15.34 -13.26 -34.02
CA HIS B 348 16.25 -14.27 -34.55
C HIS B 348 16.01 -15.59 -33.79
N VAL B 349 15.82 -15.51 -32.49
CA VAL B 349 15.57 -16.69 -31.67
C VAL B 349 14.23 -17.31 -32.08
N MET B 350 13.24 -16.44 -32.27
CA MET B 350 11.91 -16.90 -32.67
C MET B 350 11.90 -17.65 -33.99
N GLU B 351 12.72 -17.20 -34.94
CA GLU B 351 12.81 -17.88 -36.22
C GLU B 351 13.53 -19.22 -36.07
N ALA B 352 14.55 -19.24 -35.23
CA ALA B 352 15.30 -20.47 -35.01
C ALA B 352 14.43 -21.50 -34.31
N VAL B 353 13.51 -21.05 -33.47
CA VAL B 353 12.60 -21.95 -32.75
C VAL B 353 11.58 -22.54 -33.73
N GLU B 354 10.99 -21.69 -34.54
CA GLU B 354 10.00 -22.15 -35.50
C GLU B 354 10.58 -23.09 -36.53
N ARG B 355 11.87 -22.94 -36.84
CA ARG B 355 12.54 -23.80 -37.79
C ARG B 355 13.07 -25.10 -37.16
N GLY B 356 12.87 -25.24 -35.86
CA GLY B 356 13.36 -26.40 -35.14
C GLY B 356 14.85 -26.34 -34.85
N ILE B 357 15.51 -25.24 -35.17
CA ILE B 357 16.94 -25.11 -34.92
C ILE B 357 17.23 -25.04 -33.41
N LEU B 358 16.40 -24.28 -32.69
CA LEU B 358 16.50 -24.17 -31.24
C LEU B 358 15.32 -25.03 -30.77
N LYS B 359 15.57 -25.92 -29.81
CA LYS B 359 14.53 -26.80 -29.30
C LYS B 359 13.58 -26.05 -28.38
N GLU B 360 14.09 -25.04 -27.69
CA GLU B 360 13.27 -24.23 -26.78
C GLU B 360 13.43 -22.73 -26.96
N GLY B 361 12.37 -22.00 -26.64
CA GLY B 361 12.39 -20.55 -26.80
C GLY B 361 11.06 -20.05 -27.31
N PRO B 362 10.87 -18.72 -27.36
CA PRO B 362 9.60 -18.18 -27.85
C PRO B 362 9.45 -18.26 -29.38
N THR B 363 8.21 -18.11 -29.84
CA THR B 363 7.91 -18.13 -31.26
C THR B 363 7.25 -16.80 -31.56
N PHE B 364 7.09 -16.47 -32.84
CA PHE B 364 6.46 -15.20 -33.22
C PHE B 364 5.06 -15.11 -32.66
N GLY B 365 4.73 -13.94 -32.12
CA GLY B 365 3.42 -13.71 -31.56
C GLY B 365 3.33 -14.03 -30.08
N ASP B 366 4.32 -14.71 -29.55
CA ASP B 366 4.37 -15.11 -28.13
C ASP B 366 4.89 -13.99 -27.22
N PHE B 367 3.98 -13.14 -26.75
CA PHE B 367 4.34 -12.01 -25.88
C PHE B 367 4.95 -12.44 -24.56
N LYS B 368 4.32 -13.41 -23.90
CA LYS B 368 4.83 -13.90 -22.62
C LYS B 368 6.24 -14.47 -22.74
N GLY B 369 6.48 -15.22 -23.81
CA GLY B 369 7.79 -15.80 -24.06
C GLY B 369 8.82 -14.71 -24.41
N ALA B 370 8.39 -13.68 -25.14
CA ALA B 370 9.26 -12.58 -25.52
C ALA B 370 9.65 -11.78 -24.26
N LYS B 371 8.68 -11.54 -23.40
CA LYS B 371 8.93 -10.79 -22.17
C LYS B 371 9.94 -11.54 -21.30
N GLN B 372 9.75 -12.84 -21.14
CA GLN B 372 10.65 -13.62 -20.30
C GLN B 372 12.07 -13.62 -20.89
N LEU B 373 12.18 -13.79 -22.21
CA LEU B 373 13.49 -13.78 -22.84
C LEU B 373 14.16 -12.41 -22.67
N ALA B 374 13.39 -11.33 -22.81
CA ALA B 374 13.95 -9.98 -22.66
C ALA B 374 14.60 -9.83 -21.27
N LEU B 375 13.87 -10.27 -20.25
CA LEU B 375 14.35 -10.23 -18.89
C LEU B 375 15.57 -11.14 -18.69
N ASP B 376 15.54 -12.33 -19.28
CA ASP B 376 16.67 -13.28 -19.14
C ASP B 376 17.91 -12.76 -19.83
N ILE B 377 17.71 -11.94 -20.87
CA ILE B 377 18.83 -11.35 -21.58
C ILE B 377 19.50 -10.32 -20.66
N ALA B 378 18.70 -9.43 -20.09
CA ALA B 378 19.21 -8.38 -19.21
C ALA B 378 19.94 -8.92 -18.00
N TYR B 379 19.45 -10.04 -17.47
CA TYR B 379 20.07 -10.66 -16.31
C TYR B 379 20.99 -11.83 -16.67
N ARG B 380 21.11 -12.12 -17.96
CA ARG B 380 21.93 -13.25 -18.45
C ARG B 380 21.59 -14.55 -17.71
N LYS B 381 20.29 -14.85 -17.65
CA LYS B 381 19.78 -16.06 -17.00
C LYS B 381 19.57 -17.17 -18.01
N GLY B 382 20.29 -18.27 -17.82
CA GLY B 382 20.14 -19.42 -18.69
C GLY B 382 20.91 -19.32 -19.98
N GLU B 383 21.05 -20.45 -20.66
CA GLU B 383 21.78 -20.50 -21.92
C GLU B 383 21.21 -19.61 -23.02
N LEU B 384 19.89 -19.57 -23.15
CA LEU B 384 19.24 -18.76 -24.18
C LEU B 384 19.42 -17.25 -23.96
N GLY B 385 19.20 -16.80 -22.73
CA GLY B 385 19.35 -15.39 -22.42
C GLY B 385 20.79 -14.96 -22.63
N ASN B 386 21.71 -15.82 -22.24
CA ASN B 386 23.13 -15.53 -22.41
C ASN B 386 23.53 -15.48 -23.88
N LEU B 387 23.00 -16.39 -24.69
CA LEU B 387 23.32 -16.42 -26.10
C LEU B 387 22.77 -15.17 -26.81
N ALA B 388 21.47 -14.90 -26.60
CA ALA B 388 20.82 -13.75 -27.21
C ALA B 388 21.43 -12.40 -26.75
N ALA B 389 22.01 -12.37 -25.56
CA ALA B 389 22.65 -11.17 -25.01
C ALA B 389 23.90 -10.78 -25.80
N GLU B 390 24.39 -11.71 -26.62
CA GLU B 390 25.58 -11.46 -27.43
C GLU B 390 25.28 -10.80 -28.76
N GLY B 391 24.01 -10.76 -29.15
CA GLY B 391 23.64 -10.19 -30.45
C GLY B 391 23.52 -11.27 -31.54
N VAL B 392 22.89 -10.93 -32.66
CA VAL B 392 22.66 -11.88 -33.77
C VAL B 392 23.88 -12.42 -34.50
N LYS B 393 24.93 -11.59 -34.65
CA LYS B 393 26.14 -12.05 -35.33
C LYS B 393 26.81 -13.19 -34.54
N ALA B 394 27.06 -12.94 -33.25
CA ALA B 394 27.66 -13.95 -32.35
C ALA B 394 26.74 -15.17 -32.22
N MET B 395 25.45 -14.92 -32.03
CA MET B 395 24.46 -15.99 -31.88
C MET B 395 24.37 -16.88 -33.12
N ALA B 396 24.46 -16.27 -34.30
CA ALA B 396 24.39 -16.96 -35.57
C ALA B 396 25.62 -17.85 -35.79
N GLU B 397 26.78 -17.42 -35.28
CA GLU B 397 28.03 -18.17 -35.41
C GLU B 397 27.88 -19.47 -34.64
N LYS B 398 27.26 -19.35 -33.47
CA LYS B 398 27.02 -20.48 -32.59
C LYS B 398 25.91 -21.41 -33.10
N LEU B 399 24.86 -20.85 -33.69
CA LEU B 399 23.75 -21.67 -34.17
C LEU B 399 23.78 -22.06 -35.66
N GLY B 400 24.70 -21.49 -36.43
CA GLY B 400 24.79 -21.77 -37.85
C GLY B 400 23.61 -21.17 -38.60
N THR B 401 23.12 -20.06 -38.06
CA THR B 401 21.94 -19.37 -38.60
C THR B 401 22.21 -18.04 -39.28
N HIS B 402 23.36 -17.96 -39.94
CA HIS B 402 23.76 -16.76 -40.66
C HIS B 402 22.73 -16.26 -41.69
N ASP B 403 22.01 -17.19 -42.33
CA ASP B 403 21.01 -16.85 -43.34
C ASP B 403 19.92 -15.89 -42.89
N PHE B 404 19.58 -15.94 -41.61
CA PHE B 404 18.56 -15.03 -41.08
C PHE B 404 19.05 -14.14 -39.95
N ALA B 405 20.36 -13.89 -39.94
CA ALA B 405 21.01 -13.02 -38.96
C ALA B 405 21.01 -11.60 -39.52
N MET B 406 20.05 -10.78 -39.10
CA MET B 406 19.89 -9.42 -39.61
C MET B 406 20.79 -8.32 -38.97
N HIS B 407 21.98 -8.18 -39.53
CA HIS B 407 22.95 -7.21 -39.06
C HIS B 407 23.90 -6.81 -40.17
N VAL B 408 24.65 -5.73 -39.93
CA VAL B 408 25.71 -5.28 -40.83
C VAL B 408 26.82 -4.89 -39.86
N LYS B 409 27.99 -5.49 -40.04
CA LYS B 409 29.17 -5.23 -39.19
C LYS B 409 28.95 -5.64 -37.74
N GLY B 410 27.96 -6.50 -37.51
CA GLY B 410 27.66 -6.95 -36.17
C GLY B 410 26.61 -6.12 -35.48
N LEU B 411 26.20 -4.99 -36.06
CA LEU B 411 25.16 -4.16 -35.47
C LEU B 411 23.85 -4.54 -36.18
N GLU B 412 22.83 -4.85 -35.38
CA GLU B 412 21.52 -5.26 -35.85
C GLU B 412 20.82 -4.22 -36.75
N VAL B 413 20.20 -4.70 -37.82
CA VAL B 413 19.48 -3.83 -38.74
C VAL B 413 18.28 -3.19 -38.01
N SER B 414 18.02 -1.91 -38.29
CA SER B 414 16.90 -1.23 -37.65
C SER B 414 15.54 -1.37 -38.34
N GLY B 415 14.67 -0.40 -38.14
CA GLY B 415 13.29 -0.52 -38.59
C GLY B 415 12.82 -0.40 -40.02
N TYR B 416 13.72 -0.63 -40.98
CA TYR B 416 13.33 -0.53 -42.38
C TYR B 416 13.74 -1.77 -43.15
N ASN B 417 12.74 -2.47 -43.68
CA ASN B 417 12.96 -3.70 -44.42
C ASN B 417 13.26 -3.31 -45.89
N CYS B 418 14.44 -3.67 -46.36
CA CYS B 418 14.89 -3.25 -47.68
C CYS B 418 14.93 -4.21 -48.86
N TYR B 419 14.02 -5.17 -48.90
CA TYR B 419 14.01 -6.08 -50.03
C TYR B 419 13.98 -5.32 -51.35
N ILE B 420 13.22 -4.22 -51.40
CA ILE B 420 13.10 -3.47 -52.63
C ILE B 420 13.61 -2.04 -52.61
N TYR B 421 14.45 -1.73 -51.62
CA TYR B 421 15.00 -0.39 -51.44
C TYR B 421 16.51 -0.36 -51.46
N PRO B 422 17.11 -0.36 -52.66
CA PRO B 422 18.58 -0.35 -52.87
C PRO B 422 19.36 0.74 -52.14
N ALA B 423 18.86 1.96 -52.14
CA ALA B 423 19.56 3.05 -51.48
C ALA B 423 19.57 2.87 -49.98
N MET B 424 18.46 2.43 -49.41
CA MET B 424 18.37 2.24 -47.96
C MET B 424 19.26 1.07 -47.57
N ALA B 425 19.32 0.05 -48.43
CA ALA B 425 20.17 -1.12 -48.21
C ALA B 425 21.65 -0.70 -48.18
N LEU B 426 22.00 0.26 -49.05
CA LEU B 426 23.34 0.82 -49.14
C LEU B 426 23.63 1.64 -47.87
N ALA B 427 22.62 2.37 -47.38
CA ALA B 427 22.74 3.16 -46.14
C ALA B 427 23.08 2.24 -44.96
N TYR B 428 22.37 1.11 -44.85
CA TYR B 428 22.63 0.14 -43.79
C TYR B 428 24.00 -0.50 -44.00
N GLY B 429 24.30 -0.79 -45.26
CA GLY B 429 25.57 -1.41 -45.59
C GLY B 429 26.79 -0.57 -45.28
N THR B 430 26.68 0.74 -45.48
CA THR B 430 27.80 1.66 -45.29
C THR B 430 27.82 2.49 -43.99
N SER B 431 26.77 2.37 -43.18
CA SER B 431 26.70 3.08 -41.90
C SER B 431 28.02 2.94 -41.17
N ALA B 432 28.58 4.07 -40.74
CA ALA B 432 29.88 4.11 -40.06
C ALA B 432 30.00 3.23 -38.83
N ILE B 433 28.90 3.04 -38.11
CA ILE B 433 28.94 2.24 -36.89
C ILE B 433 28.34 0.84 -37.03
N GLY B 434 27.82 0.52 -38.21
CA GLY B 434 27.16 -0.76 -38.40
C GLY B 434 25.71 -0.44 -38.73
N ALA B 435 24.92 -1.44 -39.08
CA ALA B 435 23.53 -1.21 -39.48
C ALA B 435 22.76 -0.27 -38.57
N HIS B 436 22.33 0.85 -39.14
CA HIS B 436 21.57 1.86 -38.42
C HIS B 436 21.03 2.77 -39.52
N HIS B 437 19.87 3.38 -39.28
CA HIS B 437 19.24 4.30 -40.24
C HIS B 437 19.63 5.74 -39.89
N LYS B 438 20.33 5.90 -38.77
CA LYS B 438 20.76 7.21 -38.26
C LYS B 438 21.39 8.12 -39.31
N GLU B 439 22.44 7.61 -39.94
CA GLU B 439 23.24 8.34 -40.92
C GLU B 439 22.63 8.62 -42.29
N ALA B 440 21.61 7.87 -42.67
CA ALA B 440 20.97 8.08 -43.96
C ALA B 440 19.62 7.39 -44.07
N TRP B 441 18.57 8.14 -43.78
CA TRP B 441 17.21 7.61 -43.91
C TRP B 441 16.81 8.10 -45.32
N VAL B 442 17.19 7.31 -46.30
CA VAL B 442 16.98 7.62 -47.70
C VAL B 442 15.77 6.90 -48.30
N ILE B 443 15.14 6.04 -47.52
CA ILE B 443 13.99 5.29 -48.02
C ILE B 443 12.82 6.17 -48.40
N ALA B 444 12.64 7.27 -47.67
CA ALA B 444 11.55 8.20 -47.93
C ALA B 444 11.72 8.84 -49.32
N TRP B 445 12.93 9.31 -49.61
CA TRP B 445 13.27 9.91 -50.90
C TRP B 445 13.16 8.88 -52.04
N GLU B 446 13.53 7.63 -51.75
CA GLU B 446 13.44 6.56 -52.73
C GLU B 446 11.97 6.33 -53.10
N ILE B 447 11.08 6.50 -52.12
CA ILE B 447 9.65 6.29 -52.28
C ILE B 447 8.91 7.54 -52.81
N GLY B 448 9.32 8.71 -52.34
CA GLY B 448 8.65 9.94 -52.76
C GLY B 448 7.64 10.48 -51.78
N THR B 449 7.42 9.76 -50.67
CA THR B 449 6.48 10.18 -49.62
C THR B 449 7.18 10.08 -48.25
N ALA B 450 6.57 10.67 -47.23
CA ALA B 450 7.14 10.62 -45.88
C ALA B 450 6.05 10.46 -44.84
N PRO B 451 6.39 9.88 -43.67
CA PRO B 451 5.46 9.65 -42.55
C PRO B 451 4.58 10.85 -42.10
N ILE B 452 5.13 12.06 -41.95
CA ILE B 452 4.34 13.25 -41.52
C ILE B 452 3.18 13.63 -42.44
N GLU B 453 3.14 13.03 -43.62
CA GLU B 453 2.06 13.29 -44.57
C GLU B 453 0.79 12.44 -44.27
N TYR B 462 5.66 2.47 -57.41
CA TYR B 462 7.11 2.34 -57.06
C TYR B 462 7.85 1.31 -57.91
N LYS B 463 9.01 1.69 -58.40
CA LYS B 463 9.83 0.80 -59.21
C LYS B 463 11.28 0.75 -58.69
N ILE B 464 11.80 -0.47 -58.48
CA ILE B 464 13.17 -0.66 -57.97
C ILE B 464 14.20 -0.14 -58.97
N SER B 465 15.05 0.74 -58.48
CA SER B 465 16.07 1.37 -59.31
C SER B 465 17.47 1.36 -58.63
N TYR B 466 18.52 1.23 -59.44
CA TYR B 466 19.88 1.22 -58.94
C TYR B 466 20.75 2.38 -59.49
N ASP B 467 20.08 3.45 -59.89
CA ASP B 467 20.70 4.67 -60.43
C ASP B 467 21.87 5.09 -59.53
N PRO B 468 23.08 5.22 -60.09
CA PRO B 468 24.27 5.63 -59.33
C PRO B 468 24.05 6.88 -58.48
N ILE B 469 23.05 7.70 -58.84
CA ILE B 469 22.77 8.91 -58.08
C ILE B 469 22.31 8.59 -56.65
N LYS B 470 21.89 7.34 -56.43
CA LYS B 470 21.46 6.86 -55.12
C LYS B 470 22.67 6.85 -54.18
N ALA B 471 23.84 6.47 -54.68
CA ALA B 471 25.05 6.45 -53.87
C ALA B 471 25.43 7.89 -53.47
N GLN B 472 25.18 8.84 -54.37
CA GLN B 472 25.45 10.25 -54.12
C GLN B 472 24.49 10.80 -53.04
N LYS B 473 23.23 10.39 -53.10
CA LYS B 473 22.23 10.83 -52.13
C LYS B 473 22.56 10.31 -50.73
N VAL B 474 23.03 9.06 -50.65
CA VAL B 474 23.41 8.46 -49.36
C VAL B 474 24.61 9.20 -48.75
N VAL B 475 25.61 9.53 -49.57
CA VAL B 475 26.79 10.29 -49.10
C VAL B 475 26.34 11.68 -48.61
N GLU B 476 25.42 12.30 -49.36
CA GLU B 476 24.91 13.62 -49.01
C GLU B 476 24.20 13.56 -47.67
N LEU B 477 23.35 12.55 -47.48
CA LEU B 477 22.61 12.40 -46.22
C LEU B 477 23.57 12.06 -45.07
N GLN B 478 24.62 11.29 -45.33
CA GLN B 478 25.59 10.92 -44.28
C GLN B 478 26.37 12.15 -43.83
N ARG B 479 26.62 13.07 -44.75
CA ARG B 479 27.34 14.30 -44.39
C ARG B 479 26.55 15.10 -43.35
N LEU B 480 25.23 15.14 -43.51
CA LEU B 480 24.36 15.86 -42.59
C LEU B 480 23.96 15.07 -41.33
N ARG B 481 23.48 13.85 -41.53
CA ARG B 481 23.01 13.02 -40.42
C ARG B 481 24.07 12.29 -39.61
N GLY B 482 25.09 11.75 -40.28
CA GLY B 482 26.15 11.08 -39.58
C GLY B 482 27.33 12.01 -39.28
N GLY B 483 27.28 13.23 -39.85
CA GLY B 483 28.34 14.20 -39.64
C GLY B 483 27.87 15.40 -38.85
N LEU B 484 27.34 16.41 -39.55
CA LEU B 484 26.85 17.65 -38.94
C LEU B 484 26.06 17.51 -37.64
N PHE B 485 24.93 16.81 -37.68
CA PHE B 485 24.12 16.65 -36.48
C PHE B 485 24.79 15.86 -35.36
N GLU B 486 25.73 14.98 -35.69
CA GLU B 486 26.46 14.23 -34.67
C GLU B 486 27.65 15.02 -34.15
N MET B 487 27.93 16.16 -34.76
CA MET B 487 29.07 17.00 -34.37
C MET B 487 28.68 18.26 -33.62
N LEU B 488 27.49 18.79 -33.90
CA LEU B 488 27.04 20.00 -33.25
C LEU B 488 26.94 19.97 -31.73
N THR B 489 26.23 19.04 -31.09
CA THR B 489 25.44 17.97 -31.72
C THR B 489 24.01 18.38 -31.42
N ALA B 490 23.13 18.24 -32.40
CA ALA B 490 21.75 18.66 -32.21
C ALA B 490 20.79 17.73 -32.93
N CYS B 491 19.53 17.79 -32.56
CA CYS B 491 18.53 16.91 -33.16
C CYS B 491 18.32 17.22 -34.63
N ARG B 492 18.29 16.15 -35.43
CA ARG B 492 18.10 16.28 -36.87
C ARG B 492 16.63 16.30 -37.26
N LEU B 493 15.74 15.94 -36.33
CA LEU B 493 14.31 15.89 -36.63
C LEU B 493 13.62 17.21 -36.98
N PRO B 494 14.07 18.35 -36.44
CA PRO B 494 13.35 19.57 -36.86
C PRO B 494 13.44 19.72 -38.38
N TRP B 495 14.61 19.44 -38.92
CA TRP B 495 14.82 19.52 -40.36
C TRP B 495 14.10 18.37 -41.08
N VAL B 496 14.39 17.15 -40.64
CA VAL B 496 13.83 15.95 -41.24
C VAL B 496 12.32 15.88 -41.23
N GLU B 497 11.73 16.19 -40.08
CA GLU B 497 10.29 16.09 -39.91
C GLU B 497 9.43 17.28 -40.25
N VAL B 498 9.79 18.46 -39.75
CA VAL B 498 8.97 19.63 -40.04
C VAL B 498 9.55 20.54 -41.10
N GLY B 499 10.75 20.23 -41.57
CA GLY B 499 11.35 21.03 -42.61
C GLY B 499 12.03 22.32 -42.22
N LEU B 500 12.60 22.38 -41.01
CA LEU B 500 13.30 23.57 -40.56
C LEU B 500 14.49 23.70 -41.52
N SER B 501 14.70 24.92 -42.04
CA SER B 501 15.78 25.16 -42.97
C SER B 501 17.17 24.82 -42.41
N LEU B 502 17.95 24.12 -43.20
CA LEU B 502 19.30 23.78 -42.81
C LEU B 502 20.22 25.03 -42.76
N ASP B 503 19.77 26.15 -43.32
CA ASP B 503 20.59 27.36 -43.33
C ASP B 503 20.90 27.93 -41.96
N TYR B 504 20.05 27.60 -40.99
CA TYR B 504 20.24 28.07 -39.61
C TYR B 504 21.53 27.55 -38.99
N TYR B 505 21.90 26.33 -39.36
CA TYR B 505 23.06 25.67 -38.79
C TYR B 505 24.45 26.31 -38.95
N PRO B 506 24.86 26.63 -40.19
CA PRO B 506 26.18 27.26 -40.30
C PRO B 506 26.19 28.68 -39.70
N LYS B 507 25.02 29.30 -39.66
CA LYS B 507 24.87 30.63 -39.10
C LYS B 507 24.94 30.57 -37.58
N LEU B 508 24.26 29.59 -37.00
CA LEU B 508 24.28 29.42 -35.55
C LEU B 508 25.70 29.06 -35.15
N LEU B 509 26.37 28.28 -36.00
CA LEU B 509 27.74 27.90 -35.72
C LEU B 509 28.69 29.10 -35.66
N LYS B 510 28.56 30.05 -36.59
CA LYS B 510 29.43 31.24 -36.60
C LYS B 510 29.09 32.19 -35.45
N ALA B 511 27.81 32.28 -35.13
CA ALA B 511 27.33 33.15 -34.06
C ALA B 511 27.92 32.70 -32.72
N ILE B 512 28.07 31.38 -32.59
CA ILE B 512 28.59 30.73 -31.38
C ILE B 512 30.12 30.73 -31.29
N THR B 513 30.75 30.15 -32.31
CA THR B 513 32.19 30.02 -32.36
C THR B 513 32.94 31.19 -32.99
N GLY B 514 32.22 31.98 -33.80
CA GLY B 514 32.85 33.10 -34.48
C GLY B 514 33.56 32.62 -35.73
N VAL B 515 33.49 31.33 -36.01
CA VAL B 515 34.13 30.77 -37.20
C VAL B 515 33.09 30.61 -38.31
N THR B 516 33.44 31.04 -39.51
CA THR B 516 32.53 30.93 -40.64
C THR B 516 32.75 29.61 -41.36
N TYR B 517 31.73 28.76 -41.35
CA TYR B 517 31.82 27.48 -42.03
C TYR B 517 30.87 27.55 -43.21
N THR B 518 31.38 27.23 -44.40
CA THR B 518 30.54 27.17 -45.60
C THR B 518 30.06 25.70 -45.69
N TRP B 519 29.06 25.41 -46.51
CA TRP B 519 28.59 24.04 -46.65
C TRP B 519 29.67 23.07 -47.07
N ASP B 520 30.59 23.51 -47.93
CA ASP B 520 31.69 22.65 -48.35
C ASP B 520 32.66 22.38 -47.23
N ASP B 521 32.82 23.34 -46.33
CA ASP B 521 33.70 23.16 -45.17
C ASP B 521 33.07 22.06 -44.31
N LEU B 522 31.76 22.18 -44.11
CA LEU B 522 30.97 21.22 -43.33
C LEU B 522 30.98 19.85 -44.00
N TYR B 523 30.77 19.81 -45.32
CA TYR B 523 30.78 18.52 -46.03
C TYR B 523 32.14 17.89 -45.88
N LYS B 524 33.19 18.72 -45.91
CA LYS B 524 34.52 18.20 -45.77
C LYS B 524 34.84 17.70 -44.34
N ALA B 525 34.34 18.39 -43.32
CA ALA B 525 34.60 17.97 -41.95
C ALA B 525 33.89 16.63 -41.72
N ALA B 526 32.70 16.49 -42.29
CA ALA B 526 31.92 15.25 -42.17
C ALA B 526 32.64 14.09 -42.86
N ASP B 527 33.21 14.35 -44.05
CA ASP B 527 33.93 13.31 -44.80
C ASP B 527 35.19 12.88 -44.06
N ARG B 528 35.82 13.85 -43.38
CA ARG B 528 37.02 13.56 -42.61
C ARG B 528 36.65 12.58 -41.51
N VAL B 529 35.55 12.88 -40.82
CA VAL B 529 35.07 12.02 -39.74
C VAL B 529 34.79 10.59 -40.26
N TYR B 530 34.13 10.52 -41.42
CA TYR B 530 33.82 9.23 -42.02
C TYR B 530 35.03 8.42 -42.42
N SER B 531 36.06 9.07 -42.96
CA SER B 531 37.27 8.34 -43.35
C SER B 531 38.09 7.94 -42.13
N LEU B 532 38.06 8.79 -41.10
CA LEU B 532 38.79 8.52 -39.87
C LEU B 532 38.13 7.32 -39.17
N ILE B 533 36.80 7.32 -39.15
CA ILE B 533 36.05 6.22 -38.53
C ILE B 533 36.34 4.93 -39.28
N ARG B 534 36.31 4.97 -40.61
CA ARG B 534 36.59 3.78 -41.42
C ARG B 534 38.01 3.28 -41.17
N ALA B 535 38.93 4.23 -41.04
CA ALA B 535 40.32 3.93 -40.76
C ALA B 535 40.43 3.20 -39.42
N TYR B 536 39.67 3.67 -38.43
CA TYR B 536 39.64 3.05 -37.12
C TYR B 536 39.25 1.56 -37.24
N TRP B 537 38.16 1.31 -37.97
CA TRP B 537 37.68 -0.05 -38.18
C TRP B 537 38.75 -0.91 -38.84
N VAL B 538 39.30 -0.41 -39.94
CA VAL B 538 40.34 -1.14 -40.68
C VAL B 538 41.53 -1.47 -39.80
N ARG B 539 41.99 -0.50 -39.02
CA ARG B 539 43.13 -0.72 -38.13
C ARG B 539 42.83 -1.74 -37.02
N GLU B 540 41.67 -1.60 -36.38
CA GLU B 540 41.31 -2.51 -35.31
C GLU B 540 41.07 -3.92 -35.80
N PHE B 541 40.63 -4.04 -37.06
CA PHE B 541 40.39 -5.34 -37.68
C PHE B 541 41.71 -5.91 -38.25
N ASN B 542 42.81 -5.23 -37.95
CA ASN B 542 44.15 -5.63 -38.36
C ASN B 542 44.25 -5.86 -39.86
N GLY B 543 43.68 -4.94 -40.62
CA GLY B 543 43.71 -5.04 -42.08
C GLY B 543 42.79 -6.06 -42.73
N LYS B 544 42.17 -6.96 -41.96
CA LYS B 544 41.26 -7.96 -42.53
C LYS B 544 39.99 -7.17 -42.86
N TRP B 545 39.82 -6.85 -44.13
CA TRP B 545 38.69 -6.02 -44.54
C TRP B 545 38.51 -5.98 -46.05
N ASP B 546 37.25 -5.97 -46.49
CA ASP B 546 36.92 -5.88 -47.92
C ASP B 546 35.51 -5.32 -48.08
N ARG B 547 35.05 -5.20 -49.33
CA ARG B 547 33.73 -4.64 -49.62
C ARG B 547 32.52 -5.37 -49.01
N LYS B 548 32.69 -6.63 -48.63
CA LYS B 548 31.60 -7.39 -48.04
C LYS B 548 31.21 -6.85 -46.67
N MET B 549 32.11 -6.07 -46.04
CA MET B 549 31.81 -5.47 -44.76
C MET B 549 30.72 -4.43 -44.93
N ASP B 550 30.58 -3.90 -46.16
CA ASP B 550 29.57 -2.88 -46.50
C ASP B 550 28.33 -3.43 -47.23
N TYR B 551 28.16 -4.74 -47.15
CA TYR B 551 27.03 -5.40 -47.75
C TYR B 551 25.85 -5.51 -46.76
N PRO B 552 24.62 -5.48 -47.28
CA PRO B 552 23.47 -5.60 -46.39
C PRO B 552 23.30 -7.10 -46.12
N PRO B 553 22.31 -7.50 -45.29
CA PRO B 553 22.20 -8.94 -45.04
C PRO B 553 21.82 -9.76 -46.26
N LYS B 554 22.31 -10.98 -46.27
CA LYS B 554 22.07 -11.95 -47.34
C LYS B 554 20.57 -12.16 -47.63
N ARG B 555 19.74 -12.09 -46.58
CA ARG B 555 18.30 -12.28 -46.71
C ARG B 555 17.68 -11.39 -47.77
N TRP B 556 18.16 -10.15 -47.90
CA TRP B 556 17.60 -9.24 -48.89
C TRP B 556 17.95 -9.59 -50.34
N PHE B 557 18.96 -10.44 -50.53
CA PHE B 557 19.38 -10.88 -51.86
C PHE B 557 18.82 -12.26 -52.25
N THR B 558 18.63 -13.12 -51.25
CA THR B 558 18.16 -14.50 -51.47
C THR B 558 16.69 -14.81 -51.23
N GLU B 559 15.99 -13.89 -50.58
CA GLU B 559 14.56 -14.03 -50.29
C GLU B 559 13.89 -12.78 -50.79
N GLY B 560 12.57 -12.82 -50.92
CA GLY B 560 11.84 -11.64 -51.36
C GLY B 560 10.68 -11.36 -50.44
N LEU B 561 9.93 -10.30 -50.75
CA LEU B 561 8.75 -9.94 -49.98
C LEU B 561 7.77 -11.09 -50.08
N LYS B 562 7.00 -11.32 -49.02
CA LYS B 562 6.07 -12.44 -48.99
C LYS B 562 4.63 -12.11 -49.37
N SER B 563 4.32 -10.82 -49.53
CA SER B 563 2.95 -10.42 -49.86
C SER B 563 2.85 -9.10 -50.58
N GLY B 564 1.65 -8.76 -51.04
CA GLY B 564 1.42 -7.52 -51.75
C GLY B 564 1.83 -7.51 -53.23
N PRO B 565 1.78 -6.34 -53.88
CA PRO B 565 2.15 -6.17 -55.30
C PRO B 565 3.59 -6.51 -55.60
N HIS B 566 4.45 -6.33 -54.62
CA HIS B 566 5.87 -6.58 -54.80
C HIS B 566 6.32 -7.97 -54.32
N LYS B 567 5.36 -8.86 -54.14
CA LYS B 567 5.67 -10.21 -53.69
C LYS B 567 6.75 -10.86 -54.58
N GLY B 568 7.74 -11.47 -53.92
CA GLY B 568 8.84 -12.12 -54.61
C GLY B 568 10.02 -11.21 -54.92
N GLU B 569 9.81 -9.90 -54.86
CA GLU B 569 10.88 -8.96 -55.15
C GLU B 569 11.99 -8.86 -54.10
N HIS B 570 13.21 -8.68 -54.58
CA HIS B 570 14.38 -8.63 -53.73
C HIS B 570 15.50 -7.82 -54.37
N LEU B 571 16.64 -7.76 -53.70
CA LEU B 571 17.78 -7.04 -54.23
C LEU B 571 18.64 -7.94 -55.14
N ASP B 572 19.16 -7.31 -56.19
CA ASP B 572 20.03 -7.96 -57.18
C ASP B 572 21.45 -7.66 -56.68
N GLU B 573 22.17 -8.70 -56.28
CA GLU B 573 23.54 -8.54 -55.78
C GLU B 573 24.52 -7.85 -56.73
N LYS B 574 24.45 -8.23 -58.01
CA LYS B 574 25.31 -7.65 -59.04
C LYS B 574 25.13 -6.14 -59.07
N LYS B 575 23.87 -5.71 -59.18
CA LYS B 575 23.55 -4.29 -59.22
C LYS B 575 23.87 -3.55 -57.92
N TYR B 576 23.73 -4.24 -56.79
CA TYR B 576 24.04 -3.61 -55.52
C TYR B 576 25.56 -3.39 -55.50
N ASP B 577 26.32 -4.40 -55.90
CA ASP B 577 27.77 -4.31 -55.92
C ASP B 577 28.29 -3.11 -56.72
N GLU B 578 27.63 -2.82 -57.85
CA GLU B 578 27.99 -1.70 -58.72
C GLU B 578 27.66 -0.39 -58.02
N LEU B 579 26.54 -0.37 -57.31
CA LEU B 579 26.12 0.80 -56.57
C LEU B 579 27.12 1.05 -55.43
N LEU B 580 27.67 -0.03 -54.85
CA LEU B 580 28.64 0.11 -53.77
C LEU B 580 29.94 0.72 -54.33
N SER B 581 30.29 0.32 -55.55
CA SER B 581 31.49 0.87 -56.20
C SER B 581 31.33 2.37 -56.43
N GLU B 582 30.09 2.78 -56.72
CA GLU B 582 29.82 4.19 -56.94
C GLU B 582 29.98 4.94 -55.62
N TYR B 583 29.57 4.30 -54.52
CA TYR B 583 29.70 4.92 -53.20
C TYR B 583 31.20 5.14 -52.93
N TYR B 584 32.01 4.12 -53.18
CA TYR B 584 33.45 4.20 -52.97
C TYR B 584 34.10 5.27 -53.85
N ARG B 585 33.64 5.38 -55.10
CA ARG B 585 34.20 6.36 -56.03
C ARG B 585 33.97 7.76 -55.49
N ILE B 586 32.74 8.04 -55.05
CA ILE B 586 32.39 9.35 -54.50
C ILE B 586 33.13 9.68 -53.18
N ARG B 587 33.37 8.67 -52.36
CA ARG B 587 34.07 8.85 -51.09
C ARG B 587 35.56 8.83 -51.27
N GLY B 588 36.03 8.35 -52.42
CA GLY B 588 37.46 8.26 -52.65
C GLY B 588 38.07 7.09 -51.90
N TRP B 589 37.34 5.98 -51.83
CA TRP B 589 37.83 4.77 -51.17
C TRP B 589 38.11 3.73 -52.26
N ASP B 590 38.97 2.75 -51.96
CA ASP B 590 39.27 1.69 -52.93
C ASP B 590 38.13 0.65 -52.98
N GLU B 591 38.29 -0.40 -53.81
CA GLU B 591 37.26 -1.42 -53.95
C GLU B 591 37.12 -2.36 -52.74
N ARG B 592 37.87 -2.07 -51.68
CA ARG B 592 37.80 -2.83 -50.43
C ARG B 592 37.10 -1.98 -49.36
N GLY B 593 36.77 -0.73 -49.69
CA GLY B 593 36.10 0.16 -48.74
C GLY B 593 37.07 0.79 -47.77
N ILE B 594 38.33 0.88 -48.19
CA ILE B 594 39.42 1.45 -47.39
C ILE B 594 39.81 2.78 -48.03
N PRO B 595 39.92 3.85 -47.24
CA PRO B 595 40.29 5.14 -47.81
C PRO B 595 41.66 5.13 -48.54
N LYS B 596 41.72 5.80 -49.70
CA LYS B 596 42.96 5.91 -50.48
C LYS B 596 43.89 6.96 -49.85
N LYS B 597 45.20 6.75 -50.00
CA LYS B 597 46.20 7.67 -49.46
C LYS B 597 45.93 9.12 -49.85
N GLU B 598 45.59 9.34 -51.12
CA GLU B 598 45.33 10.67 -51.60
C GLU B 598 44.09 11.28 -50.95
N THR B 599 43.12 10.44 -50.62
CA THR B 599 41.88 10.89 -50.00
C THR B 599 42.18 11.33 -48.57
N LEU B 600 42.95 10.51 -47.87
CA LEU B 600 43.36 10.78 -46.51
C LEU B 600 44.13 12.11 -46.45
N LYS B 601 45.08 12.29 -47.37
CA LYS B 601 45.87 13.53 -47.43
C LYS B 601 44.95 14.74 -47.63
N GLU B 602 44.01 14.61 -48.56
CA GLU B 602 43.06 15.66 -48.88
C GLU B 602 42.15 16.00 -47.71
N LEU B 603 41.88 15.03 -46.84
CA LEU B 603 41.00 15.26 -45.68
C LEU B 603 41.76 15.62 -44.41
N ASP B 604 43.08 15.78 -44.55
CA ASP B 604 43.99 16.15 -43.46
C ASP B 604 44.09 15.03 -42.44
N LEU B 605 44.17 13.81 -42.96
CA LEU B 605 44.29 12.61 -42.14
C LEU B 605 45.58 11.90 -42.52
N ASP B 606 46.64 12.66 -42.79
CA ASP B 606 47.94 12.08 -43.17
C ASP B 606 48.41 11.10 -42.10
N PHE B 607 48.15 11.45 -40.84
CA PHE B 607 48.53 10.63 -39.70
C PHE B 607 47.99 9.21 -39.71
N VAL B 608 46.92 9.00 -40.49
CA VAL B 608 46.29 7.68 -40.62
C VAL B 608 47.09 6.72 -41.51
N ILE B 609 47.71 7.26 -42.55
CA ILE B 609 48.48 6.47 -43.52
C ILE B 609 49.51 5.46 -42.96
N PRO B 610 50.47 5.93 -42.15
CA PRO B 610 51.49 5.05 -41.57
C PRO B 610 50.86 3.88 -40.83
N GLU B 611 49.85 4.18 -40.00
CA GLU B 611 49.16 3.18 -39.20
C GLU B 611 48.40 2.14 -40.01
N LEU B 612 47.71 2.59 -41.06
CA LEU B 612 46.98 1.67 -41.92
C LEU B 612 47.93 0.81 -42.73
N GLU B 613 49.08 1.37 -43.12
CA GLU B 613 50.05 0.61 -43.90
C GLU B 613 50.74 -0.52 -43.14
N LYS B 614 50.77 -0.42 -41.81
CA LYS B 614 51.35 -1.48 -40.96
C LYS B 614 50.45 -2.71 -41.02
N VAL B 615 49.21 -2.48 -41.42
CA VAL B 615 48.19 -3.53 -41.43
C VAL B 615 47.69 -4.08 -42.79
N THR B 616 47.76 -3.25 -43.83
CA THR B 616 47.39 -3.62 -45.22
C THR B 616 48.11 -2.68 -46.18
N ASN B 617 47.87 -2.90 -47.47
CA ASN B 617 48.44 -2.06 -48.50
C ASN B 617 47.37 -1.01 -48.80
N LEU B 618 47.79 0.23 -49.01
CA LEU B 618 46.84 1.28 -49.32
C LEU B 618 46.91 1.60 -50.80
N GLU B 619 45.91 2.30 -51.30
CA GLU B 619 45.87 2.69 -52.71
C GLU B 619 45.79 4.21 -52.82
N MET C 1 54.82 8.15 14.65
CA MET C 1 53.70 8.45 15.60
C MET C 1 52.71 7.29 15.50
N TYR C 2 52.32 6.72 16.64
CA TYR C 2 51.36 5.62 16.65
C TYR C 2 50.05 6.06 17.27
N GLY C 3 48.98 5.35 16.92
CA GLY C 3 47.67 5.64 17.46
C GLY C 3 47.05 6.84 16.80
N TRP C 4 47.57 8.03 17.10
CA TRP C 4 47.07 9.27 16.48
C TRP C 4 47.64 9.32 15.08
N TRP C 5 46.93 9.97 14.17
CA TRP C 5 47.43 10.17 12.82
C TRP C 5 48.19 11.49 12.77
N GLY C 6 47.79 12.43 13.64
CA GLY C 6 48.38 13.76 13.65
C GLY C 6 47.85 14.55 12.46
N ARG C 7 46.66 14.15 11.97
CA ARG C 7 46.03 14.79 10.81
C ARG C 7 44.59 15.19 11.10
N ILE C 8 44.20 16.38 10.66
CA ILE C 8 42.84 16.87 10.85
C ILE C 8 42.33 17.27 9.47
N LEU C 9 41.18 16.71 9.08
CA LEU C 9 40.58 17.05 7.80
C LEU C 9 39.87 18.41 7.92
N ARG C 10 40.15 19.28 6.97
CA ARG C 10 39.61 20.63 6.95
C ARG C 10 38.69 20.90 5.76
N VAL C 11 37.48 21.37 6.04
CA VAL C 11 36.53 21.67 4.99
C VAL C 11 35.93 23.07 5.16
N ASN C 12 36.15 23.91 4.14
CA ASN C 12 35.62 25.27 4.15
C ASN C 12 34.47 25.29 3.16
N LEU C 13 33.25 25.36 3.69
CA LEU C 13 32.04 25.36 2.85
C LEU C 13 31.80 26.66 2.06
N THR C 14 32.40 27.76 2.51
CA THR C 14 32.26 29.04 1.83
C THR C 14 33.06 29.04 0.54
N THR C 15 34.33 28.68 0.65
CA THR C 15 35.22 28.67 -0.51
C THR C 15 35.26 27.32 -1.20
N GLY C 16 34.82 26.28 -0.50
CA GLY C 16 34.85 24.94 -1.05
C GLY C 16 36.20 24.26 -0.96
N GLU C 17 37.15 24.88 -0.28
CA GLU C 17 38.50 24.33 -0.14
C GLU C 17 38.56 23.20 0.90
N VAL C 18 39.21 22.10 0.52
CA VAL C 18 39.38 20.96 1.42
C VAL C 18 40.88 20.73 1.56
N LYS C 19 41.37 20.64 2.80
CA LYS C 19 42.79 20.40 3.00
C LYS C 19 43.02 19.59 4.26
N VAL C 20 44.25 19.10 4.44
CA VAL C 20 44.57 18.33 5.63
C VAL C 20 45.58 19.14 6.45
N GLN C 21 45.25 19.36 7.70
CA GLN C 21 46.10 20.08 8.64
C GLN C 21 46.88 19.07 9.49
N GLU C 22 48.19 19.26 9.56
CA GLU C 22 48.99 18.39 10.38
C GLU C 22 49.23 19.14 11.68
N TYR C 23 49.15 18.41 12.79
CA TYR C 23 49.40 19.00 14.10
C TYR C 23 50.47 18.13 14.79
N PRO C 24 51.27 18.71 15.70
CA PRO C 24 52.31 17.91 16.35
C PRO C 24 51.86 16.85 17.33
N GLU C 25 52.69 15.80 17.42
CA GLU C 25 52.42 14.70 18.33
C GLU C 25 52.33 15.24 19.76
N GLU C 26 52.96 16.38 20.02
CA GLU C 26 52.95 16.97 21.35
C GLU C 26 51.56 17.48 21.71
N VAL C 27 50.84 18.00 20.72
CA VAL C 27 49.49 18.49 20.97
C VAL C 27 48.61 17.26 21.17
N ALA C 28 48.83 16.22 20.37
CA ALA C 28 48.05 14.99 20.49
C ALA C 28 48.26 14.37 21.86
N LYS C 29 49.51 14.33 22.33
CA LYS C 29 49.83 13.77 23.65
C LYS C 29 49.19 14.60 24.76
N LYS C 30 49.23 15.92 24.58
CA LYS C 30 48.71 16.86 25.56
C LYS C 30 47.18 16.85 25.73
N PHE C 31 46.46 16.78 24.62
CA PHE C 31 45.00 16.80 24.67
C PHE C 31 44.30 15.49 24.41
N ILE C 32 45.10 14.47 24.04
CA ILE C 32 44.66 13.11 23.75
C ILE C 32 43.73 12.93 22.53
N GLY C 33 42.60 13.64 22.53
CA GLY C 33 41.66 13.54 21.43
C GLY C 33 40.31 14.02 21.87
N GLY C 34 39.30 13.77 21.04
CA GLY C 34 37.94 14.16 21.33
C GLY C 34 37.79 15.59 21.85
N ARG C 35 37.18 15.71 23.03
CA ARG C 35 36.94 17.01 23.67
C ARG C 35 38.23 17.80 23.90
N GLY C 36 39.31 17.10 24.22
CA GLY C 36 40.58 17.79 24.43
C GLY C 36 41.06 18.48 23.15
N LEU C 37 41.04 17.76 22.03
CA LEU C 37 41.45 18.32 20.77
C LEU C 37 40.46 19.41 20.34
N ALA C 38 39.16 19.18 20.57
CA ALA C 38 38.15 20.17 20.20
C ALA C 38 38.33 21.50 20.96
N ALA C 39 38.66 21.40 22.24
CA ALA C 39 38.85 22.59 23.06
C ALA C 39 40.07 23.39 22.55
N TRP C 40 41.11 22.67 22.12
CA TRP C 40 42.32 23.29 21.59
C TRP C 40 41.97 24.05 20.33
N ILE C 41 41.18 23.42 19.46
CA ILE C 41 40.78 24.02 18.19
C ILE C 41 39.86 25.24 18.39
N LEU C 42 38.87 25.13 19.26
CA LEU C 42 37.95 26.25 19.48
C LEU C 42 38.62 27.43 20.15
N TRP C 43 39.58 27.16 21.03
CA TRP C 43 40.28 28.25 21.69
C TRP C 43 40.99 29.12 20.65
N ASN C 44 41.69 28.46 19.73
CA ASN C 44 42.44 29.15 18.69
C ASN C 44 41.65 29.66 17.48
N GLU C 45 40.55 29.00 17.14
CA GLU C 45 39.81 29.34 15.94
C GLU C 45 38.36 29.77 16.04
N ALA C 46 37.85 29.87 17.27
CA ALA C 46 36.47 30.32 17.44
C ALA C 46 36.50 31.45 18.45
N ARG C 47 37.42 32.36 18.25
CA ARG C 47 37.58 33.53 19.13
C ARG C 47 36.64 34.67 18.74
N GLY C 48 35.68 34.95 19.62
CA GLY C 48 34.72 36.03 19.38
C GLY C 48 33.68 35.85 18.29
N VAL C 49 33.49 34.62 17.82
CA VAL C 49 32.53 34.39 16.75
C VAL C 49 31.07 34.27 17.18
N GLU C 50 30.15 34.55 16.25
CA GLU C 50 28.72 34.40 16.48
C GLU C 50 28.53 32.89 16.27
N PRO C 51 27.84 32.20 17.21
CA PRO C 51 27.62 30.75 17.07
C PRO C 51 26.97 30.27 15.77
N LEU C 52 26.07 31.07 15.21
CA LEU C 52 25.38 30.68 13.98
C LEU C 52 25.94 31.34 12.73
N SER C 53 27.09 32.00 12.88
CA SER C 53 27.75 32.67 11.76
C SER C 53 28.74 31.72 11.09
N PRO C 54 29.14 31.99 9.83
CA PRO C 54 30.08 31.12 9.11
C PRO C 54 31.42 30.88 9.80
N GLU C 55 31.83 31.80 10.65
CA GLU C 55 33.11 31.70 11.35
C GLU C 55 33.17 30.63 12.44
N ASN C 56 32.02 30.20 12.97
CA ASN C 56 32.03 29.15 13.99
C ASN C 56 32.62 27.85 13.38
N LYS C 57 33.29 27.05 14.20
CA LYS C 57 33.90 25.81 13.73
C LYS C 57 33.15 24.58 14.25
N LEU C 58 32.66 23.75 13.34
CA LEU C 58 31.94 22.53 13.71
C LEU C 58 32.98 21.42 13.69
N ILE C 59 33.17 20.82 14.85
CA ILE C 59 34.19 19.81 15.00
C ILE C 59 33.66 18.42 15.30
N PHE C 60 34.20 17.44 14.59
CA PHE C 60 33.88 16.05 14.80
C PHE C 60 35.24 15.52 15.17
N ALA C 61 35.45 15.31 16.46
CA ALA C 61 36.74 14.86 16.93
C ALA C 61 36.72 13.46 17.53
N ALA C 62 37.65 12.64 17.05
CA ALA C 62 37.82 11.28 17.54
C ALA C 62 39.07 11.27 18.43
N GLY C 63 39.45 10.09 18.90
CA GLY C 63 40.61 9.94 19.77
C GLY C 63 41.33 8.68 19.36
N PRO C 64 42.47 8.38 20.00
CA PRO C 64 43.24 7.18 19.64
C PRO C 64 42.53 5.82 19.73
N PHE C 65 41.46 5.73 20.54
CA PHE C 65 40.74 4.45 20.67
C PHE C 65 39.87 4.18 19.45
N ASN C 66 39.46 5.26 18.79
CA ASN C 66 38.56 5.17 17.65
C ASN C 66 39.15 4.63 16.33
N GLY C 67 38.34 3.84 15.63
CA GLY C 67 38.77 3.21 14.39
C GLY C 67 39.37 1.84 14.67
N LEU C 68 39.66 1.55 15.94
CA LEU C 68 40.23 0.28 16.36
C LEU C 68 39.20 -0.52 17.15
N PRO C 69 39.37 -1.86 17.23
CA PRO C 69 38.44 -2.72 17.98
C PRO C 69 38.65 -2.59 19.50
N THR C 70 38.26 -1.46 20.06
CA THR C 70 38.38 -1.23 21.49
C THR C 70 36.99 -1.38 22.11
N PRO C 71 36.91 -1.85 23.35
CA PRO C 71 35.63 -2.06 24.04
C PRO C 71 34.76 -0.82 24.06
N SER C 72 33.62 -0.90 23.37
CA SER C 72 32.67 0.21 23.28
C SER C 72 33.44 1.47 22.85
N GLY C 73 34.35 1.31 21.88
CA GLY C 73 35.18 2.41 21.41
C GLY C 73 34.74 3.07 20.11
N GLY C 74 33.42 3.11 19.89
CA GLY C 74 32.88 3.71 18.69
C GLY C 74 32.23 5.06 18.91
N LYS C 75 32.72 5.81 19.90
CA LYS C 75 32.17 7.12 20.22
C LYS C 75 32.81 8.26 19.41
N LEU C 76 32.14 9.40 19.36
CA LEU C 76 32.64 10.56 18.64
C LEU C 76 32.14 11.84 19.30
N VAL C 77 33.02 12.83 19.43
CA VAL C 77 32.63 14.12 20.02
C VAL C 77 32.30 15.11 18.90
N VAL C 78 31.23 15.87 19.10
CA VAL C 78 30.84 16.91 18.14
C VAL C 78 30.89 18.20 18.97
N ALA C 79 31.71 19.17 18.56
CA ALA C 79 31.89 20.42 19.31
C ALA C 79 31.86 21.68 18.45
N ALA C 80 31.57 22.83 19.09
CA ALA C 80 31.51 24.14 18.42
C ALA C 80 31.12 25.16 19.46
N LYS C 81 31.27 26.45 19.16
CA LYS C 81 30.81 27.45 20.13
C LYS C 81 29.29 27.26 20.10
N SER C 82 28.68 27.17 21.28
CA SER C 82 27.24 26.94 21.38
C SER C 82 26.28 28.09 21.14
N PRO C 83 25.28 27.88 20.26
CA PRO C 83 24.29 28.93 19.98
C PRO C 83 23.27 28.99 21.11
N LEU C 84 23.28 27.97 21.97
CA LEU C 84 22.37 27.93 23.11
C LEU C 84 22.96 28.61 24.35
N THR C 85 24.23 28.38 24.63
CA THR C 85 24.85 28.93 25.82
C THR C 85 25.86 30.05 25.59
N GLY C 86 26.37 30.16 24.37
CA GLY C 86 27.37 31.16 24.08
C GLY C 86 28.75 30.76 24.55
N GLY C 87 28.89 29.57 25.12
CA GLY C 87 30.20 29.14 25.58
C GLY C 87 30.69 27.96 24.79
N TYR C 88 31.60 27.20 25.39
CA TYR C 88 32.11 25.99 24.78
C TYR C 88 30.98 24.94 24.83
N GLY C 89 30.68 24.35 23.68
CA GLY C 89 29.66 23.31 23.65
C GLY C 89 30.12 22.04 22.94
N ASP C 90 29.69 20.89 23.46
CA ASP C 90 29.99 19.62 22.81
C ASP C 90 29.02 18.55 23.27
N GLY C 91 29.06 17.42 22.59
CA GLY C 91 28.21 16.31 22.91
C GLY C 91 28.93 15.09 22.37
N ASN C 92 28.34 13.91 22.60
CA ASN C 92 28.99 12.69 22.17
C ASN C 92 27.97 11.73 21.59
N LEU C 93 28.38 10.94 20.61
CA LEU C 93 27.51 9.90 20.07
C LEU C 93 28.29 8.68 19.60
N GLY C 94 27.64 7.52 19.66
CA GLY C 94 28.22 6.30 19.15
C GLY C 94 27.83 6.30 17.68
N THR C 95 28.74 5.92 16.80
CA THR C 95 28.40 5.94 15.38
C THR C 95 29.52 5.32 14.56
N MET C 96 29.14 4.64 13.47
CA MET C 96 30.15 4.06 12.59
C MET C 96 30.98 5.20 11.96
N ALA C 97 30.46 6.42 12.00
CA ALA C 97 31.21 7.57 11.47
C ALA C 97 32.54 7.70 12.25
N SER C 98 32.53 7.30 13.52
CA SER C 98 33.74 7.36 14.36
C SER C 98 34.80 6.39 13.82
N VAL C 99 34.37 5.16 13.56
CA VAL C 99 35.25 4.13 13.04
C VAL C 99 35.80 4.53 11.68
N HIS C 100 34.90 5.00 10.82
CA HIS C 100 35.26 5.38 9.46
C HIS C 100 36.14 6.63 9.34
N LEU C 101 35.89 7.64 10.16
CA LEU C 101 36.68 8.87 10.14
C LEU C 101 38.15 8.53 10.41
N ARG C 102 38.38 7.75 11.46
CA ARG C 102 39.74 7.35 11.81
C ARG C 102 40.38 6.37 10.83
N ARG C 103 39.61 5.46 10.25
CA ARG C 103 40.20 4.54 9.28
C ARG C 103 40.45 5.21 7.94
N ALA C 104 39.84 6.39 7.75
CA ALA C 104 40.03 7.19 6.53
C ALA C 104 41.34 8.00 6.61
N GLY C 105 41.98 7.99 7.79
CA GLY C 105 43.24 8.68 8.02
C GLY C 105 43.18 9.99 8.77
N TYR C 106 42.11 10.24 9.53
CA TYR C 106 41.94 11.50 10.25
C TYR C 106 41.62 11.35 11.74
N ASP C 107 42.14 12.28 12.54
CA ASP C 107 41.87 12.30 13.96
C ASP C 107 40.60 13.10 14.20
N ALA C 108 40.33 14.03 13.30
CA ALA C 108 39.15 14.89 13.42
C ALA C 108 38.81 15.51 12.08
N LEU C 109 37.62 16.12 12.03
CA LEU C 109 37.13 16.81 10.86
C LEU C 109 36.64 18.15 11.38
N VAL C 110 37.15 19.24 10.80
CA VAL C 110 36.70 20.58 11.18
C VAL C 110 36.07 21.24 9.97
N VAL C 111 34.81 21.66 10.14
CA VAL C 111 34.05 22.34 9.09
C VAL C 111 33.90 23.82 9.46
N GLU C 112 34.24 24.71 8.52
CA GLU C 112 34.10 26.14 8.74
C GLU C 112 33.32 26.72 7.57
N GLY C 113 32.89 27.97 7.70
CA GLY C 113 32.15 28.63 6.64
C GLY C 113 30.69 28.28 6.50
N LYS C 114 30.11 28.55 5.33
CA LYS C 114 28.71 28.26 5.07
C LYS C 114 28.52 28.03 3.57
N ALA C 115 27.76 26.99 3.23
CA ALA C 115 27.50 26.67 1.83
C ALA C 115 26.35 27.53 1.32
N LYS C 116 26.35 27.83 0.01
CA LYS C 116 25.30 28.67 -0.58
C LYS C 116 23.97 27.94 -0.57
N LYS C 117 24.02 26.63 -0.73
CA LYS C 117 22.84 25.77 -0.76
C LYS C 117 23.16 24.51 0.03
N PRO C 118 22.13 23.70 0.38
CA PRO C 118 22.34 22.47 1.14
C PRO C 118 23.37 21.54 0.50
N VAL C 119 24.32 21.07 1.31
CA VAL C 119 25.35 20.16 0.82
C VAL C 119 25.62 19.08 1.86
N TYR C 120 26.42 18.09 1.48
CA TYR C 120 26.82 17.09 2.45
C TYR C 120 28.28 16.80 2.14
N ILE C 121 29.04 16.48 3.17
CA ILE C 121 30.45 16.16 2.99
C ILE C 121 30.60 14.65 2.82
N TYR C 122 31.34 14.26 1.79
CA TYR C 122 31.60 12.87 1.48
C TYR C 122 33.07 12.60 1.68
N ILE C 123 33.39 11.61 2.52
CA ILE C 123 34.76 11.25 2.80
C ILE C 123 34.94 9.74 2.61
N GLU C 124 35.92 9.38 1.78
CA GLU C 124 36.27 7.99 1.54
C GLU C 124 37.80 8.05 1.47
N ASP C 125 38.43 7.72 2.59
CA ASP C 125 39.89 7.79 2.69
C ASP C 125 40.38 9.18 2.28
N ASP C 126 41.27 9.26 1.29
CA ASP C 126 41.80 10.55 0.82
C ASP C 126 40.87 11.31 -0.14
N ASN C 127 39.83 10.64 -0.62
CA ASN C 127 38.86 11.23 -1.55
C ASN C 127 37.78 11.93 -0.69
N VAL C 128 37.77 13.28 -0.71
CA VAL C 128 36.81 14.09 0.07
C VAL C 128 36.15 15.11 -0.83
N SER C 129 34.82 15.22 -0.75
CA SER C 129 34.08 16.15 -1.60
C SER C 129 32.88 16.77 -0.95
N ILE C 130 32.54 17.97 -1.40
CA ILE C 130 31.37 18.67 -0.92
C ILE C 130 30.35 18.42 -2.05
N LEU C 131 29.26 17.75 -1.70
CA LEU C 131 28.24 17.39 -2.67
C LEU C 131 26.92 18.06 -2.42
N SER C 132 26.12 18.22 -3.47
CA SER C 132 24.81 18.83 -3.31
C SER C 132 23.84 17.96 -2.50
N ALA C 133 23.18 18.56 -1.51
CA ALA C 133 22.19 17.85 -0.71
C ALA C 133 20.84 18.58 -0.86
N GLU C 134 20.67 19.25 -2.01
CA GLU C 134 19.44 19.97 -2.28
C GLU C 134 18.17 19.11 -2.25
N GLY C 135 18.26 17.86 -2.71
CA GLY C 135 17.10 16.98 -2.66
C GLY C 135 16.83 16.44 -1.26
N LEU C 136 17.84 16.47 -0.40
CA LEU C 136 17.70 15.97 0.97
C LEU C 136 17.12 16.94 1.99
N TRP C 137 17.42 18.22 1.82
CA TRP C 137 16.98 19.25 2.75
C TRP C 137 15.49 19.17 3.08
N GLY C 138 15.16 19.08 4.36
CA GLY C 138 13.78 19.00 4.78
C GLY C 138 13.35 17.62 5.22
N LYS C 139 14.16 16.62 4.88
CA LYS C 139 13.89 15.23 5.24
C LYS C 139 14.35 14.91 6.64
N THR C 140 13.68 13.95 7.28
CA THR C 140 14.01 13.54 8.65
C THR C 140 15.40 12.92 8.68
N THR C 141 15.99 12.84 9.87
CA THR C 141 17.32 12.24 10.02
C THR C 141 17.30 10.80 9.51
N PHE C 142 16.24 10.05 9.85
CA PHE C 142 16.11 8.64 9.46
C PHE C 142 16.13 8.47 7.95
N GLU C 143 15.31 9.28 7.28
CA GLU C 143 15.18 9.21 5.83
C GLU C 143 16.45 9.67 5.12
N THR C 144 17.12 10.67 5.69
CA THR C 144 18.34 11.19 5.11
C THR C 144 19.43 10.12 5.07
N GLU C 145 19.64 9.45 6.21
CA GLU C 145 20.65 8.40 6.30
C GLU C 145 20.27 7.23 5.42
N ARG C 146 18.98 6.87 5.43
CA ARG C 146 18.49 5.75 4.62
C ARG C 146 18.75 5.99 3.13
N GLU C 147 18.43 7.21 2.67
CA GLU C 147 18.62 7.53 1.26
C GLU C 147 20.09 7.56 0.91
N LEU C 148 20.93 8.15 1.77
CA LEU C 148 22.35 8.22 1.48
C LEU C 148 22.97 6.82 1.38
N LYS C 149 22.48 5.89 2.20
CA LYS C 149 23.01 4.54 2.15
C LYS C 149 22.47 3.83 0.92
N GLU C 150 21.29 4.23 0.44
CA GLU C 150 20.73 3.61 -0.77
C GLU C 150 21.57 3.99 -1.99
N ILE C 151 22.43 5.00 -1.84
CA ILE C 151 23.32 5.40 -2.93
C ILE C 151 24.71 4.82 -2.73
N HIS C 152 25.32 5.16 -1.61
CA HIS C 152 26.69 4.79 -1.31
C HIS C 152 26.98 3.41 -0.71
N GLY C 153 25.92 2.71 -0.29
CA GLY C 153 26.11 1.40 0.30
C GLY C 153 25.99 1.38 1.82
N LYS C 154 26.08 0.17 2.37
CA LYS C 154 25.98 -0.05 3.81
C LYS C 154 27.26 0.19 4.62
N ASN C 155 28.43 0.06 3.97
CA ASN C 155 29.73 0.23 4.65
C ASN C 155 30.20 1.69 4.81
N VAL C 156 29.32 2.53 5.34
CA VAL C 156 29.64 3.93 5.57
C VAL C 156 29.03 4.36 6.91
N GLY C 157 29.60 5.41 7.50
CA GLY C 157 29.08 5.96 8.74
C GLY C 157 28.44 7.27 8.32
N VAL C 158 27.27 7.59 8.87
CA VAL C 158 26.54 8.79 8.49
C VAL C 158 26.08 9.63 9.68
N LEU C 159 26.28 10.94 9.56
CA LEU C 159 25.86 11.90 10.58
C LEU C 159 24.87 12.86 9.86
N THR C 160 23.69 13.11 10.44
CA THR C 160 22.72 14.00 9.79
C THR C 160 22.04 14.94 10.77
N ILE C 161 21.36 15.93 10.22
CA ILE C 161 20.56 16.83 11.02
C ILE C 161 19.16 16.69 10.43
N GLY C 162 18.14 16.95 11.24
CA GLY C 162 16.77 16.88 10.77
C GLY C 162 16.21 18.30 10.67
N PRO C 163 14.90 18.45 10.40
CA PRO C 163 14.31 19.80 10.30
C PRO C 163 14.63 20.75 11.46
N ALA C 164 14.81 20.23 12.68
CA ALA C 164 15.14 21.08 13.82
C ALA C 164 16.52 21.74 13.64
N GLY C 165 17.49 20.97 13.15
CA GLY C 165 18.83 21.51 12.90
C GLY C 165 18.78 22.53 11.78
N GLU C 166 18.07 22.19 10.70
CA GLU C 166 17.89 23.07 9.55
C GLU C 166 17.26 24.40 9.97
N ASN C 167 16.27 24.33 10.86
CA ASN C 167 15.55 25.49 11.34
C ASN C 167 16.20 26.21 12.51
N LEU C 168 17.39 25.75 12.86
CA LEU C 168 18.21 26.33 13.92
C LEU C 168 17.61 26.34 15.32
N VAL C 169 16.93 25.24 15.67
CA VAL C 169 16.40 25.09 17.02
C VAL C 169 17.68 25.08 17.87
N LYS C 170 17.68 25.86 18.95
CA LYS C 170 18.84 26.03 19.82
C LYS C 170 19.46 24.78 20.44
N TYR C 171 18.63 23.76 20.62
CA TYR C 171 19.09 22.50 21.17
C TYR C 171 19.01 21.39 20.14
N ALA C 172 19.17 21.75 18.86
CA ALA C 172 19.16 20.78 17.77
C ALA C 172 20.46 20.00 17.90
N VAL C 173 20.39 18.69 17.61
CA VAL C 173 21.54 17.80 17.73
C VAL C 173 21.87 17.11 16.41
N VAL C 174 22.95 16.33 16.42
CA VAL C 174 23.39 15.56 15.25
C VAL C 174 22.93 14.12 15.53
N ILE C 175 22.31 13.48 14.54
CA ILE C 175 21.78 12.13 14.70
C ILE C 175 22.48 11.11 13.79
N SER C 176 22.60 9.89 14.31
CA SER C 176 23.19 8.80 13.54
C SER C 176 22.47 7.49 13.88
N GLN C 177 22.27 6.65 12.87
CA GLN C 177 21.67 5.33 13.04
C GLN C 177 20.36 5.31 13.82
N GLU C 178 19.46 6.22 13.45
CA GLU C 178 18.12 6.39 14.02
C GLU C 178 17.99 6.29 15.54
N GLY C 179 18.88 6.94 16.27
CA GLY C 179 18.77 6.86 17.71
C GLY C 179 19.95 7.39 18.47
N ARG C 180 21.13 7.44 17.85
CA ARG C 180 22.32 7.93 18.51
C ARG C 180 22.34 9.46 18.31
N ALA C 181 22.51 10.21 19.40
CA ALA C 181 22.48 11.68 19.29
C ALA C 181 23.69 12.36 19.95
N ALA C 182 24.07 13.54 19.47
CA ALA C 182 25.18 14.28 20.06
C ALA C 182 25.02 15.78 19.95
N GLY C 183 25.48 16.48 20.98
CA GLY C 183 25.48 17.92 20.93
C GLY C 183 24.30 18.71 21.43
N ARG C 184 23.83 18.38 22.63
CA ARG C 184 22.72 19.08 23.26
C ARG C 184 22.85 20.61 23.14
N PRO C 185 24.07 21.18 23.33
CA PRO C 185 24.20 22.65 23.22
C PRO C 185 24.01 23.25 21.82
N GLY C 186 23.28 22.58 20.94
CA GLY C 186 23.02 23.15 19.63
C GLY C 186 23.97 22.84 18.49
N MET C 187 24.70 21.73 18.59
CA MET C 187 25.63 21.36 17.55
C MET C 187 24.89 21.16 16.25
N GLY C 188 23.65 20.66 16.35
CA GLY C 188 22.83 20.47 15.16
C GLY C 188 22.44 21.80 14.51
N ALA C 189 22.30 22.84 15.33
CA ALA C 189 21.96 24.17 14.84
C ALA C 189 23.18 24.78 14.15
N VAL C 190 24.37 24.51 14.68
CA VAL C 190 25.59 25.01 14.05
C VAL C 190 25.74 24.33 12.68
N MET C 191 25.48 23.02 12.65
CA MET C 191 25.55 22.24 11.43
C MET C 191 24.51 22.80 10.45
N GLY C 192 23.29 23.02 10.92
CA GLY C 192 22.27 23.57 10.07
C GLY C 192 22.59 24.98 9.59
N SER C 193 23.29 25.77 10.42
CA SER C 193 23.63 27.16 10.07
C SER C 193 24.60 27.24 8.89
N LYS C 194 25.32 26.16 8.65
CA LYS C 194 26.29 26.08 7.55
C LYS C 194 25.68 25.46 6.29
N LYS C 195 24.39 25.13 6.35
CA LYS C 195 23.67 24.45 5.27
C LYS C 195 24.28 23.05 5.00
N LEU C 196 24.81 22.43 6.07
CA LEU C 196 25.42 21.10 6.02
C LEU C 196 24.36 20.10 6.50
N LYS C 197 23.82 19.34 5.55
CA LYS C 197 22.76 18.37 5.84
C LYS C 197 23.26 17.05 6.42
N ALA C 198 24.46 16.63 6.01
CA ALA C 198 24.99 15.35 6.46
C ALA C 198 26.48 15.22 6.19
N VAL C 199 27.06 14.18 6.79
CA VAL C 199 28.47 13.82 6.59
C VAL C 199 28.43 12.29 6.39
N VAL C 200 28.97 11.82 5.26
CA VAL C 200 29.04 10.40 4.95
C VAL C 200 30.52 10.03 4.93
N ILE C 201 30.91 9.03 5.71
CA ILE C 201 32.31 8.64 5.82
C ILE C 201 32.61 7.14 5.63
N ARG C 202 33.70 6.86 4.93
CA ARG C 202 34.16 5.49 4.74
C ARG C 202 35.69 5.49 4.90
N GLY C 203 36.22 4.53 5.65
CA GLY C 203 37.66 4.47 5.85
C GLY C 203 38.13 3.04 5.73
N THR C 204 39.26 2.80 5.08
CA THR C 204 39.74 1.43 4.91
C THR C 204 41.21 1.24 5.32
N LYS C 205 41.86 2.30 5.79
CA LYS C 205 43.26 2.20 6.16
C LYS C 205 43.51 1.51 7.48
N GLU C 206 44.71 0.97 7.61
CA GLU C 206 45.12 0.32 8.83
C GLU C 206 45.70 1.43 9.72
N ILE C 207 45.10 1.64 10.89
CA ILE C 207 45.62 2.64 11.82
C ILE C 207 46.86 2.08 12.54
N PRO C 208 48.01 2.78 12.42
CA PRO C 208 49.22 2.30 13.08
C PRO C 208 49.13 2.24 14.61
N VAL C 209 49.47 1.07 15.18
CA VAL C 209 49.42 0.87 16.63
C VAL C 209 50.76 0.35 17.12
N ALA C 210 51.19 0.86 18.26
CA ALA C 210 52.48 0.50 18.83
C ALA C 210 52.67 -0.97 19.24
N ASP C 211 51.61 -1.58 19.79
CA ASP C 211 51.65 -2.95 20.27
C ASP C 211 50.33 -3.66 19.93
N LYS C 212 50.25 -4.17 18.72
CA LYS C 212 49.05 -4.85 18.25
C LYS C 212 48.68 -6.08 19.10
N GLU C 213 49.67 -6.88 19.50
CA GLU C 213 49.37 -8.06 20.29
C GLU C 213 48.78 -7.72 21.68
N GLU C 214 49.32 -6.67 22.31
CA GLU C 214 48.81 -6.27 23.61
C GLU C 214 47.44 -5.61 23.45
N LEU C 215 47.23 -4.84 22.38
CA LEU C 215 45.92 -4.23 22.15
C LEU C 215 44.86 -5.33 22.03
N LYS C 216 45.17 -6.37 21.23
CA LYS C 216 44.29 -7.51 21.03
C LYS C 216 44.00 -8.23 22.37
N LYS C 217 45.06 -8.43 23.16
CA LYS C 217 44.95 -9.09 24.45
C LYS C 217 44.07 -8.31 25.43
N LEU C 218 44.32 -7.01 25.55
CA LEU C 218 43.56 -6.18 26.46
C LEU C 218 42.09 -6.09 26.08
N SER C 219 41.83 -5.91 24.79
CA SER C 219 40.46 -5.80 24.32
C SER C 219 39.66 -7.07 24.59
N GLN C 220 40.25 -8.23 24.32
CA GLN C 220 39.53 -9.49 24.55
C GLN C 220 39.22 -9.67 26.03
N GLU C 221 40.17 -9.32 26.90
CA GLU C 221 39.96 -9.41 28.34
C GLU C 221 38.86 -8.48 28.79
N ALA C 222 38.87 -7.25 28.29
CA ALA C 222 37.84 -6.27 28.64
C ALA C 222 36.44 -6.75 28.19
N TYR C 223 36.34 -7.23 26.95
CA TYR C 223 35.08 -7.73 26.42
C TYR C 223 34.53 -8.87 27.27
N ASN C 224 35.41 -9.79 27.65
CA ASN C 224 35.01 -10.91 28.48
C ASN C 224 34.61 -10.47 29.88
N GLU C 225 35.34 -9.48 30.43
CA GLU C 225 35.02 -8.95 31.75
C GLU C 225 33.61 -8.33 31.75
N ILE C 226 33.23 -7.73 30.63
CA ILE C 226 31.89 -7.14 30.50
C ILE C 226 30.86 -8.29 30.46
N LEU C 227 31.09 -9.28 29.61
CA LEU C 227 30.19 -10.41 29.46
C LEU C 227 29.96 -11.16 30.74
N ASN C 228 31.03 -11.27 31.52
CA ASN C 228 30.99 -12.01 32.76
C ASN C 228 30.62 -11.23 34.01
N SER C 229 30.28 -9.96 33.85
CA SER C 229 29.93 -9.16 35.01
C SER C 229 28.54 -9.52 35.57
N PRO C 230 28.38 -9.36 36.88
CA PRO C 230 27.11 -9.66 37.55
C PRO C 230 25.99 -8.77 36.98
N GLY C 231 26.35 -7.56 36.57
CA GLY C 231 25.35 -6.64 36.03
C GLY C 231 24.96 -6.81 34.57
N TYR C 232 25.66 -7.66 33.84
CA TYR C 232 25.39 -7.87 32.43
C TYR C 232 23.95 -8.26 32.07
N PRO C 233 23.39 -9.28 32.75
CA PRO C 233 22.02 -9.71 32.43
C PRO C 233 20.94 -8.62 32.58
N PHE C 234 20.95 -7.91 33.70
CA PHE C 234 19.96 -6.86 33.91
C PHE C 234 20.21 -5.69 32.96
N TRP C 235 21.48 -5.44 32.63
CA TRP C 235 21.80 -4.38 31.70
C TRP C 235 21.23 -4.70 30.32
N LYS C 236 21.42 -5.93 29.85
CA LYS C 236 20.91 -6.33 28.53
C LYS C 236 19.40 -6.16 28.47
N ARG C 237 18.73 -6.33 29.62
CA ARG C 237 17.29 -6.21 29.72
C ARG C 237 16.76 -4.77 29.73
N GLN C 238 17.26 -3.95 30.65
CA GLN C 238 16.75 -2.58 30.77
C GLN C 238 17.60 -1.41 30.36
N GLY C 239 18.91 -1.62 30.24
CA GLY C 239 19.81 -0.53 29.86
C GLY C 239 19.68 0.61 30.85
N THR C 240 19.72 1.84 30.36
CA THR C 240 19.61 3.00 31.22
C THR C 240 18.20 3.15 31.80
N MET C 241 17.22 2.48 31.19
CA MET C 241 15.83 2.57 31.65
C MET C 241 15.60 2.12 33.10
N ALA C 242 16.53 1.36 33.66
CA ALA C 242 16.43 0.93 35.05
C ALA C 242 16.42 2.15 36.00
N ALA C 243 16.86 3.30 35.52
CA ALA C 243 16.90 4.50 36.35
C ALA C 243 15.55 5.13 36.67
N VAL C 244 14.50 4.82 35.89
CA VAL C 244 13.19 5.42 36.18
C VAL C 244 12.75 5.03 37.59
N GLU C 245 12.79 3.74 37.92
CA GLU C 245 12.37 3.28 39.24
C GLU C 245 13.31 3.73 40.32
N TRP C 246 14.60 3.68 39.99
CA TRP C 246 15.62 4.09 40.94
C TRP C 246 15.47 5.55 41.34
N CYS C 247 15.28 6.42 40.36
CA CYS C 247 15.11 7.83 40.66
C CYS C 247 13.82 8.10 41.40
N ASN C 248 12.74 7.44 41.02
CA ASN C 248 11.45 7.62 41.68
C ASN C 248 11.54 7.21 43.15
N THR C 249 12.20 6.08 43.42
CA THR C 249 12.36 5.58 44.77
C THR C 249 13.14 6.58 45.63
N ASN C 250 14.09 7.27 45.01
CA ASN C 250 14.93 8.22 45.71
C ASN C 250 14.57 9.69 45.54
N TYR C 251 13.36 9.96 45.08
CA TYR C 251 12.86 11.32 44.89
C TYR C 251 13.74 12.19 44.00
N ALA C 252 14.28 11.57 42.95
CA ALA C 252 15.13 12.28 42.01
C ALA C 252 14.55 12.29 40.60
N LEU C 253 13.36 11.73 40.42
CA LEU C 253 12.71 11.67 39.10
C LEU C 253 12.03 13.02 38.79
N PRO C 254 12.56 13.79 37.80
CA PRO C 254 11.97 15.08 37.45
C PRO C 254 10.52 14.92 37.07
N THR C 255 9.64 15.52 37.85
CA THR C 255 8.21 15.41 37.59
C THR C 255 7.55 16.79 37.52
N ARG C 256 6.87 17.05 36.40
CA ARG C 256 6.17 18.31 36.13
C ARG C 256 7.11 19.51 36.27
N ASN C 257 8.01 19.65 35.31
CA ASN C 257 9.05 20.70 35.31
C ASN C 257 9.82 20.75 36.61
N PHE C 258 10.23 19.58 37.09
CA PHE C 258 11.01 19.42 38.33
C PHE C 258 10.30 19.85 39.59
N SER C 259 8.99 20.03 39.51
CA SER C 259 8.21 20.42 40.67
C SER C 259 8.39 19.37 41.80
N ASP C 260 8.36 18.10 41.43
CA ASP C 260 8.54 17.04 42.41
C ASP C 260 9.60 16.04 41.92
N GLY C 261 10.01 15.15 42.82
CA GLY C 261 10.99 14.15 42.49
C GLY C 261 10.30 12.79 42.47
N TYR C 262 8.98 12.80 42.52
CA TYR C 262 8.20 11.58 42.53
C TYR C 262 7.04 11.66 41.54
N PHE C 263 6.82 10.60 40.79
CA PHE C 263 5.76 10.57 39.80
C PHE C 263 4.88 9.36 40.08
N GLU C 264 3.58 9.62 40.24
CA GLU C 264 2.62 8.57 40.57
C GLU C 264 2.41 7.52 39.49
N PHE C 265 2.75 7.86 38.25
CA PHE C 265 2.60 6.92 37.15
C PHE C 265 3.93 6.45 36.57
N ALA C 266 4.97 6.45 37.40
CA ALA C 266 6.31 6.02 36.98
C ALA C 266 6.36 4.58 36.51
N ARG C 267 5.60 3.68 37.13
CA ARG C 267 5.66 2.27 36.70
C ARG C 267 5.28 2.08 35.25
N SER C 268 4.37 2.91 34.76
CA SER C 268 3.91 2.85 33.38
C SER C 268 4.85 3.44 32.32
N ILE C 269 5.99 3.99 32.78
CA ILE C 269 7.01 4.53 31.88
C ILE C 269 8.38 3.97 32.32
N ASP C 270 8.36 2.90 33.11
CA ASP C 270 9.63 2.34 33.59
C ASP C 270 10.33 1.26 32.75
N GLY C 271 11.42 0.73 33.31
CA GLY C 271 12.21 -0.29 32.63
C GLY C 271 11.50 -1.60 32.36
N TYR C 272 10.60 -2.00 33.27
CA TYR C 272 9.84 -3.25 33.12
C TYR C 272 8.80 -3.11 32.03
N THR C 273 8.20 -1.91 31.94
CA THR C 273 7.21 -1.61 30.90
C THR C 273 7.96 -1.60 29.55
N MET C 274 9.15 -0.99 29.54
CA MET C 274 9.96 -0.96 28.34
C MET C 274 10.28 -2.43 27.88
N GLU C 275 10.66 -3.31 28.82
CA GLU C 275 10.95 -4.71 28.48
C GLU C 275 9.76 -5.38 27.79
N GLY C 276 8.56 -5.11 28.30
CA GLY C 276 7.35 -5.69 27.72
C GLY C 276 7.01 -5.16 26.35
N MET C 277 7.63 -4.06 25.92
CA MET C 277 7.36 -3.53 24.59
C MET C 277 8.58 -3.42 23.65
N LYS C 278 9.69 -4.05 24.03
CA LYS C 278 10.91 -4.02 23.23
C LYS C 278 10.78 -4.96 22.02
N VAL C 279 11.19 -4.48 20.85
CA VAL C 279 11.13 -5.28 19.64
C VAL C 279 12.53 -5.44 19.01
N GLN C 280 13.48 -4.63 19.47
CA GLN C 280 14.85 -4.70 18.95
C GLN C 280 15.83 -4.09 19.93
N GLN C 281 17.11 -4.40 19.72
CA GLN C 281 18.20 -3.87 20.52
C GLN C 281 19.39 -3.57 19.59
N ARG C 282 19.80 -2.31 19.57
CA ARG C 282 20.89 -1.84 18.73
C ARG C 282 21.99 -1.30 19.65
N GLY C 283 23.13 -0.93 19.07
CA GLY C 283 24.22 -0.40 19.87
C GLY C 283 25.24 0.32 19.02
N CYS C 284 26.21 0.92 19.70
CA CYS C 284 27.27 1.65 19.03
C CYS C 284 28.34 0.65 18.53
N PRO C 285 29.28 1.11 17.70
CA PRO C 285 30.32 0.22 17.18
C PRO C 285 31.19 -0.40 18.26
N TYR C 286 31.58 -1.66 18.06
CA TYR C 286 32.47 -2.35 18.98
C TYR C 286 32.01 -2.49 20.42
N CYS C 287 30.69 -2.47 20.61
CA CYS C 287 30.12 -2.63 21.94
C CYS C 287 29.47 -4.00 22.08
N ASN C 288 29.84 -4.75 23.12
CA ASN C 288 29.24 -6.05 23.36
C ASN C 288 28.17 -6.01 24.46
N MET C 289 27.76 -4.80 24.85
CA MET C 289 26.69 -4.65 25.83
C MET C 289 25.73 -3.57 25.30
N PRO C 290 25.19 -3.77 24.07
CA PRO C 290 24.26 -2.82 23.43
C PRO C 290 23.12 -2.39 24.32
N CYS C 291 22.83 -1.10 24.31
CA CYS C 291 21.78 -0.58 25.15
C CYS C 291 20.73 0.25 24.41
N GLY C 292 20.76 0.21 23.08
CA GLY C 292 19.76 0.93 22.30
C GLY C 292 18.49 0.08 22.20
N ASN C 293 17.64 0.19 23.20
CA ASN C 293 16.40 -0.58 23.30
C ASN C 293 15.24 0.04 22.52
N VAL C 294 14.85 -0.64 21.45
CA VAL C 294 13.81 -0.17 20.55
C VAL C 294 12.45 -0.74 20.87
N VAL C 295 11.45 0.12 21.06
CA VAL C 295 10.09 -0.31 21.33
C VAL C 295 9.19 0.20 20.20
N LEU C 296 7.92 -0.22 20.22
CA LEU C 296 6.92 0.32 19.29
C LEU C 296 6.15 1.35 20.12
N ASP C 297 5.98 2.55 19.58
CA ASP C 297 5.24 3.57 20.29
C ASP C 297 3.71 3.41 20.09
N ALA C 298 2.94 4.36 20.59
CA ALA C 298 1.48 4.33 20.47
C ALA C 298 0.98 4.34 19.03
N GLU C 299 1.85 4.71 18.10
CA GLU C 299 1.51 4.78 16.70
C GLU C 299 2.10 3.62 15.91
N GLY C 300 2.61 2.62 16.63
CA GLY C 300 3.20 1.44 16.01
C GLY C 300 4.54 1.65 15.36
N GLN C 301 5.19 2.79 15.64
CA GLN C 301 6.50 3.15 15.08
C GLN C 301 7.65 2.80 16.02
N GLU C 302 8.80 2.49 15.45
CA GLU C 302 9.98 2.16 16.23
C GLU C 302 10.58 3.40 16.89
N SER C 303 10.96 3.23 18.16
CA SER C 303 11.50 4.33 18.94
C SER C 303 12.54 3.75 19.90
N GLU C 304 13.76 4.27 19.84
CA GLU C 304 14.83 3.81 20.73
C GLU C 304 14.77 4.62 22.03
N LEU C 305 14.57 3.95 23.16
CA LEU C 305 14.45 4.62 24.45
C LEU C 305 15.69 4.63 25.34
N ASP C 306 16.02 5.81 25.88
CA ASP C 306 17.13 6.03 26.82
C ASP C 306 16.47 6.70 28.02
N TYR C 307 17.01 6.49 29.22
CA TYR C 307 16.43 7.06 30.42
C TYR C 307 16.05 8.55 30.34
N GLU C 308 17.01 9.39 29.97
CA GLU C 308 16.80 10.84 29.88
C GLU C 308 15.61 11.22 29.00
N ASN C 309 15.47 10.53 27.87
CA ASN C 309 14.39 10.80 26.93
C ASN C 309 13.04 10.63 27.64
N VAL C 310 12.92 9.51 28.35
CA VAL C 310 11.69 9.17 29.07
C VAL C 310 11.43 10.06 30.29
N ALA C 311 12.48 10.38 31.05
CA ALA C 311 12.32 11.25 32.22
C ALA C 311 11.87 12.66 31.82
N LEU C 312 12.51 13.22 30.81
CA LEU C 312 12.17 14.58 30.40
C LEU C 312 10.96 14.71 29.50
N LEU C 313 10.61 13.66 28.76
CA LEU C 313 9.41 13.71 27.91
C LEU C 313 8.25 12.93 28.54
N GLY C 314 8.50 12.35 29.71
CA GLY C 314 7.50 11.55 30.40
C GLY C 314 7.10 12.14 31.74
N SER C 315 7.74 11.69 32.81
CA SER C 315 7.44 12.19 34.15
C SER C 315 7.50 13.72 34.24
N ASN C 316 8.52 14.30 33.60
CA ASN C 316 8.70 15.74 33.60
C ASN C 316 7.54 16.49 32.91
N LEU C 317 6.79 15.78 32.07
CA LEU C 317 5.67 16.38 31.36
C LEU C 317 4.34 15.90 31.91
N GLY C 318 4.38 15.13 32.99
CA GLY C 318 3.16 14.58 33.57
C GLY C 318 2.52 13.50 32.71
N ILE C 319 3.27 12.98 31.74
CA ILE C 319 2.78 11.92 30.84
C ILE C 319 3.21 10.54 31.36
N GLY C 320 2.23 9.71 31.68
CA GLY C 320 2.51 8.41 32.24
C GLY C 320 2.34 7.14 31.44
N LYS C 321 2.31 7.23 30.11
CA LYS C 321 2.19 6.03 29.30
C LYS C 321 3.42 5.96 28.44
N LEU C 322 4.20 4.89 28.56
CA LEU C 322 5.42 4.78 27.78
C LEU C 322 5.22 4.84 26.28
N ASN C 323 4.12 4.28 25.78
CA ASN C 323 3.87 4.29 24.35
C ASN C 323 3.68 5.71 23.82
N GLU C 324 3.15 6.59 24.66
CA GLU C 324 2.93 7.98 24.27
C GLU C 324 4.25 8.76 24.38
N VAL C 325 5.01 8.51 25.45
CA VAL C 325 6.32 9.13 25.61
C VAL C 325 7.21 8.71 24.42
N SER C 326 7.03 7.48 23.93
CA SER C 326 7.82 6.99 22.80
C SER C 326 7.50 7.72 21.50
N VAL C 327 6.30 8.24 21.34
CA VAL C 327 5.97 9.00 20.13
C VAL C 327 6.82 10.31 20.15
N LEU C 328 6.88 10.96 21.31
CA LEU C 328 7.64 12.20 21.49
C LEU C 328 9.13 11.92 21.27
N ASN C 329 9.56 10.77 21.80
CA ASN C 329 10.95 10.35 21.67
C ASN C 329 11.33 10.18 20.20
N ARG C 330 10.46 9.53 19.43
CA ARG C 330 10.72 9.32 18.02
C ARG C 330 10.75 10.65 17.28
N ILE C 331 9.84 11.57 17.61
CA ILE C 331 9.84 12.88 16.97
C ILE C 331 11.16 13.60 17.23
N ALA C 332 11.66 13.54 18.46
CA ALA C 332 12.91 14.20 18.79
C ALA C 332 14.03 13.65 17.94
N ASP C 333 14.04 12.33 17.75
CA ASP C 333 15.08 11.70 16.93
C ASP C 333 14.98 12.04 15.45
N GLU C 334 13.77 11.95 14.90
CA GLU C 334 13.52 12.24 13.48
C GLU C 334 13.85 13.68 13.10
N MET C 335 13.45 14.61 13.97
CA MET C 335 13.67 16.04 13.77
C MET C 335 15.07 16.46 14.13
N GLY C 336 15.73 15.65 14.94
CA GLY C 336 17.07 15.98 15.36
C GLY C 336 17.09 17.07 16.43
N MET C 337 16.39 16.85 17.55
CA MET C 337 16.40 17.80 18.68
C MET C 337 16.71 17.01 19.93
N ASP C 338 17.44 17.64 20.84
CA ASP C 338 17.79 17.02 22.12
C ASP C 338 16.52 16.72 22.91
N THR C 339 16.30 15.45 23.25
CA THR C 339 15.13 15.06 24.04
C THR C 339 15.06 15.80 25.40
N ILE C 340 16.22 16.03 26.02
CA ILE C 340 16.29 16.69 27.31
C ILE C 340 15.81 18.14 27.26
N SER C 341 16.49 18.97 26.45
CA SER C 341 16.13 20.37 26.32
C SER C 341 14.72 20.53 25.72
N LEU C 342 14.29 19.59 24.88
CA LEU C 342 12.96 19.66 24.29
C LEU C 342 11.95 19.47 25.41
N GLY C 343 12.17 18.44 26.22
CA GLY C 343 11.27 18.17 27.31
C GLY C 343 11.25 19.25 28.37
N VAL C 344 12.42 19.79 28.72
CA VAL C 344 12.48 20.84 29.73
C VAL C 344 11.81 22.12 29.22
N SER C 345 11.92 22.37 27.91
CA SER C 345 11.30 23.56 27.29
C SER C 345 9.79 23.39 27.26
N ILE C 346 9.33 22.20 26.89
CA ILE C 346 7.90 21.90 26.85
C ILE C 346 7.34 21.96 28.27
N ALA C 347 8.08 21.42 29.24
CA ALA C 347 7.66 21.38 30.65
C ALA C 347 7.53 22.81 31.20
N HIS C 348 8.44 23.67 30.76
CA HIS C 348 8.46 25.06 31.16
C HIS C 348 7.18 25.74 30.63
N VAL C 349 6.86 25.49 29.37
CA VAL C 349 5.65 26.04 28.78
C VAL C 349 4.39 25.55 29.53
N MET C 350 4.36 24.27 29.87
CA MET C 350 3.20 23.70 30.56
C MET C 350 2.96 24.37 31.91
N GLU C 351 4.04 24.63 32.66
CA GLU C 351 3.90 25.29 33.96
C GLU C 351 3.44 26.73 33.77
N ALA C 352 4.04 27.42 32.81
CA ALA C 352 3.67 28.81 32.53
C ALA C 352 2.20 28.90 32.13
N VAL C 353 1.74 27.91 31.37
CA VAL C 353 0.35 27.86 30.93
C VAL C 353 -0.57 27.64 32.11
N GLU C 354 -0.23 26.67 32.97
CA GLU C 354 -1.08 26.41 34.12
C GLU C 354 -1.03 27.50 35.19
N ARG C 355 0.03 28.32 35.18
CA ARG C 355 0.11 29.44 36.11
C ARG C 355 -0.57 30.68 35.49
N GLY C 356 -1.08 30.53 34.26
CA GLY C 356 -1.76 31.61 33.59
C GLY C 356 -0.84 32.65 32.99
N ILE C 357 0.45 32.39 33.02
CA ILE C 357 1.44 33.31 32.46
C ILE C 357 1.34 33.27 30.93
N LEU C 358 1.12 32.08 30.37
CA LEU C 358 0.93 31.90 28.93
C LEU C 358 -0.58 31.64 28.78
N LYS C 359 -1.20 32.29 27.82
CA LYS C 359 -2.65 32.11 27.62
C LYS C 359 -2.98 30.86 26.77
N GLU C 360 -2.08 30.51 25.87
CA GLU C 360 -2.24 29.37 24.98
C GLU C 360 -1.12 28.34 25.19
N GLY C 361 -1.44 27.05 25.04
CA GLY C 361 -0.41 26.04 25.19
C GLY C 361 -0.84 24.79 25.92
N PRO C 362 0.00 23.72 25.88
CA PRO C 362 -0.33 22.46 26.56
C PRO C 362 -0.14 22.54 28.08
N THR C 363 -0.75 21.61 28.79
CA THR C 363 -0.63 21.54 30.25
C THR C 363 -0.04 20.18 30.57
N PHE C 364 0.37 19.97 31.82
CA PHE C 364 0.95 18.69 32.20
C PHE C 364 -0.02 17.55 31.96
N GLY C 365 0.50 16.47 31.39
CA GLY C 365 -0.32 15.31 31.14
C GLY C 365 -0.98 15.34 29.80
N ASP C 366 -0.84 16.45 29.09
CA ASP C 366 -1.47 16.62 27.78
C ASP C 366 -0.57 16.09 26.65
N PHE C 367 -0.67 14.79 26.36
CA PHE C 367 0.15 14.18 25.32
C PHE C 367 -0.06 14.80 23.92
N LYS C 368 -1.32 14.94 23.51
CA LYS C 368 -1.65 15.51 22.22
C LYS C 368 -1.04 16.92 22.06
N GLY C 369 -1.19 17.72 23.11
CA GLY C 369 -0.66 19.07 23.11
C GLY C 369 0.86 19.11 23.12
N ALA C 370 1.49 18.14 23.79
CA ALA C 370 2.95 18.07 23.85
C ALA C 370 3.51 17.67 22.48
N LYS C 371 2.80 16.76 21.80
CA LYS C 371 3.22 16.28 20.49
C LYS C 371 3.19 17.42 19.49
N GLN C 372 2.08 18.15 19.48
CA GLN C 372 1.93 19.28 18.55
C GLN C 372 3.00 20.35 18.80
N LEU C 373 3.27 20.65 20.07
CA LEU C 373 4.29 21.64 20.39
C LEU C 373 5.69 21.14 19.97
N ALA C 374 5.98 19.86 20.14
CA ALA C 374 7.30 19.33 19.75
C ALA C 374 7.50 19.52 18.25
N LEU C 375 6.46 19.23 17.46
CA LEU C 375 6.51 19.39 16.01
C LEU C 375 6.62 20.87 15.64
N ASP C 376 5.95 21.73 16.40
CA ASP C 376 5.98 23.16 16.11
C ASP C 376 7.34 23.74 16.39
N ILE C 377 8.05 23.17 17.38
CA ILE C 377 9.40 23.63 17.73
C ILE C 377 10.35 23.27 16.59
N ALA C 378 10.29 22.03 16.12
CA ALA C 378 11.17 21.55 15.03
C ALA C 378 11.02 22.34 13.73
N TYR C 379 9.79 22.74 13.40
CA TYR C 379 9.51 23.49 12.18
C TYR C 379 9.33 24.99 12.44
N ARG C 380 9.59 25.41 13.69
CA ARG C 380 9.45 26.80 14.10
C ARG C 380 8.12 27.36 13.56
N LYS C 381 7.04 26.69 13.92
CA LYS C 381 5.70 27.05 13.47
C LYS C 381 4.91 27.77 14.58
N GLY C 382 4.65 29.06 14.36
CA GLY C 382 3.92 29.86 15.33
C GLY C 382 4.76 30.52 16.41
N GLU C 383 4.11 31.39 17.17
CA GLU C 383 4.74 32.12 18.26
C GLU C 383 5.26 31.17 19.38
N LEU C 384 4.43 30.22 19.80
CA LEU C 384 4.83 29.28 20.87
C LEU C 384 6.01 28.40 20.47
N GLY C 385 5.94 27.78 19.30
CA GLY C 385 7.01 26.92 18.81
C GLY C 385 8.34 27.64 18.60
N ASN C 386 8.30 28.88 18.15
CA ASN C 386 9.53 29.64 17.94
C ASN C 386 10.16 30.02 19.27
N LEU C 387 9.31 30.40 20.22
CA LEU C 387 9.77 30.78 21.54
C LEU C 387 10.43 29.60 22.28
N ALA C 388 9.77 28.44 22.28
CA ALA C 388 10.29 27.24 22.94
C ALA C 388 11.56 26.72 22.27
N ALA C 389 11.66 26.92 20.97
CA ALA C 389 12.83 26.51 20.18
C ALA C 389 14.08 27.24 20.66
N GLU C 390 13.90 28.29 21.47
CA GLU C 390 15.04 29.07 21.97
C GLU C 390 15.65 28.48 23.25
N GLY C 391 14.92 27.59 23.92
CA GLY C 391 15.42 27.03 25.16
C GLY C 391 14.80 27.81 26.31
N VAL C 392 14.84 27.25 27.51
CA VAL C 392 14.26 27.88 28.70
C VAL C 392 14.85 29.21 29.16
N LYS C 393 16.17 29.38 29.04
CA LYS C 393 16.81 30.62 29.48
C LYS C 393 16.27 31.79 28.67
N ALA C 394 16.31 31.66 27.34
CA ALA C 394 15.83 32.71 26.45
C ALA C 394 14.33 32.90 26.61
N MET C 395 13.61 31.79 26.76
CA MET C 395 12.18 31.83 26.92
C MET C 395 11.76 32.48 28.24
N ALA C 396 12.51 32.20 29.30
CA ALA C 396 12.20 32.74 30.63
C ALA C 396 12.39 34.25 30.67
N GLU C 397 13.37 34.72 29.91
CA GLU C 397 13.68 36.13 29.85
C GLU C 397 12.50 36.86 29.21
N LYS C 398 11.90 36.27 28.19
CA LYS C 398 10.77 36.91 27.53
C LYS C 398 9.50 36.85 28.36
N LEU C 399 9.23 35.71 28.98
CA LEU C 399 8.01 35.57 29.78
C LEU C 399 8.16 35.99 31.24
N GLY C 400 9.40 36.21 31.68
CA GLY C 400 9.65 36.59 33.06
C GLY C 400 9.38 35.43 33.99
N THR C 401 9.79 34.25 33.55
CA THR C 401 9.57 33.01 34.30
C THR C 401 10.87 32.32 34.78
N HIS C 402 11.88 33.15 35.04
CA HIS C 402 13.18 32.71 35.52
C HIS C 402 13.08 31.79 36.76
N ASP C 403 12.06 32.04 37.59
CA ASP C 403 11.81 31.27 38.81
C ASP C 403 11.70 29.77 38.55
N PHE C 404 11.17 29.39 37.40
CA PHE C 404 11.06 27.97 37.10
C PHE C 404 11.75 27.53 35.79
N ALA C 405 12.82 28.24 35.42
CA ALA C 405 13.60 27.93 34.22
C ALA C 405 14.73 27.03 34.68
N MET C 406 14.58 25.73 34.45
CA MET C 406 15.56 24.73 34.88
C MET C 406 16.76 24.58 33.94
N HIS C 407 17.81 25.34 34.20
CA HIS C 407 19.03 25.29 33.39
C HIS C 407 20.20 25.84 34.19
N VAL C 408 21.40 25.59 33.65
CA VAL C 408 22.64 26.11 34.21
C VAL C 408 23.47 26.53 32.99
N LYS C 409 23.80 27.82 32.95
CA LYS C 409 24.55 28.42 31.86
C LYS C 409 23.78 28.36 30.54
N GLY C 410 22.46 28.20 30.63
CA GLY C 410 21.65 28.14 29.43
C GLY C 410 21.38 26.75 28.89
N LEU C 411 21.98 25.72 29.48
CA LEU C 411 21.74 24.36 29.02
C LEU C 411 20.77 23.78 30.04
N GLU C 412 19.65 23.22 29.57
CA GLU C 412 18.68 22.70 30.51
C GLU C 412 19.13 21.50 31.33
N VAL C 413 18.71 21.50 32.60
CA VAL C 413 19.04 20.42 33.54
C VAL C 413 18.52 19.10 33.01
N SER C 414 19.27 18.02 33.26
CA SER C 414 18.85 16.72 32.81
C SER C 414 17.95 15.94 33.79
N GLY C 415 17.98 14.62 33.71
CA GLY C 415 17.09 13.77 34.48
C GLY C 415 17.21 13.47 35.96
N TYR C 416 17.85 14.36 36.72
CA TYR C 416 18.00 14.15 38.15
C TYR C 416 17.57 15.39 38.92
N ASN C 417 16.50 15.25 39.70
CA ASN C 417 15.97 16.34 40.49
C ASN C 417 16.78 16.37 41.79
N CYS C 418 17.45 17.50 42.03
CA CYS C 418 18.36 17.62 43.17
C CYS C 418 18.02 18.47 44.39
N TYR C 419 16.75 18.52 44.78
CA TYR C 419 16.34 19.30 45.95
C TYR C 419 17.16 18.93 47.18
N ILE C 420 17.41 17.64 47.35
CA ILE C 420 18.13 17.14 48.50
C ILE C 420 19.47 16.48 48.15
N TYR C 421 20.02 16.80 46.99
CA TYR C 421 21.29 16.21 46.60
C TYR C 421 22.32 17.27 46.20
N PRO C 422 23.04 17.83 47.19
CA PRO C 422 24.07 18.88 47.02
C PRO C 422 25.18 18.57 45.99
N ALA C 423 25.81 17.41 46.10
CA ALA C 423 26.88 17.02 45.18
C ALA C 423 26.38 16.96 43.74
N MET C 424 25.18 16.43 43.53
CA MET C 424 24.66 16.36 42.17
C MET C 424 24.32 17.77 41.66
N ALA C 425 23.88 18.63 42.58
CA ALA C 425 23.55 20.01 42.23
C ALA C 425 24.85 20.71 41.84
N LEU C 426 25.94 20.40 42.54
CA LEU C 426 27.26 20.97 42.27
C LEU C 426 27.74 20.45 40.90
N ALA C 427 27.41 19.19 40.61
CA ALA C 427 27.76 18.57 39.35
C ALA C 427 27.11 19.35 38.21
N TYR C 428 25.82 19.64 38.36
CA TYR C 428 25.08 20.40 37.34
C TYR C 428 25.60 21.84 37.29
N GLY C 429 25.89 22.41 38.46
CA GLY C 429 26.36 23.78 38.52
C GLY C 429 27.70 23.99 37.87
N THR C 430 28.63 23.05 38.05
CA THR C 430 29.98 23.17 37.49
C THR C 430 30.25 22.47 36.16
N SER C 431 29.25 21.77 35.63
CA SER C 431 29.43 21.07 34.35
C SER C 431 30.02 22.02 33.32
N ALA C 432 31.14 21.61 32.71
CA ALA C 432 31.86 22.42 31.72
C ALA C 432 31.08 22.99 30.53
N ILE C 433 30.03 22.29 30.12
CA ILE C 433 29.21 22.73 28.97
C ILE C 433 27.84 23.30 29.35
N GLY C 434 27.55 23.38 30.65
CA GLY C 434 26.25 23.82 31.10
C GLY C 434 25.60 22.59 31.77
N ALA C 435 24.42 22.74 32.37
CA ALA C 435 23.75 21.62 33.06
C ALA C 435 23.69 20.31 32.28
N HIS C 436 24.36 19.29 32.79
CA HIS C 436 24.37 17.97 32.18
C HIS C 436 24.94 17.01 33.24
N HIS C 437 24.45 15.79 33.27
CA HIS C 437 24.95 14.79 34.22
C HIS C 437 26.17 14.07 33.62
N LYS C 438 26.40 14.29 32.33
CA LYS C 438 27.52 13.68 31.62
C LYS C 438 28.83 13.56 32.38
N GLU C 439 29.34 14.70 32.82
CA GLU C 439 30.65 14.76 33.47
C GLU C 439 30.76 14.27 34.90
N ALA C 440 29.64 14.13 35.59
CA ALA C 440 29.66 13.67 36.98
C ALA C 440 28.28 13.22 37.44
N TRP C 441 28.04 11.91 37.43
CA TRP C 441 26.77 11.39 37.89
C TRP C 441 27.11 10.89 39.29
N VAL C 442 27.08 11.85 40.21
CA VAL C 442 27.47 11.61 41.59
C VAL C 442 26.31 11.31 42.54
N ILE C 443 25.09 11.49 42.03
CA ILE C 443 23.89 11.26 42.82
C ILE C 443 23.81 9.81 43.35
N ALA C 444 24.28 8.86 42.54
CA ALA C 444 24.26 7.45 42.93
C ALA C 444 25.13 7.23 44.17
N TRP C 445 26.32 7.85 44.17
CA TRP C 445 27.27 7.75 45.27
C TRP C 445 26.76 8.50 46.50
N GLU C 446 26.01 9.56 46.23
CA GLU C 446 25.45 10.40 47.27
C GLU C 446 24.39 9.62 48.05
N ILE C 447 23.64 8.75 47.36
CA ILE C 447 22.63 7.96 48.08
C ILE C 447 23.10 6.59 48.52
N GLY C 448 24.04 5.99 47.78
CA GLY C 448 24.54 4.68 48.17
C GLY C 448 24.08 3.46 47.37
N THR C 449 23.19 3.67 46.41
CA THR C 449 22.70 2.58 45.55
C THR C 449 22.80 3.02 44.10
N ALA C 450 22.56 2.08 43.18
CA ALA C 450 22.61 2.38 41.75
C ALA C 450 21.49 1.64 40.99
N PRO C 451 20.98 2.22 39.88
CA PRO C 451 19.91 1.61 39.08
C PRO C 451 20.18 0.14 38.70
N ILE C 452 21.45 -0.17 38.37
CA ILE C 452 21.89 -1.51 37.96
C ILE C 452 21.52 -2.59 38.99
N GLU C 453 21.30 -2.18 40.23
CA GLU C 453 20.92 -3.10 41.30
C GLU C 453 19.42 -3.44 41.37
N TYR C 462 18.71 8.11 54.07
CA TYR C 462 19.44 9.29 53.48
C TYR C 462 19.33 10.62 54.24
N LYS C 463 20.47 11.17 54.60
CA LYS C 463 20.53 12.45 55.30
C LYS C 463 21.41 13.41 54.48
N ILE C 464 20.83 14.54 54.11
CA ILE C 464 21.52 15.53 53.32
C ILE C 464 22.81 15.98 54.00
N SER C 465 23.88 16.11 53.23
CA SER C 465 25.17 16.54 53.74
C SER C 465 25.83 17.49 52.75
N TYR C 466 26.75 18.33 53.25
CA TYR C 466 27.47 19.27 52.41
C TYR C 466 28.98 19.12 52.62
N ASP C 467 29.38 17.96 53.12
CA ASP C 467 30.78 17.67 53.37
C ASP C 467 31.64 18.12 52.17
N PRO C 468 32.78 18.80 52.43
CA PRO C 468 33.71 19.28 51.41
C PRO C 468 34.20 18.17 50.48
N ILE C 469 34.24 16.95 51.01
CA ILE C 469 34.66 15.77 50.27
C ILE C 469 33.81 15.55 49.00
N LYS C 470 32.56 16.01 49.04
CA LYS C 470 31.64 15.88 47.91
C LYS C 470 32.13 16.67 46.70
N ALA C 471 32.85 17.76 46.95
CA ALA C 471 33.40 18.55 45.85
C ALA C 471 34.58 17.79 45.25
N GLN C 472 35.31 17.08 46.11
CA GLN C 472 36.45 16.29 45.69
C GLN C 472 35.92 15.18 44.79
N LYS C 473 34.82 14.55 45.20
CA LYS C 473 34.22 13.48 44.42
C LYS C 473 33.81 14.00 43.03
N VAL C 474 33.17 15.16 42.99
CA VAL C 474 32.74 15.72 41.71
C VAL C 474 33.95 15.99 40.80
N VAL C 475 35.07 16.48 41.36
CA VAL C 475 36.25 16.74 40.55
C VAL C 475 36.82 15.42 40.00
N GLU C 476 36.84 14.41 40.86
CA GLU C 476 37.36 13.10 40.47
C GLU C 476 36.53 12.52 39.33
N LEU C 477 35.21 12.58 39.45
CA LEU C 477 34.35 12.04 38.43
C LEU C 477 34.47 12.84 37.13
N GLN C 478 34.60 14.16 37.25
CA GLN C 478 34.74 15.02 36.08
C GLN C 478 36.02 14.66 35.32
N ARG C 479 37.07 14.34 36.06
CA ARG C 479 38.34 13.95 35.42
C ARG C 479 38.18 12.73 34.52
N LEU C 480 37.36 11.79 34.95
CA LEU C 480 37.12 10.56 34.21
C LEU C 480 36.04 10.71 33.15
N ARG C 481 34.86 11.16 33.57
CA ARG C 481 33.72 11.32 32.67
C ARG C 481 33.77 12.51 31.75
N GLY C 482 34.21 13.67 32.25
CA GLY C 482 34.29 14.84 31.40
C GLY C 482 35.64 14.96 30.74
N GLY C 483 36.59 14.13 31.17
CA GLY C 483 37.92 14.17 30.62
C GLY C 483 38.29 12.90 29.89
N LEU C 484 38.76 11.90 30.61
CA LEU C 484 39.17 10.64 29.98
C LEU C 484 38.24 10.08 28.89
N PHE C 485 37.00 9.79 29.25
CA PHE C 485 36.07 9.21 28.29
C PHE C 485 35.69 10.11 27.13
N GLU C 486 35.81 11.41 27.32
CA GLU C 486 35.52 12.35 26.22
C GLU C 486 36.76 12.58 25.36
N MET C 487 37.91 12.07 25.79
CA MET C 487 39.16 12.25 25.06
C MET C 487 39.62 11.03 24.29
N LEU C 488 39.31 9.84 24.79
CA LEU C 488 39.74 8.61 24.12
C LEU C 488 39.30 8.42 22.66
N THR C 489 38.01 8.54 22.30
CA THR C 489 36.89 8.85 23.19
C THR C 489 36.13 7.50 23.18
N ALA C 490 35.78 7.01 24.37
CA ALA C 490 35.11 5.71 24.47
C ALA C 490 33.93 5.77 25.43
N CYS C 491 33.04 4.79 25.36
CA CYS C 491 31.87 4.79 26.23
C CYS C 491 32.24 4.57 27.69
N ARG C 492 31.68 5.41 28.54
CA ARG C 492 31.93 5.32 29.98
C ARG C 492 31.01 4.28 30.68
N LEU C 493 29.98 3.79 29.97
CA LEU C 493 29.05 2.85 30.59
C LEU C 493 29.57 1.48 31.04
N PRO C 494 30.48 0.87 30.27
CA PRO C 494 30.99 -0.43 30.73
C PRO C 494 31.51 -0.28 32.15
N TRP C 495 32.20 0.82 32.42
CA TRP C 495 32.72 1.09 33.76
C TRP C 495 31.62 1.48 34.75
N VAL C 496 30.79 2.46 34.39
CA VAL C 496 29.74 2.95 35.28
C VAL C 496 28.71 1.90 35.65
N GLU C 497 28.23 1.20 34.63
CA GLU C 497 27.18 0.21 34.79
C GLU C 497 27.53 -1.19 35.21
N VAL C 498 28.46 -1.84 34.50
CA VAL C 498 28.81 -3.20 34.82
C VAL C 498 30.14 -3.38 35.55
N GLY C 499 30.75 -2.25 35.92
CA GLY C 499 32.01 -2.28 36.67
C GLY C 499 33.29 -2.67 35.95
N LEU C 500 33.38 -2.41 34.63
CA LEU C 500 34.61 -2.73 33.91
C LEU C 500 35.75 -1.98 34.60
N SER C 501 36.85 -2.67 34.86
CA SER C 501 37.96 -2.03 35.52
C SER C 501 38.53 -0.86 34.71
N LEU C 502 38.76 0.26 35.39
CA LEU C 502 39.33 1.44 34.75
C LEU C 502 40.79 1.23 34.34
N ASP C 503 41.45 0.22 34.92
CA ASP C 503 42.85 -0.10 34.63
C ASP C 503 43.11 -0.50 33.19
N TYR C 504 42.06 -0.88 32.47
CA TYR C 504 42.21 -1.21 31.05
C TYR C 504 42.57 0.01 30.24
N TYR C 505 41.99 1.15 30.61
CA TYR C 505 42.20 2.38 29.86
C TYR C 505 43.62 2.90 29.67
N PRO C 506 44.38 3.07 30.77
CA PRO C 506 45.76 3.56 30.58
C PRO C 506 46.57 2.51 29.78
N LYS C 507 46.31 1.23 30.04
CA LYS C 507 47.01 0.14 29.34
C LYS C 507 46.67 0.09 27.85
N LEU C 508 45.40 0.29 27.51
CA LEU C 508 44.98 0.30 26.11
C LEU C 508 45.61 1.49 25.38
N LEU C 509 45.61 2.65 26.05
CA LEU C 509 46.19 3.90 25.49
C LEU C 509 47.70 3.73 25.17
N LYS C 510 48.40 2.95 26.01
CA LYS C 510 49.81 2.66 25.83
C LYS C 510 50.00 1.70 24.65
N ALA C 511 49.18 0.64 24.57
CA ALA C 511 49.26 -0.34 23.47
C ALA C 511 49.02 0.29 22.10
N ILE C 512 48.14 1.29 22.07
CA ILE C 512 47.80 1.99 20.85
C ILE C 512 48.84 3.06 20.42
N THR C 513 49.10 4.01 21.32
CA THR C 513 50.02 5.12 21.02
C THR C 513 51.49 4.91 21.30
N GLY C 514 51.81 3.95 22.17
CA GLY C 514 53.19 3.70 22.55
C GLY C 514 53.60 4.60 23.70
N VAL C 515 52.73 5.54 24.08
CA VAL C 515 52.98 6.49 25.16
C VAL C 515 52.35 6.07 26.49
N THR C 516 53.17 6.06 27.53
CA THR C 516 52.70 5.72 28.88
C THR C 516 52.04 6.94 29.55
N TYR C 517 50.85 6.74 30.10
CA TYR C 517 50.12 7.77 30.85
C TYR C 517 49.83 7.16 32.21
N THR C 518 50.30 7.78 33.28
CA THR C 518 49.96 7.28 34.60
C THR C 518 48.59 7.92 34.93
N TRP C 519 47.96 7.51 36.02
CA TRP C 519 46.68 8.10 36.38
C TRP C 519 46.82 9.60 36.66
N ASP C 520 47.94 10.00 37.28
CA ASP C 520 48.20 11.43 37.55
C ASP C 520 48.33 12.21 36.23
N ASP C 521 48.91 11.57 35.20
CA ASP C 521 49.07 12.20 33.88
C ASP C 521 47.67 12.44 33.30
N LEU C 522 46.79 11.45 33.47
CA LEU C 522 45.43 11.54 32.96
C LEU C 522 44.61 12.58 33.71
N TYR C 523 44.76 12.65 35.04
CA TYR C 523 44.04 13.65 35.83
C TYR C 523 44.48 15.04 35.41
N LYS C 524 45.80 15.22 35.24
CA LYS C 524 46.36 16.50 34.82
C LYS C 524 45.84 16.89 33.42
N ALA C 525 45.83 15.94 32.49
CA ALA C 525 45.34 16.17 31.13
C ALA C 525 43.87 16.56 31.16
N ALA C 526 43.12 15.91 32.04
CA ALA C 526 41.69 16.22 32.20
C ALA C 526 41.51 17.62 32.82
N ASP C 527 42.34 17.95 33.83
CA ASP C 527 42.24 19.27 34.46
C ASP C 527 42.63 20.38 33.50
N ARG C 528 43.57 20.08 32.60
CA ARG C 528 44.02 21.04 31.59
C ARG C 528 42.82 21.34 30.70
N VAL C 529 42.10 20.30 30.30
CA VAL C 529 40.93 20.49 29.46
C VAL C 529 39.86 21.29 30.19
N TYR C 530 39.66 21.01 31.47
CA TYR C 530 38.65 21.75 32.23
C TYR C 530 38.97 23.24 32.34
N SER C 531 40.24 23.59 32.59
CA SER C 531 40.62 25.00 32.70
C SER C 531 40.65 25.70 31.34
N LEU C 532 41.06 24.99 30.28
CA LEU C 532 41.05 25.59 28.95
C LEU C 532 39.60 25.89 28.54
N ILE C 533 38.67 24.99 28.88
CA ILE C 533 37.26 25.20 28.53
C ILE C 533 36.68 26.35 29.35
N ARG C 534 37.00 26.39 30.64
CA ARG C 534 36.50 27.46 31.50
C ARG C 534 37.05 28.80 31.00
N ALA C 535 38.32 28.79 30.58
CA ALA C 535 38.95 30.00 30.04
C ALA C 535 38.28 30.45 28.74
N TYR C 536 37.83 29.49 27.92
CA TYR C 536 37.13 29.79 26.67
C TYR C 536 35.81 30.50 26.99
N TRP C 537 35.08 30.00 27.99
CA TRP C 537 33.81 30.59 28.42
C TRP C 537 34.05 32.04 28.88
N VAL C 538 35.00 32.24 29.79
CA VAL C 538 35.30 33.55 30.33
C VAL C 538 35.65 34.54 29.22
N ARG C 539 36.54 34.12 28.32
CA ARG C 539 36.95 34.97 27.22
C ARG C 539 35.77 35.30 26.27
N GLU C 540 34.97 34.30 25.95
CA GLU C 540 33.83 34.54 25.07
C GLU C 540 32.75 35.38 25.74
N PHE C 541 32.70 35.34 27.08
CA PHE C 541 31.74 36.15 27.83
C PHE C 541 32.29 37.56 28.10
N ASN C 542 33.46 37.85 27.53
CA ASN C 542 34.12 39.15 27.64
C ASN C 542 34.40 39.53 29.10
N GLY C 543 34.83 38.54 29.89
CA GLY C 543 35.15 38.78 31.29
C GLY C 543 33.99 38.88 32.25
N LYS C 544 32.76 38.96 31.74
CA LYS C 544 31.59 39.03 32.61
C LYS C 544 31.33 37.62 33.10
N TRP C 545 31.82 37.36 34.30
CA TRP C 545 31.74 36.03 34.87
C TRP C 545 31.95 36.05 36.39
N ASP C 546 31.15 35.25 37.10
CA ASP C 546 31.31 35.10 38.54
C ASP C 546 30.77 33.74 38.99
N ARG C 547 30.86 33.46 40.29
CA ARG C 547 30.45 32.19 40.87
C ARG C 547 29.02 31.75 40.64
N LYS C 548 28.11 32.70 40.44
CA LYS C 548 26.72 32.38 40.20
C LYS C 548 26.54 31.63 38.88
N MET C 549 27.55 31.70 38.01
CA MET C 549 27.52 30.99 36.73
C MET C 549 27.54 29.48 37.02
N ASP C 550 28.14 29.10 38.15
CA ASP C 550 28.23 27.70 38.59
C ASP C 550 27.17 27.30 39.63
N TYR C 551 26.08 28.06 39.69
CA TYR C 551 24.98 27.77 40.61
C TYR C 551 23.90 26.93 39.97
N PRO C 552 23.25 26.04 40.75
CA PRO C 552 22.18 25.17 40.24
C PRO C 552 20.92 26.07 40.11
N PRO C 553 19.84 25.56 39.49
CA PRO C 553 18.67 26.42 39.37
C PRO C 553 18.08 26.86 40.74
N LYS C 554 17.50 28.05 40.70
CA LYS C 554 16.92 28.72 41.86
C LYS C 554 15.82 27.91 42.54
N ARG C 555 15.06 27.15 41.76
CA ARG C 555 13.98 26.31 42.30
C ARG C 555 14.41 25.34 43.41
N TRP C 556 15.63 24.82 43.33
CA TRP C 556 16.11 23.87 44.35
C TRP C 556 16.43 24.52 45.69
N PHE C 557 16.41 25.86 45.71
CA PHE C 557 16.69 26.64 46.92
C PHE C 557 15.39 27.23 47.49
N THR C 558 14.54 27.72 46.60
CA THR C 558 13.29 28.36 46.99
C THR C 558 12.11 27.44 47.27
N GLU C 559 12.09 26.25 46.69
CA GLU C 559 11.02 25.26 46.92
C GLU C 559 11.65 23.95 47.39
N GLY C 560 10.82 23.02 47.80
CA GLY C 560 11.32 21.73 48.25
C GLY C 560 10.53 20.60 47.62
N LEU C 561 10.87 19.37 47.97
CA LEU C 561 10.16 18.21 47.44
C LEU C 561 8.70 18.34 47.88
N LYS C 562 7.78 17.87 47.04
CA LYS C 562 6.36 17.98 47.34
C LYS C 562 5.78 16.69 47.92
N SER C 563 6.57 15.62 47.94
CA SER C 563 6.10 14.31 48.42
C SER C 563 7.11 13.58 49.27
N GLY C 564 6.63 12.46 49.83
CA GLY C 564 7.45 11.58 50.62
C GLY C 564 8.02 12.11 51.91
N PRO C 565 8.85 11.29 52.58
CA PRO C 565 9.52 11.57 53.84
C PRO C 565 10.42 12.81 53.83
N HIS C 566 10.85 13.23 52.63
CA HIS C 566 11.70 14.41 52.48
C HIS C 566 10.89 15.61 52.01
N LYS C 567 9.57 15.52 52.14
CA LYS C 567 8.71 16.63 51.72
C LYS C 567 9.17 17.92 52.37
N GLY C 568 9.22 18.99 51.56
CA GLY C 568 9.62 20.31 52.02
C GLY C 568 11.12 20.63 51.99
N GLU C 569 11.95 19.59 51.92
CA GLU C 569 13.39 19.75 51.92
C GLU C 569 13.98 20.28 50.62
N HIS C 570 15.03 21.09 50.76
CA HIS C 570 15.70 21.69 49.61
C HIS C 570 17.14 22.04 49.95
N LEU C 571 17.81 22.69 49.01
CA LEU C 571 19.20 23.06 49.22
C LEU C 571 19.31 24.39 49.94
N ASP C 572 20.42 24.55 50.65
CA ASP C 572 20.72 25.77 51.39
C ASP C 572 21.78 26.52 50.58
N GLU C 573 21.53 27.79 50.33
CA GLU C 573 22.43 28.60 49.55
C GLU C 573 23.81 28.78 50.17
N LYS C 574 23.85 29.19 51.44
CA LYS C 574 25.10 29.42 52.15
C LYS C 574 25.99 28.19 52.12
N LYS C 575 25.40 27.03 52.39
CA LYS C 575 26.13 25.77 52.42
C LYS C 575 26.58 25.32 51.04
N TYR C 576 25.77 25.60 50.01
CA TYR C 576 26.13 25.24 48.65
C TYR C 576 27.29 26.12 48.22
N ASP C 577 27.22 27.39 48.63
CA ASP C 577 28.24 28.36 48.28
C ASP C 577 29.61 27.97 48.83
N GLU C 578 29.63 27.36 50.02
CA GLU C 578 30.87 26.93 50.65
C GLU C 578 31.40 25.69 49.93
N LEU C 579 30.49 24.81 49.49
CA LEU C 579 30.86 23.61 48.76
C LEU C 579 31.47 24.01 47.41
N LEU C 580 30.91 25.04 46.79
CA LEU C 580 31.42 25.55 45.51
C LEU C 580 32.82 26.11 45.71
N SER C 581 33.06 26.81 46.82
CA SER C 581 34.39 27.35 47.11
C SER C 581 35.39 26.20 47.29
N GLU C 582 34.92 25.08 47.83
CA GLU C 582 35.79 23.92 48.00
C GLU C 582 36.15 23.39 46.60
N TYR C 583 35.17 23.36 45.71
CA TYR C 583 35.38 22.92 44.34
C TYR C 583 36.46 23.80 43.66
N TYR C 584 36.36 25.12 43.82
CA TYR C 584 37.34 26.05 43.23
C TYR C 584 38.71 25.87 43.85
N ARG C 585 38.71 25.59 45.15
CA ARG C 585 39.95 25.37 45.91
C ARG C 585 40.69 24.18 45.31
N ILE C 586 39.97 23.09 45.07
CA ILE C 586 40.55 21.87 44.48
C ILE C 586 41.00 22.12 43.03
N ARG C 587 40.22 22.87 42.26
CA ARG C 587 40.57 23.15 40.87
C ARG C 587 41.61 24.24 40.68
N GLY C 588 41.87 25.02 41.73
CA GLY C 588 42.84 26.10 41.64
C GLY C 588 42.25 27.28 40.88
N TRP C 589 40.94 27.48 41.06
CA TRP C 589 40.24 28.58 40.42
C TRP C 589 39.96 29.61 41.50
N ASP C 590 39.76 30.86 41.10
CA ASP C 590 39.47 31.90 42.07
C ASP C 590 38.00 31.86 42.52
N GLU C 591 37.61 32.78 43.38
CA GLU C 591 36.26 32.83 43.90
C GLU C 591 35.19 33.27 42.89
N ARG C 592 35.62 33.46 41.64
CA ARG C 592 34.72 33.84 40.54
C ARG C 592 34.59 32.64 39.56
N GLY C 593 35.29 31.54 39.86
CA GLY C 593 35.27 30.36 39.01
C GLY C 593 36.15 30.50 37.80
N ILE C 594 37.17 31.34 37.93
CA ILE C 594 38.12 31.61 36.84
C ILE C 594 39.46 31.02 37.26
N PRO C 595 40.12 30.28 36.36
CA PRO C 595 41.43 29.67 36.69
C PRO C 595 42.47 30.72 37.09
N LYS C 596 43.27 30.41 38.11
CA LYS C 596 44.30 31.31 38.56
C LYS C 596 45.50 31.18 37.65
N LYS C 597 46.33 32.22 37.60
CA LYS C 597 47.52 32.22 36.76
C LYS C 597 48.44 31.04 37.05
N GLU C 598 48.66 30.72 38.32
CA GLU C 598 49.54 29.61 38.66
C GLU C 598 48.92 28.27 38.23
N THR C 599 47.59 28.19 38.30
CA THR C 599 46.89 26.97 37.88
C THR C 599 47.10 26.79 36.37
N LEU C 600 46.85 27.85 35.61
CA LEU C 600 47.06 27.83 34.17
C LEU C 600 48.51 27.47 33.79
N LYS C 601 49.48 28.03 34.50
CA LYS C 601 50.89 27.74 34.23
C LYS C 601 51.17 26.28 34.52
N GLU C 602 50.63 25.79 35.63
CA GLU C 602 50.81 24.41 36.07
C GLU C 602 50.28 23.42 35.03
N LEU C 603 49.16 23.79 34.41
CA LEU C 603 48.51 22.94 33.41
C LEU C 603 49.01 23.15 31.97
N ASP C 604 50.11 23.89 31.81
CA ASP C 604 50.70 24.19 30.50
C ASP C 604 49.75 25.00 29.62
N LEU C 605 49.04 25.93 30.24
CA LEU C 605 48.10 26.77 29.53
C LEU C 605 48.52 28.22 29.63
N ASP C 606 49.83 28.46 29.63
CA ASP C 606 50.38 29.84 29.72
C ASP C 606 49.77 30.77 28.68
N PHE C 607 49.58 30.24 27.48
CA PHE C 607 49.04 31.00 26.36
C PHE C 607 47.66 31.58 26.63
N VAL C 608 46.98 31.04 27.64
CA VAL C 608 45.64 31.50 28.01
C VAL C 608 45.64 32.81 28.79
N ILE C 609 46.68 33.03 29.59
CA ILE C 609 46.81 34.21 30.44
C ILE C 609 46.63 35.58 29.78
N PRO C 610 47.39 35.88 28.71
CA PRO C 610 47.27 37.18 28.01
C PRO C 610 45.85 37.48 27.53
N GLU C 611 45.20 36.47 26.99
CA GLU C 611 43.83 36.61 26.47
C GLU C 611 42.81 36.88 27.58
N LEU C 612 42.95 36.21 28.73
CA LEU C 612 42.02 36.43 29.83
C LEU C 612 42.24 37.82 30.45
N GLU C 613 43.51 38.25 30.51
CA GLU C 613 43.86 39.56 31.06
C GLU C 613 43.26 40.73 30.28
N LYS C 614 42.96 40.53 28.99
CA LYS C 614 42.34 41.59 28.19
C LYS C 614 40.87 41.79 28.59
N VAL C 615 40.26 40.78 29.24
CA VAL C 615 38.85 40.87 29.63
C VAL C 615 38.55 41.01 31.12
N THR C 616 39.50 40.60 31.98
CA THR C 616 39.36 40.73 33.44
C THR C 616 40.71 40.64 34.11
N ASN C 617 40.68 40.69 35.43
CA ASN C 617 41.87 40.59 36.21
C ASN C 617 41.95 39.14 36.68
N LEU C 618 43.14 38.56 36.60
CA LEU C 618 43.31 37.20 37.03
C LEU C 618 43.97 37.21 38.39
N GLU C 619 43.84 36.10 39.09
CA GLU C 619 44.46 35.94 40.39
C GLU C 619 45.48 34.84 40.25
N MET D 1 -46.92 -12.11 30.13
CA MET D 1 -45.86 -11.94 31.15
C MET D 1 -44.99 -10.75 30.81
N TYR D 2 -44.26 -10.27 31.81
CA TYR D 2 -43.35 -9.13 31.66
C TYR D 2 -41.94 -9.66 31.75
N GLY D 3 -40.99 -8.92 31.18
CA GLY D 3 -39.61 -9.34 31.21
C GLY D 3 -39.32 -10.40 30.16
N TRP D 4 -39.76 -11.63 30.43
CA TRP D 4 -39.58 -12.74 29.50
C TRP D 4 -40.56 -12.62 28.32
N TRP D 5 -40.15 -13.11 27.16
CA TRP D 5 -41.01 -13.12 25.99
C TRP D 5 -41.72 -14.48 25.99
N GLY D 6 -41.09 -15.47 26.61
CA GLY D 6 -41.63 -16.82 26.62
C GLY D 6 -41.55 -17.41 25.21
N ARG D 7 -40.58 -16.95 24.43
CA ARG D 7 -40.40 -17.39 23.06
C ARG D 7 -38.94 -17.76 22.80
N ILE D 8 -38.74 -18.90 22.12
CA ILE D 8 -37.41 -19.36 21.77
C ILE D 8 -37.35 -19.54 20.26
N LEU D 9 -36.39 -18.87 19.63
CA LEU D 9 -36.22 -18.98 18.19
C LEU D 9 -35.56 -20.32 17.86
N ARG D 10 -36.16 -21.05 16.91
CA ARG D 10 -35.67 -22.37 16.51
C ARG D 10 -35.20 -22.46 15.07
N VAL D 11 -33.94 -22.83 14.90
CA VAL D 11 -33.38 -22.95 13.55
C VAL D 11 -32.80 -24.35 13.32
N ASN D 12 -33.34 -25.02 12.29
CA ASN D 12 -32.89 -26.35 11.91
C ASN D 12 -32.11 -26.20 10.61
N LEU D 13 -30.79 -26.31 10.71
CA LEU D 13 -29.91 -26.17 9.57
C LEU D 13 -29.99 -27.31 8.59
N THR D 14 -30.42 -28.48 9.05
CA THR D 14 -30.55 -29.66 8.19
C THR D 14 -31.76 -29.54 7.26
N THR D 15 -32.91 -29.17 7.82
CA THR D 15 -34.14 -29.06 7.05
C THR D 15 -34.39 -27.65 6.52
N GLY D 16 -33.79 -26.67 7.17
CA GLY D 16 -33.93 -25.28 6.80
C GLY D 16 -35.16 -24.67 7.46
N GLU D 17 -35.85 -25.43 8.29
CA GLU D 17 -37.06 -24.93 8.94
C GLU D 17 -36.74 -23.97 10.06
N VAL D 18 -37.47 -22.85 10.11
CA VAL D 18 -37.28 -21.85 11.15
C VAL D 18 -38.65 -21.70 11.83
N LYS D 19 -38.69 -21.75 13.16
CA LYS D 19 -39.96 -21.60 13.86
C LYS D 19 -39.73 -21.01 15.24
N VAL D 20 -40.82 -20.62 15.91
CA VAL D 20 -40.74 -20.07 17.27
C VAL D 20 -41.45 -20.99 18.26
N GLN D 21 -40.71 -21.38 19.29
CA GLN D 21 -41.21 -22.25 20.35
C GLN D 21 -41.66 -21.37 21.50
N GLU D 22 -42.88 -21.59 21.94
CA GLU D 22 -43.41 -20.86 23.07
C GLU D 22 -43.15 -21.81 24.25
N TYR D 23 -42.55 -21.31 25.31
CA TYR D 23 -42.28 -22.18 26.47
C TYR D 23 -43.07 -21.65 27.66
N PRO D 24 -43.39 -22.52 28.62
CA PRO D 24 -44.18 -22.08 29.78
C PRO D 24 -43.60 -21.04 30.74
N GLU D 25 -44.45 -20.13 31.23
CA GLU D 25 -44.07 -19.07 32.16
C GLU D 25 -43.43 -19.68 33.40
N GLU D 26 -43.94 -20.83 33.79
CA GLU D 26 -43.45 -21.57 34.94
C GLU D 26 -41.97 -21.91 34.76
N VAL D 27 -41.58 -22.33 33.55
CA VAL D 27 -40.20 -22.66 33.23
C VAL D 27 -39.32 -21.40 33.29
N ALA D 28 -39.84 -20.30 32.75
CA ALA D 28 -39.12 -19.03 32.76
C ALA D 28 -38.86 -18.58 34.20
N LYS D 29 -39.87 -18.73 35.06
CA LYS D 29 -39.74 -18.35 36.45
C LYS D 29 -38.82 -19.24 37.27
N LYS D 30 -38.81 -20.55 36.99
CA LYS D 30 -37.93 -21.42 37.78
C LYS D 30 -36.49 -21.51 37.29
N PHE D 31 -36.27 -21.25 35.99
CA PHE D 31 -34.93 -21.31 35.42
C PHE D 31 -34.32 -19.94 35.10
N ILE D 32 -35.19 -18.92 35.17
CA ILE D 32 -34.86 -17.52 34.92
C ILE D 32 -34.35 -17.19 33.52
N GLY D 33 -33.26 -17.82 33.09
CA GLY D 33 -32.74 -17.52 31.78
C GLY D 33 -31.31 -17.99 31.65
N GLY D 34 -30.65 -17.59 30.57
CA GLY D 34 -29.26 -17.96 30.33
C GLY D 34 -28.96 -19.43 30.58
N ARG D 35 -27.97 -19.68 31.43
CA ARG D 35 -27.56 -21.04 31.76
C ARG D 35 -28.73 -21.86 32.31
N GLY D 36 -29.62 -21.22 33.05
CA GLY D 36 -30.74 -21.93 33.60
C GLY D 36 -31.61 -22.50 32.50
N LEU D 37 -31.97 -21.64 31.55
CA LEU D 37 -32.80 -22.04 30.42
C LEU D 37 -32.04 -23.03 29.51
N ALA D 38 -30.73 -22.82 29.34
CA ALA D 38 -29.90 -23.69 28.52
C ALA D 38 -29.85 -25.07 29.13
N ALA D 39 -29.76 -25.15 30.45
CA ALA D 39 -29.69 -26.45 31.11
C ALA D 39 -30.99 -27.23 30.92
N TRP D 40 -32.12 -26.52 31.00
CA TRP D 40 -33.45 -27.12 30.80
C TRP D 40 -33.57 -27.67 29.37
N ILE D 41 -33.20 -26.87 28.37
CA ILE D 41 -33.25 -27.27 26.98
C ILE D 41 -32.36 -28.48 26.70
N LEU D 42 -31.09 -28.42 27.10
CA LEU D 42 -30.16 -29.53 26.86
C LEU D 42 -30.59 -30.82 27.52
N TRP D 43 -31.09 -30.71 28.76
CA TRP D 43 -31.55 -31.90 29.46
C TRP D 43 -32.61 -32.61 28.61
N ASN D 44 -33.56 -31.83 28.10
CA ASN D 44 -34.64 -32.39 27.29
C ASN D 44 -34.29 -32.72 25.86
N GLU D 45 -33.34 -32.01 25.26
CA GLU D 45 -33.03 -32.21 23.83
C GLU D 45 -31.65 -32.67 23.40
N ALA D 46 -30.74 -32.84 24.34
CA ALA D 46 -29.40 -33.29 24.02
C ALA D 46 -29.10 -34.55 24.82
N ARG D 47 -30.04 -35.49 24.75
CA ARG D 47 -29.94 -36.75 25.47
C ARG D 47 -29.17 -37.80 24.65
N GLY D 48 -27.96 -38.12 25.11
CA GLY D 48 -27.14 -39.14 24.47
C GLY D 48 -26.56 -38.84 23.09
N VAL D 49 -26.58 -37.57 22.71
CA VAL D 49 -26.06 -37.19 21.40
C VAL D 49 -24.52 -37.05 21.34
N GLU D 50 -23.98 -37.15 20.13
CA GLU D 50 -22.55 -36.94 19.90
C GLU D 50 -22.42 -35.40 19.83
N PRO D 51 -21.50 -34.83 20.63
CA PRO D 51 -21.29 -33.38 20.66
C PRO D 51 -21.08 -32.69 19.29
N LEU D 52 -20.47 -33.39 18.34
CA LEU D 52 -20.20 -32.82 17.02
C LEU D 52 -21.15 -33.32 15.92
N SER D 53 -22.20 -34.03 16.32
CA SER D 53 -23.21 -34.56 15.39
C SER D 53 -24.31 -33.53 15.23
N PRO D 54 -25.07 -33.60 14.13
CA PRO D 54 -26.14 -32.62 13.94
C PRO D 54 -27.21 -32.54 15.04
N GLU D 55 -27.30 -33.59 15.87
CA GLU D 55 -28.28 -33.65 16.95
C GLU D 55 -27.93 -32.82 18.18
N ASN D 56 -26.68 -32.40 18.30
CA ASN D 56 -26.34 -31.58 19.44
C ASN D 56 -27.06 -30.23 19.23
N LYS D 57 -27.44 -29.58 20.33
CA LYS D 57 -28.12 -28.29 20.26
C LYS D 57 -27.20 -27.14 20.67
N LEU D 58 -27.08 -26.12 19.80
CA LEU D 58 -26.25 -24.92 20.07
C LEU D 58 -27.21 -23.83 20.55
N ILE D 59 -27.04 -23.45 21.81
CA ILE D 59 -27.92 -22.49 22.45
C ILE D 59 -27.30 -21.12 22.76
N PHE D 60 -28.00 -20.07 22.37
CA PHE D 60 -27.62 -18.70 22.67
C PHE D 60 -28.78 -18.25 23.56
N ALA D 61 -28.52 -18.27 24.85
CA ALA D 61 -29.53 -17.95 25.85
C ALA D 61 -29.32 -16.65 26.59
N ALA D 62 -30.35 -15.83 26.58
CA ALA D 62 -30.37 -14.54 27.27
C ALA D 62 -31.29 -14.71 28.48
N GLY D 63 -31.49 -13.63 29.23
CA GLY D 63 -32.35 -13.63 30.38
C GLY D 63 -33.10 -12.31 30.41
N PRO D 64 -33.97 -12.10 31.42
CA PRO D 64 -34.77 -10.87 31.54
C PRO D 64 -34.04 -9.53 31.56
N PHE D 65 -32.78 -9.53 32.02
CA PHE D 65 -31.99 -8.29 32.06
C PHE D 65 -31.58 -7.83 30.66
N ASN D 66 -31.43 -8.79 29.75
CA ASN D 66 -30.94 -8.51 28.41
C ASN D 66 -31.94 -7.83 27.47
N GLY D 67 -31.41 -6.87 26.70
CA GLY D 67 -32.23 -6.11 25.77
C GLY D 67 -32.70 -4.83 26.44
N LEU D 68 -32.51 -4.77 27.76
CA LEU D 68 -32.90 -3.61 28.56
C LEU D 68 -31.65 -2.90 29.09
N PRO D 69 -31.75 -1.60 29.39
CA PRO D 69 -30.64 -0.81 29.91
C PRO D 69 -30.39 -1.13 31.38
N THR D 70 -29.80 -2.29 31.63
CA THR D 70 -29.50 -2.74 32.98
C THR D 70 -27.97 -2.64 33.14
N PRO D 71 -27.49 -2.27 34.35
CA PRO D 71 -26.04 -2.15 34.56
C PRO D 71 -25.23 -3.39 34.17
N SER D 72 -24.37 -3.17 33.16
CA SER D 72 -23.49 -4.21 32.57
C SER D 72 -24.34 -5.43 32.24
N GLY D 73 -25.52 -5.19 31.69
CA GLY D 73 -26.41 -6.31 31.37
C GLY D 73 -26.45 -6.70 29.91
N GLY D 74 -25.30 -6.70 29.24
CA GLY D 74 -25.23 -7.06 27.83
C GLY D 74 -24.53 -8.39 27.58
N LYS D 75 -24.68 -9.31 28.54
CA LYS D 75 -24.07 -10.64 28.50
C LYS D 75 -25.00 -11.67 27.82
N LEU D 76 -24.44 -12.80 27.43
CA LEU D 76 -25.19 -13.83 26.74
C LEU D 76 -24.53 -15.17 26.99
N VAL D 77 -25.33 -16.19 27.19
CA VAL D 77 -24.78 -17.52 27.43
C VAL D 77 -24.82 -18.37 26.16
N VAL D 78 -23.73 -19.09 25.88
CA VAL D 78 -23.63 -19.99 24.74
C VAL D 78 -23.40 -21.39 25.33
N ALA D 79 -24.28 -22.33 25.00
CA ALA D 79 -24.21 -23.67 25.55
C ALA D 79 -24.50 -24.77 24.54
N ALA D 80 -24.03 -25.97 24.87
CA ALA D 80 -24.22 -27.17 24.07
C ALA D 80 -23.55 -28.32 24.84
N LYS D 81 -23.81 -29.56 24.42
CA LYS D 81 -23.10 -30.67 25.03
C LYS D 81 -21.67 -30.43 24.54
N SER D 82 -20.72 -30.48 25.45
CA SER D 82 -19.33 -30.20 25.13
C SER D 82 -18.51 -31.25 24.39
N PRO D 83 -17.88 -30.87 23.27
CA PRO D 83 -17.07 -31.87 22.56
C PRO D 83 -15.74 -32.11 23.30
N LEU D 84 -15.39 -31.19 24.21
CA LEU D 84 -14.16 -31.30 25.00
C LEU D 84 -14.33 -32.15 26.26
N THR D 85 -15.45 -32.01 26.95
CA THR D 85 -15.67 -32.74 28.19
C THR D 85 -16.69 -33.85 28.11
N GLY D 86 -17.59 -33.78 27.14
CA GLY D 86 -18.63 -34.79 27.01
C GLY D 86 -19.81 -34.52 27.96
N GLY D 87 -19.75 -33.40 28.69
CA GLY D 87 -20.83 -33.06 29.62
C GLY D 87 -21.52 -31.76 29.27
N TYR D 88 -22.25 -31.17 30.21
CA TYR D 88 -22.89 -29.87 29.97
C TYR D 88 -21.80 -28.82 29.83
N GLY D 89 -21.87 -28.05 28.75
CA GLY D 89 -20.87 -27.02 28.58
C GLY D 89 -21.47 -25.68 28.22
N ASP D 90 -20.93 -24.61 28.81
CA ASP D 90 -21.38 -23.29 28.44
C ASP D 90 -20.28 -22.26 28.69
N GLY D 91 -20.53 -21.05 28.20
CA GLY D 91 -19.60 -19.95 28.35
C GLY D 91 -20.45 -18.70 28.27
N ASN D 92 -19.84 -17.54 28.49
CA ASN D 92 -20.59 -16.32 28.49
C ASN D 92 -19.79 -15.25 27.78
N LEU D 93 -20.46 -14.34 27.07
CA LEU D 93 -19.77 -13.22 26.44
C LEU D 93 -20.64 -11.96 26.41
N GLY D 94 -19.97 -10.82 26.46
CA GLY D 94 -20.65 -9.54 26.36
C GLY D 94 -20.74 -9.30 24.85
N THR D 95 -21.90 -8.91 24.37
CA THR D 95 -22.06 -8.68 22.92
C THR D 95 -23.37 -7.97 22.59
N MET D 96 -23.35 -7.15 21.54
CA MET D 96 -24.57 -6.46 21.12
C MET D 96 -25.62 -7.49 20.65
N ALA D 97 -25.17 -8.72 20.37
CA ALA D 97 -26.09 -9.78 19.97
C ALA D 97 -27.05 -10.10 21.13
N SER D 98 -26.62 -9.83 22.36
CA SER D 98 -27.45 -10.06 23.54
C SER D 98 -28.65 -9.10 23.52
N VAL D 99 -28.34 -7.82 23.30
CA VAL D 99 -29.34 -6.77 23.25
C VAL D 99 -30.29 -6.99 22.07
N HIS D 100 -29.73 -7.28 20.89
CA HIS D 100 -30.53 -7.47 19.69
C HIS D 100 -31.41 -8.73 19.68
N LEU D 101 -30.90 -9.84 20.23
CA LEU D 101 -31.66 -11.10 20.29
C LEU D 101 -32.94 -10.88 21.08
N ARG D 102 -32.82 -10.20 22.22
CA ARG D 102 -33.98 -9.92 23.06
C ARG D 102 -34.90 -8.85 22.45
N ARG D 103 -34.34 -7.82 21.85
CA ARG D 103 -35.18 -6.80 21.23
C ARG D 103 -35.87 -7.31 19.95
N ALA D 104 -35.38 -8.44 19.43
CA ALA D 104 -35.98 -9.05 18.24
C ALA D 104 -37.21 -9.91 18.63
N GLY D 105 -37.46 -10.06 19.93
CA GLY D 105 -38.58 -10.84 20.43
C GLY D 105 -38.28 -12.24 20.94
N TYR D 106 -37.02 -12.54 21.23
CA TYR D 106 -36.65 -13.89 21.69
C TYR D 106 -35.87 -13.89 22.98
N ASP D 107 -36.08 -14.94 23.78
CA ASP D 107 -35.36 -15.14 25.05
C ASP D 107 -34.11 -15.95 24.77
N ALA D 108 -34.12 -16.69 23.66
CA ALA D 108 -33.01 -17.54 23.29
C ALA D 108 -33.13 -18.00 21.85
N LEU D 109 -32.01 -18.48 21.30
CA LEU D 109 -31.95 -19.04 19.97
C LEU D 109 -31.32 -20.42 20.11
N VAL D 110 -31.99 -21.43 19.57
CA VAL D 110 -31.47 -22.80 19.61
C VAL D 110 -31.26 -23.26 18.16
N VAL D 111 -30.02 -23.66 17.86
CA VAL D 111 -29.67 -24.13 16.53
C VAL D 111 -29.45 -25.65 16.55
N GLU D 112 -30.11 -26.36 15.63
CA GLU D 112 -29.95 -27.79 15.54
C GLU D 112 -29.61 -28.18 14.12
N GLY D 113 -29.20 -29.42 13.94
CA GLY D 113 -28.88 -29.89 12.61
C GLY D 113 -27.50 -29.49 12.12
N LYS D 114 -27.33 -29.48 10.80
CA LYS D 114 -26.07 -29.14 10.18
C LYS D 114 -26.37 -28.75 8.74
N ALA D 115 -25.82 -27.64 8.27
CA ALA D 115 -26.04 -27.21 6.90
C ALA D 115 -25.09 -27.97 5.95
N LYS D 116 -25.48 -28.09 4.68
CA LYS D 116 -24.68 -28.77 3.67
C LYS D 116 -23.38 -28.03 3.39
N LYS D 117 -23.47 -26.71 3.36
CA LYS D 117 -22.34 -25.85 3.11
C LYS D 117 -22.37 -24.74 4.16
N PRO D 118 -21.29 -23.94 4.25
CA PRO D 118 -21.22 -22.85 5.24
C PRO D 118 -22.39 -21.87 5.13
N VAL D 119 -23.00 -21.55 6.26
CA VAL D 119 -24.12 -20.62 6.33
C VAL D 119 -24.00 -19.70 7.54
N TYR D 120 -24.84 -18.67 7.56
CA TYR D 120 -24.93 -17.80 8.72
C TYR D 120 -26.41 -17.52 8.91
N ILE D 121 -26.78 -17.31 10.16
CA ILE D 121 -28.16 -17.03 10.51
C ILE D 121 -28.35 -15.51 10.61
N TYR D 122 -29.35 -15.02 9.88
CA TYR D 122 -29.69 -13.61 9.89
C TYR D 122 -31.02 -13.42 10.63
N ILE D 123 -31.06 -12.52 11.60
CA ILE D 123 -32.27 -12.26 12.37
C ILE D 123 -32.53 -10.75 12.44
N GLU D 124 -33.72 -10.35 12.02
CA GLU D 124 -34.12 -8.95 12.13
C GLU D 124 -35.57 -9.04 12.60
N ASP D 125 -35.76 -8.94 13.92
CA ASP D 125 -37.07 -9.07 14.54
C ASP D 125 -37.70 -10.41 14.07
N ASP D 126 -38.83 -10.34 13.35
CA ASP D 126 -39.52 -11.55 12.88
C ASP D 126 -38.90 -12.17 11.62
N ASN D 127 -38.08 -11.41 10.92
CA ASN D 127 -37.44 -11.84 9.68
C ASN D 127 -36.15 -12.64 9.99
N VAL D 128 -36.25 -13.96 9.89
CA VAL D 128 -35.11 -14.83 10.17
C VAL D 128 -34.81 -15.70 8.94
N SER D 129 -33.53 -15.82 8.58
CA SER D 129 -33.17 -16.65 7.44
C SER D 129 -31.77 -17.23 7.54
N ILE D 130 -31.61 -18.35 6.83
CA ILE D 130 -30.33 -19.07 6.76
C ILE D 130 -29.74 -18.67 5.40
N LEU D 131 -28.57 -18.02 5.43
CA LEU D 131 -27.93 -17.53 4.21
C LEU D 131 -26.58 -18.19 3.97
N SER D 132 -26.16 -18.21 2.71
CA SER D 132 -24.86 -18.79 2.35
C SER D 132 -23.71 -17.94 2.92
N ALA D 133 -22.75 -18.62 3.54
CA ALA D 133 -21.57 -18.00 4.11
C ALA D 133 -20.34 -18.63 3.45
N GLU D 134 -20.54 -19.17 2.23
CA GLU D 134 -19.46 -19.81 1.47
C GLU D 134 -18.25 -18.92 1.26
N GLY D 135 -18.48 -17.63 0.99
CA GLY D 135 -17.39 -16.68 0.80
C GLY D 135 -16.71 -16.30 2.11
N LEU D 136 -17.40 -16.47 3.23
CA LEU D 136 -16.85 -16.15 4.55
C LEU D 136 -16.02 -17.26 5.17
N TRP D 137 -16.34 -18.51 4.84
CA TRP D 137 -15.60 -19.63 5.42
C TRP D 137 -14.10 -19.47 5.25
N GLY D 138 -13.38 -19.67 6.35
CA GLY D 138 -11.93 -19.54 6.34
C GLY D 138 -11.44 -18.20 6.82
N LYS D 139 -12.31 -17.20 6.86
CA LYS D 139 -11.89 -15.89 7.31
C LYS D 139 -11.81 -15.78 8.82
N THR D 140 -10.97 -14.88 9.32
CA THR D 140 -10.85 -14.71 10.77
C THR D 140 -12.18 -14.19 11.35
N THR D 141 -12.31 -14.25 12.67
CA THR D 141 -13.51 -13.77 13.35
C THR D 141 -13.70 -12.28 13.10
N PHE D 142 -12.59 -11.52 13.21
CA PHE D 142 -12.58 -10.06 13.03
C PHE D 142 -13.05 -9.68 11.62
N GLU D 143 -12.47 -10.36 10.64
CA GLU D 143 -12.79 -10.12 9.24
C GLU D 143 -14.23 -10.49 8.92
N THR D 144 -14.70 -11.60 9.50
CA THR D 144 -16.07 -12.09 9.28
C THR D 144 -17.09 -11.05 9.77
N GLU D 145 -16.91 -10.56 10.98
CA GLU D 145 -17.84 -9.55 11.51
C GLU D 145 -17.73 -8.23 10.74
N ARG D 146 -16.51 -7.84 10.34
CA ARG D 146 -16.29 -6.60 9.60
C ARG D 146 -17.04 -6.64 8.27
N GLU D 147 -16.93 -7.77 7.57
CA GLU D 147 -17.60 -7.92 6.28
C GLU D 147 -19.12 -7.95 6.39
N LEU D 148 -19.63 -8.63 7.41
CA LEU D 148 -21.07 -8.71 7.59
C LEU D 148 -21.65 -7.32 7.88
N LYS D 149 -20.92 -6.51 8.65
CA LYS D 149 -21.41 -5.18 8.94
C LYS D 149 -21.29 -4.26 7.71
N GLU D 150 -20.32 -4.54 6.84
CA GLU D 150 -20.17 -3.73 5.63
C GLU D 150 -21.37 -3.99 4.70
N ILE D 151 -22.06 -5.11 4.90
CA ILE D 151 -23.24 -5.43 4.09
C ILE D 151 -24.50 -4.91 4.79
N HIS D 152 -24.77 -5.44 5.98
CA HIS D 152 -25.97 -5.12 6.75
C HIS D 152 -26.04 -3.86 7.59
N GLY D 153 -24.91 -3.20 7.80
CA GLY D 153 -24.91 -1.99 8.61
C GLY D 153 -24.23 -2.24 9.94
N LYS D 154 -23.88 -1.16 10.60
CA LYS D 154 -23.20 -1.20 11.90
C LYS D 154 -24.08 -1.55 13.09
N ASN D 155 -25.37 -1.29 12.98
CA ASN D 155 -26.30 -1.55 14.07
C ASN D 155 -26.87 -2.96 14.16
N VAL D 156 -25.97 -3.92 14.30
CA VAL D 156 -26.35 -5.33 14.46
C VAL D 156 -25.37 -5.92 15.47
N GLY D 157 -25.75 -7.05 16.05
CA GLY D 157 -24.89 -7.78 16.98
C GLY D 157 -24.42 -8.99 16.17
N VAL D 158 -23.14 -9.30 16.22
CA VAL D 158 -22.59 -10.41 15.43
C VAL D 158 -21.81 -11.40 16.26
N LEU D 159 -22.07 -12.68 16.03
CA LEU D 159 -21.38 -13.76 16.71
C LEU D 159 -20.69 -14.57 15.61
N THR D 160 -19.42 -14.90 15.78
CA THR D 160 -18.72 -15.65 14.74
C THR D 160 -17.77 -16.70 15.28
N ILE D 161 -17.31 -17.54 14.37
CA ILE D 161 -16.29 -18.53 14.69
C ILE D 161 -15.19 -18.25 13.66
N GLY D 162 -13.97 -18.62 14.01
CA GLY D 162 -12.84 -18.44 13.12
C GLY D 162 -12.39 -19.81 12.68
N PRO D 163 -11.21 -19.93 12.06
CA PRO D 163 -10.69 -21.23 11.60
C PRO D 163 -10.67 -22.34 12.65
N ALA D 164 -10.32 -22.02 13.88
CA ALA D 164 -10.27 -23.02 14.95
C ALA D 164 -11.64 -23.66 15.15
N GLY D 165 -12.70 -22.87 15.05
CA GLY D 165 -14.05 -23.38 15.17
C GLY D 165 -14.42 -24.22 13.95
N GLU D 166 -14.08 -23.72 12.75
CA GLU D 166 -14.37 -24.44 11.50
C GLU D 166 -13.65 -25.80 11.47
N ASN D 167 -12.43 -25.83 12.02
CA ASN D 167 -11.61 -27.05 12.08
C ASN D 167 -11.86 -27.93 13.30
N LEU D 168 -12.85 -27.55 14.11
CA LEU D 168 -13.26 -28.31 15.28
C LEU D 168 -12.25 -28.50 16.40
N VAL D 169 -11.42 -27.48 16.64
CA VAL D 169 -10.48 -27.48 17.75
C VAL D 169 -11.44 -27.62 18.96
N LYS D 170 -11.16 -28.58 19.84
CA LYS D 170 -12.06 -28.88 20.97
C LYS D 170 -12.36 -27.75 21.92
N TYR D 171 -11.49 -26.75 21.98
CA TYR D 171 -11.73 -25.62 22.85
C TYR D 171 -11.97 -24.34 22.05
N ALA D 172 -12.53 -24.50 20.84
CA ALA D 172 -12.87 -23.36 19.98
C ALA D 172 -14.02 -22.62 20.69
N VAL D 173 -14.07 -21.31 20.49
CA VAL D 173 -15.07 -20.47 21.12
C VAL D 173 -15.80 -19.60 20.08
N VAL D 174 -16.82 -18.88 20.56
CA VAL D 174 -17.60 -17.95 19.76
C VAL D 174 -17.03 -16.57 20.09
N ILE D 175 -16.81 -15.75 19.06
CA ILE D 175 -16.23 -14.42 19.24
C ILE D 175 -17.17 -13.31 18.78
N SER D 176 -17.12 -12.18 19.48
CA SER D 176 -17.90 -11.04 19.09
C SER D 176 -17.07 -9.78 19.35
N GLN D 177 -17.19 -8.82 18.45
CA GLN D 177 -16.53 -7.52 18.59
C GLN D 177 -15.02 -7.52 18.88
N GLU D 178 -14.30 -8.38 18.15
CA GLU D 178 -12.84 -8.48 18.24
C GLU D 178 -12.24 -8.57 19.64
N GLY D 179 -12.78 -9.45 20.48
CA GLY D 179 -12.23 -9.57 21.82
C GLY D 179 -13.13 -10.26 22.82
N ARG D 180 -14.44 -10.22 22.61
CA ARG D 180 -15.38 -10.87 23.52
C ARG D 180 -15.49 -12.34 23.09
N ALA D 181 -15.36 -13.25 24.06
CA ALA D 181 -15.40 -14.67 23.75
C ALA D 181 -16.30 -15.44 24.70
N ALA D 182 -16.87 -16.53 24.21
CA ALA D 182 -17.71 -17.39 25.03
C ALA D 182 -17.61 -18.84 24.64
N GLY D 183 -17.68 -19.71 25.63
CA GLY D 183 -17.70 -21.13 25.38
C GLY D 183 -16.45 -21.95 25.36
N ARG D 184 -15.62 -21.81 26.39
CA ARG D 184 -14.38 -22.57 26.52
C ARG D 184 -14.52 -24.09 26.24
N PRO D 185 -15.62 -24.74 26.72
CA PRO D 185 -15.75 -26.18 26.47
C PRO D 185 -16.04 -26.60 25.02
N GLY D 186 -15.65 -25.76 24.06
CA GLY D 186 -15.85 -26.10 22.66
C GLY D 186 -17.14 -25.67 21.98
N MET D 187 -17.77 -24.59 22.45
CA MET D 187 -19.00 -24.10 21.82
C MET D 187 -18.71 -23.69 20.38
N GLY D 188 -17.50 -23.18 20.14
CA GLY D 188 -17.10 -22.80 18.80
C GLY D 188 -16.99 -24.00 17.88
N ALA D 189 -16.55 -25.13 18.43
CA ALA D 189 -16.44 -26.37 17.64
C ALA D 189 -17.85 -26.94 17.36
N VAL D 190 -18.80 -26.76 18.28
CA VAL D 190 -20.17 -27.23 18.04
C VAL D 190 -20.73 -26.38 16.89
N MET D 191 -20.54 -25.06 16.99
CA MET D 191 -20.99 -24.15 15.93
C MET D 191 -20.33 -24.55 14.57
N GLY D 192 -19.01 -24.77 14.57
CA GLY D 192 -18.28 -25.15 13.36
C GLY D 192 -18.74 -26.49 12.80
N SER D 193 -19.15 -27.42 13.67
CA SER D 193 -19.63 -28.74 13.22
C SER D 193 -20.99 -28.69 12.49
N LYS D 194 -21.71 -27.58 12.63
CA LYS D 194 -23.01 -27.42 11.98
C LYS D 194 -22.85 -26.60 10.71
N LYS D 195 -21.60 -26.19 10.45
CA LYS D 195 -21.25 -25.36 9.30
C LYS D 195 -21.88 -23.97 9.46
N LEU D 196 -21.99 -23.52 10.71
CA LEU D 196 -22.56 -22.21 11.03
C LEU D 196 -21.38 -21.26 11.28
N LYS D 197 -21.19 -20.33 10.35
CA LYS D 197 -20.08 -19.38 10.40
C LYS D 197 -20.35 -18.14 11.25
N ALA D 198 -21.61 -17.71 11.31
CA ALA D 198 -21.96 -16.51 12.07
C ALA D 198 -23.44 -16.37 12.33
N VAL D 199 -23.77 -15.48 13.25
CA VAL D 199 -25.15 -15.14 13.57
C VAL D 199 -25.18 -13.60 13.58
N VAL D 200 -26.05 -13.02 12.75
CA VAL D 200 -26.22 -11.56 12.65
C VAL D 200 -27.62 -11.24 13.19
N ILE D 201 -27.70 -10.37 14.20
CA ILE D 201 -28.98 -10.06 14.84
C ILE D 201 -29.30 -8.59 14.98
N ARG D 202 -30.56 -8.26 14.72
CA ARG D 202 -31.06 -6.90 14.85
C ARG D 202 -32.44 -6.97 15.47
N GLY D 203 -32.66 -6.18 16.51
CA GLY D 203 -33.93 -6.15 17.21
C GLY D 203 -34.42 -4.72 17.41
N THR D 204 -35.73 -4.51 17.31
CA THR D 204 -36.31 -3.17 17.46
C THR D 204 -37.54 -3.09 18.37
N LYS D 205 -38.03 -4.23 18.83
CA LYS D 205 -39.24 -4.25 19.68
C LYS D 205 -39.02 -3.72 21.10
N GLU D 206 -40.12 -3.32 21.75
CA GLU D 206 -40.05 -2.87 23.13
C GLU D 206 -40.33 -4.09 23.98
N ILE D 207 -39.38 -4.43 24.84
CA ILE D 207 -39.54 -5.57 25.74
C ILE D 207 -40.50 -5.14 26.86
N PRO D 208 -41.58 -5.92 27.11
CA PRO D 208 -42.57 -5.61 28.16
C PRO D 208 -41.88 -5.60 29.54
N VAL D 209 -42.13 -4.56 30.31
CA VAL D 209 -41.53 -4.38 31.63
C VAL D 209 -42.64 -4.05 32.64
N ALA D 210 -42.64 -4.75 33.78
CA ALA D 210 -43.63 -4.55 34.84
C ALA D 210 -43.58 -3.16 35.49
N ASP D 211 -42.38 -2.65 35.76
CA ASP D 211 -42.24 -1.36 36.43
C ASP D 211 -41.13 -0.58 35.75
N LYS D 212 -41.47 0.12 34.68
CA LYS D 212 -40.47 0.86 33.93
C LYS D 212 -39.76 1.94 34.74
N GLU D 213 -40.51 2.65 35.59
CA GLU D 213 -39.92 3.69 36.41
C GLU D 213 -38.96 3.17 37.49
N GLU D 214 -39.30 2.04 38.11
CA GLU D 214 -38.41 1.48 39.12
C GLU D 214 -37.17 0.91 38.44
N LEU D 215 -37.33 0.38 37.22
CA LEU D 215 -36.19 -0.15 36.46
C LEU D 215 -35.20 0.96 36.19
N LYS D 216 -35.72 2.09 35.72
CA LYS D 216 -34.89 3.26 35.40
C LYS D 216 -34.20 3.80 36.65
N LYS D 217 -34.94 3.89 37.75
CA LYS D 217 -34.41 4.40 39.01
C LYS D 217 -33.28 3.52 39.55
N LEU D 218 -33.51 2.22 39.60
CA LEU D 218 -32.53 1.27 40.10
C LEU D 218 -31.25 1.24 39.24
N SER D 219 -31.43 1.25 37.92
CA SER D 219 -30.27 1.25 37.02
C SER D 219 -29.42 2.49 37.19
N GLN D 220 -30.05 3.66 37.29
CA GLN D 220 -29.29 4.89 37.45
C GLN D 220 -28.51 4.91 38.76
N GLU D 221 -29.12 4.38 39.82
CA GLU D 221 -28.48 4.31 41.12
C GLU D 221 -27.27 3.39 41.08
N ALA D 222 -27.42 2.25 40.40
CA ALA D 222 -26.32 1.28 40.26
C ALA D 222 -25.18 1.89 39.44
N TYR D 223 -25.51 2.59 38.36
CA TYR D 223 -24.49 3.23 37.53
C TYR D 223 -23.72 4.27 38.31
N ASN D 224 -24.43 5.05 39.12
CA ASN D 224 -23.80 6.08 39.96
C ASN D 224 -22.94 5.44 41.04
N GLU D 225 -23.43 4.34 41.62
CA GLU D 225 -22.70 3.67 42.67
C GLU D 225 -21.37 3.14 42.09
N ILE D 226 -21.41 2.67 40.84
CA ILE D 226 -20.21 2.18 40.19
C ILE D 226 -19.20 3.33 39.99
N LEU D 227 -19.66 4.44 39.40
CA LEU D 227 -18.82 5.62 39.16
C LEU D 227 -18.17 6.20 40.41
N ASN D 228 -18.92 6.22 41.52
CA ASN D 228 -18.44 6.75 42.78
C ASN D 228 -17.70 5.75 43.66
N SER D 229 -17.58 4.49 43.23
CA SER D 229 -16.89 3.52 44.07
C SER D 229 -15.39 3.80 44.14
N PRO D 230 -14.77 3.51 45.29
CA PRO D 230 -13.34 3.76 45.45
C PRO D 230 -12.49 2.96 44.45
N GLY D 231 -12.95 1.78 44.05
CA GLY D 231 -12.17 0.99 43.10
C GLY D 231 -12.30 1.40 41.64
N TYR D 232 -13.25 2.27 41.31
CA TYR D 232 -13.45 2.68 39.91
C TYR D 232 -12.21 3.18 39.14
N PRO D 233 -11.44 4.15 39.70
CA PRO D 233 -10.23 4.68 39.01
C PRO D 233 -9.20 3.62 38.61
N PHE D 234 -8.82 2.77 39.56
CA PHE D 234 -7.86 1.73 39.28
C PHE D 234 -8.46 0.70 38.33
N TRP D 235 -9.75 0.41 38.46
CA TRP D 235 -10.37 -0.54 37.54
C TRP D 235 -10.27 -0.02 36.09
N LYS D 236 -10.56 1.26 35.90
CA LYS D 236 -10.52 1.88 34.59
C LYS D 236 -9.12 1.79 34.00
N ARG D 237 -8.11 1.90 34.87
CA ARG D 237 -6.72 1.82 34.47
C ARG D 237 -6.24 0.42 34.07
N GLN D 238 -6.43 -0.56 34.95
CA GLN D 238 -5.94 -1.92 34.74
C GLN D 238 -6.91 -3.06 34.46
N GLY D 239 -8.18 -2.89 34.83
CA GLY D 239 -9.14 -3.95 34.60
C GLY D 239 -8.71 -5.21 35.31
N THR D 240 -8.92 -6.35 34.67
CA THR D 240 -8.54 -7.62 35.28
C THR D 240 -7.04 -7.81 35.33
N MET D 241 -6.28 -7.02 34.55
CA MET D 241 -4.81 -7.12 34.51
C MET D 241 -4.09 -6.89 35.86
N ALA D 242 -4.81 -6.29 36.80
CA ALA D 242 -4.28 -6.05 38.14
C ALA D 242 -3.98 -7.38 38.82
N ALA D 243 -4.63 -8.46 38.38
CA ALA D 243 -4.39 -9.77 38.98
C ALA D 243 -3.02 -10.37 38.71
N VAL D 244 -2.30 -9.89 37.68
CA VAL D 244 -0.97 -10.45 37.41
C VAL D 244 -0.06 -10.28 38.62
N GLU D 245 0.09 -9.05 39.09
CA GLU D 245 0.93 -8.80 40.24
C GLU D 245 0.38 -9.43 41.51
N TRP D 246 -0.93 -9.36 41.70
CA TRP D 246 -1.58 -9.94 42.86
C TRP D 246 -1.33 -11.45 42.96
N CYS D 247 -1.50 -12.16 41.84
CA CYS D 247 -1.26 -13.60 41.85
C CYS D 247 0.20 -13.92 42.05
N ASN D 248 1.09 -13.14 41.44
CA ASN D 248 2.51 -13.40 41.60
C ASN D 248 2.93 -13.22 43.06
N THR D 249 2.35 -12.21 43.71
CA THR D 249 2.63 -11.88 45.11
C THR D 249 2.14 -12.99 46.06
N ASN D 250 1.12 -13.72 45.61
CA ASN D 250 0.54 -14.76 46.43
C ASN D 250 0.81 -16.18 45.97
N TYR D 251 1.83 -16.33 45.14
CA TYR D 251 2.24 -17.64 44.62
C TYR D 251 1.12 -18.40 43.93
N ALA D 252 0.27 -17.65 43.23
CA ALA D 252 -0.87 -18.23 42.54
C ALA D 252 -0.79 -18.05 41.03
N LEU D 253 0.24 -17.36 40.52
CA LEU D 253 0.36 -17.15 39.08
C LEU D 253 0.89 -18.39 38.34
N PRO D 254 0.05 -19.03 37.50
CA PRO D 254 0.48 -20.23 36.76
C PRO D 254 1.74 -19.97 35.95
N THR D 255 2.81 -20.69 36.28
CA THR D 255 4.10 -20.47 35.60
C THR D 255 4.68 -21.79 35.11
N ARG D 256 4.98 -21.86 33.81
CA ARG D 256 5.53 -23.06 33.14
C ARG D 256 4.70 -24.32 33.44
N ASN D 257 3.52 -24.36 32.84
CA ASN D 257 2.56 -25.45 33.02
C ASN D 257 2.22 -25.70 34.50
N PHE D 258 2.01 -24.60 35.23
CA PHE D 258 1.65 -24.63 36.65
C PHE D 258 2.75 -25.20 37.55
N SER D 259 3.96 -25.33 37.01
CA SER D 259 5.09 -25.85 37.78
C SER D 259 5.28 -24.98 39.02
N ASP D 260 5.19 -23.68 38.86
CA ASP D 260 5.35 -22.81 40.02
C ASP D 260 4.22 -21.77 40.08
N GLY D 261 4.15 -21.03 41.18
CA GLY D 261 3.12 -20.02 41.32
C GLY D 261 3.72 -18.63 41.26
N TYR D 262 5.00 -18.55 40.92
CA TYR D 262 5.73 -17.29 40.83
C TYR D 262 6.50 -17.27 39.53
N PHE D 263 6.48 -16.12 38.85
CA PHE D 263 7.18 -15.92 37.57
C PHE D 263 8.17 -14.73 37.71
N GLU D 264 9.44 -14.99 37.41
CA GLU D 264 10.53 -13.99 37.51
C GLU D 264 10.31 -12.78 36.64
N PHE D 265 9.59 -12.93 35.53
CA PHE D 265 9.36 -11.81 34.61
C PHE D 265 7.92 -11.29 34.59
N ALA D 266 7.23 -11.44 35.72
CA ALA D 266 5.84 -11.00 35.83
C ALA D 266 5.62 -9.51 35.57
N ARG D 267 6.55 -8.67 36.05
CA ARG D 267 6.42 -7.22 35.86
C ARG D 267 6.30 -6.79 34.40
N SER D 268 7.04 -7.45 33.52
CA SER D 268 6.98 -7.09 32.10
C SER D 268 5.73 -7.65 31.33
N ILE D 269 4.83 -8.33 32.05
CA ILE D 269 3.56 -8.81 31.49
C ILE D 269 2.43 -8.40 32.45
N ASP D 270 2.70 -7.45 33.33
CA ASP D 270 1.68 -7.03 34.30
C ASP D 270 0.76 -5.85 33.90
N GLY D 271 -0.11 -5.44 34.82
CA GLY D 271 -1.04 -4.36 34.55
C GLY D 271 -0.43 -2.99 34.31
N TYR D 272 0.70 -2.69 34.96
CA TYR D 272 1.34 -1.39 34.74
C TYR D 272 1.98 -1.32 33.36
N THR D 273 2.53 -2.45 32.92
CA THR D 273 3.13 -2.56 31.60
C THR D 273 1.99 -2.41 30.59
N MET D 274 0.83 -3.02 30.88
CA MET D 274 -0.32 -2.93 29.99
C MET D 274 -0.76 -1.46 29.85
N GLU D 275 -0.78 -0.71 30.95
CA GLU D 275 -1.16 0.70 30.93
C GLU D 275 -0.26 1.48 29.98
N GLY D 276 1.04 1.20 30.02
CA GLY D 276 1.98 1.90 29.15
C GLY D 276 1.88 1.52 27.68
N MET D 277 1.09 0.48 27.38
CA MET D 277 0.90 -0.01 26.02
C MET D 277 -0.52 0.16 25.50
N LYS D 278 -1.42 0.65 26.36
CA LYS D 278 -2.81 0.79 25.99
C LYS D 278 -3.07 1.89 24.96
N VAL D 279 -3.88 1.57 23.95
CA VAL D 279 -4.23 2.52 22.90
C VAL D 279 -5.74 2.72 22.76
N GLN D 280 -6.54 1.79 23.28
CA GLN D 280 -8.00 1.90 23.20
C GLN D 280 -8.64 1.11 24.34
N GLN D 281 -9.89 1.45 24.67
CA GLN D 281 -10.63 0.77 25.72
C GLN D 281 -12.06 0.55 25.22
N ARG D 282 -12.48 -0.71 25.22
CA ARG D 282 -13.82 -1.10 24.75
C ARG D 282 -14.57 -1.79 25.89
N GLY D 283 -15.84 -2.06 25.69
CA GLY D 283 -16.60 -2.73 26.74
C GLY D 283 -17.83 -3.41 26.19
N CYS D 284 -18.57 -4.11 27.06
CA CYS D 284 -19.79 -4.80 26.66
C CYS D 284 -20.94 -3.81 26.68
N PRO D 285 -22.10 -4.18 26.10
CA PRO D 285 -23.25 -3.26 26.09
C PRO D 285 -23.73 -2.85 27.48
N TYR D 286 -24.13 -1.57 27.61
CA TYR D 286 -24.69 -1.01 28.85
C TYR D 286 -23.77 -1.03 30.07
N CYS D 287 -22.46 -1.03 29.84
CA CYS D 287 -21.50 -1.04 30.92
C CYS D 287 -20.77 0.31 31.03
N ASN D 288 -20.78 0.90 32.22
CA ASN D 288 -20.11 2.17 32.44
C ASN D 288 -18.73 2.02 33.11
N MET D 289 -18.24 0.77 33.16
CA MET D 289 -16.91 0.49 33.71
C MET D 289 -16.20 -0.47 32.73
N PRO D 290 -16.07 -0.06 31.45
CA PRO D 290 -15.43 -0.90 30.43
C PRO D 290 -14.05 -1.39 30.83
N CYS D 291 -13.80 -2.66 30.55
CA CYS D 291 -12.53 -3.25 30.92
C CYS D 291 -11.81 -3.94 29.76
N GLY D 292 -12.30 -3.71 28.54
CA GLY D 292 -11.70 -4.29 27.34
C GLY D 292 -10.49 -3.45 26.93
N ASN D 293 -9.36 -3.67 27.59
CA ASN D 293 -8.13 -2.91 27.33
C ASN D 293 -7.34 -3.39 26.11
N VAL D 294 -7.21 -2.50 25.12
CA VAL D 294 -6.52 -2.83 23.88
C VAL D 294 -5.10 -2.23 23.83
N VAL D 295 -4.13 -3.08 23.53
CA VAL D 295 -2.73 -2.66 23.42
C VAL D 295 -2.30 -2.95 21.98
N LEU D 296 -1.07 -2.57 21.66
CA LEU D 296 -0.49 -2.89 20.36
C LEU D 296 0.46 -4.02 20.71
N ASP D 297 0.43 -5.10 19.94
CA ASP D 297 1.33 -6.22 20.21
C ASP D 297 2.71 -6.02 19.56
N ALA D 298 3.58 -7.03 19.66
CA ALA D 298 4.94 -6.94 19.09
C ALA D 298 4.96 -6.67 17.59
N GLU D 299 3.87 -6.99 16.91
CA GLU D 299 3.75 -6.77 15.47
C GLU D 299 2.95 -5.50 15.14
N GLY D 300 2.72 -4.66 16.15
CA GLY D 300 1.97 -3.42 15.96
C GLY D 300 0.47 -3.57 15.73
N GLN D 301 -0.08 -4.74 16.00
CA GLN D 301 -1.52 -5.01 15.81
C GLN D 301 -2.30 -4.84 17.13
N GLU D 302 -3.55 -4.40 17.05
CA GLU D 302 -4.40 -4.26 18.24
C GLU D 302 -4.74 -5.61 18.85
N SER D 303 -4.74 -5.68 20.17
CA SER D 303 -5.00 -6.92 20.86
C SER D 303 -5.66 -6.56 22.18
N GLU D 304 -6.82 -7.14 22.44
CA GLU D 304 -7.53 -6.88 23.68
C GLU D 304 -7.08 -7.86 24.77
N LEU D 305 -6.56 -7.31 25.87
CA LEU D 305 -6.03 -8.12 26.95
C LEU D 305 -6.89 -8.30 28.17
N ASP D 306 -6.99 -9.55 28.61
CA ASP D 306 -7.69 -9.93 29.84
C ASP D 306 -6.68 -10.74 30.64
N TYR D 307 -6.73 -10.65 31.96
CA TYR D 307 -5.81 -11.39 32.82
C TYR D 307 -5.57 -12.86 32.41
N GLU D 308 -6.65 -13.64 32.27
CA GLU D 308 -6.50 -15.06 31.94
C GLU D 308 -5.67 -15.30 30.70
N ASN D 309 -5.88 -14.46 29.68
CA ASN D 309 -5.15 -14.58 28.41
C ASN D 309 -3.64 -14.46 28.62
N VAL D 310 -3.27 -13.50 29.46
CA VAL D 310 -1.87 -13.21 29.74
C VAL D 310 -1.24 -14.24 30.67
N ALA D 311 -1.99 -14.72 31.67
CA ALA D 311 -1.50 -15.74 32.60
C ALA D 311 -1.24 -17.06 31.86
N LEU D 312 -2.19 -17.47 31.05
CA LEU D 312 -2.04 -18.74 30.35
C LEU D 312 -1.18 -18.71 29.10
N LEU D 313 -1.03 -17.54 28.47
CA LEU D 313 -0.21 -17.42 27.26
C LEU D 313 1.11 -16.70 27.57
N GLY D 314 1.27 -16.31 28.83
CA GLY D 314 2.44 -15.60 29.28
C GLY D 314 3.26 -16.39 30.27
N SER D 315 3.03 -16.15 31.56
CA SER D 315 3.77 -16.84 32.62
C SER D 315 3.70 -18.37 32.50
N ASN D 316 2.53 -18.86 32.12
CA ASN D 316 2.31 -20.28 31.97
C ASN D 316 3.18 -20.87 30.86
N LEU D 317 3.59 -20.04 29.91
CA LEU D 317 4.44 -20.46 28.80
C LEU D 317 5.88 -20.00 29.00
N GLY D 318 6.16 -19.34 30.12
CA GLY D 318 7.50 -18.83 30.39
C GLY D 318 7.87 -17.67 29.48
N ILE D 319 6.84 -16.98 28.97
CA ILE D 319 7.06 -15.85 28.06
C ILE D 319 6.86 -14.57 28.87
N GLY D 320 7.93 -13.78 28.97
CA GLY D 320 7.89 -12.56 29.78
C GLY D 320 7.75 -11.19 29.15
N LYS D 321 7.34 -11.10 27.88
CA LYS D 321 7.15 -9.82 27.22
C LYS D 321 5.69 -9.69 26.82
N LEU D 322 5.00 -8.68 27.34
CA LEU D 322 3.56 -8.47 27.06
C LEU D 322 3.26 -8.32 25.57
N ASN D 323 4.14 -7.64 24.83
CA ASN D 323 3.93 -7.45 23.39
C ASN D 323 3.90 -8.77 22.63
N GLU D 324 4.66 -9.76 23.10
CA GLU D 324 4.71 -11.08 22.48
C GLU D 324 3.50 -11.91 22.90
N VAL D 325 3.18 -11.87 24.19
CA VAL D 325 2.00 -12.56 24.71
C VAL D 325 0.76 -12.00 23.96
N SER D 326 0.79 -10.70 23.65
CA SER D 326 -0.32 -10.04 22.94
C SER D 326 -0.51 -10.56 21.52
N VAL D 327 0.57 -11.03 20.89
CA VAL D 327 0.50 -11.59 19.55
C VAL D 327 -0.26 -12.92 19.67
N LEU D 328 0.07 -13.72 20.67
CA LEU D 328 -0.61 -15.01 20.87
C LEU D 328 -2.07 -14.76 21.19
N ASN D 329 -2.33 -13.75 22.01
CA ASN D 329 -3.67 -13.35 22.41
C ASN D 329 -4.50 -12.99 21.18
N ARG D 330 -3.92 -12.19 20.30
CA ARG D 330 -4.63 -11.79 19.09
C ARG D 330 -4.93 -12.99 18.20
N ILE D 331 -3.98 -13.92 18.12
CA ILE D 331 -4.17 -15.12 17.31
C ILE D 331 -5.36 -15.94 17.85
N ALA D 332 -5.46 -16.06 19.17
CA ALA D 332 -6.56 -16.80 19.77
C ALA D 332 -7.90 -16.15 19.43
N ASP D 333 -7.97 -14.82 19.49
CA ASP D 333 -9.22 -14.11 19.17
C ASP D 333 -9.57 -14.23 17.70
N GLU D 334 -8.58 -14.05 16.83
CA GLU D 334 -8.77 -14.14 15.38
C GLU D 334 -9.22 -15.52 14.95
N MET D 335 -8.59 -16.54 15.52
CA MET D 335 -8.90 -17.92 15.18
C MET D 335 -10.14 -18.46 15.89
N GLY D 336 -10.58 -17.78 16.94
CA GLY D 336 -11.75 -18.23 17.69
C GLY D 336 -11.43 -19.43 18.57
N MET D 337 -10.38 -19.34 19.36
CA MET D 337 -10.06 -20.42 20.27
C MET D 337 -9.75 -19.84 21.64
N ASP D 338 -10.16 -20.57 22.66
CA ASP D 338 -10.01 -20.19 24.04
C ASP D 338 -8.55 -19.98 24.40
N THR D 339 -8.23 -18.77 24.89
CA THR D 339 -6.88 -18.44 25.31
C THR D 339 -6.39 -19.38 26.43
N ILE D 340 -7.26 -19.68 27.38
CA ILE D 340 -6.93 -20.53 28.54
C ILE D 340 -6.54 -21.95 28.15
N SER D 341 -7.46 -22.66 27.51
CA SER D 341 -7.21 -24.04 27.07
C SER D 341 -6.09 -24.08 26.03
N LEU D 342 -5.97 -23.02 25.22
CA LEU D 342 -4.90 -22.94 24.22
C LEU D 342 -3.56 -22.87 24.95
N GLY D 343 -3.47 -21.94 25.90
CA GLY D 343 -2.26 -21.77 26.68
C GLY D 343 -1.89 -23.00 27.48
N VAL D 344 -2.90 -23.65 28.07
CA VAL D 344 -2.65 -24.85 28.87
C VAL D 344 -2.20 -26.01 27.99
N SER D 345 -2.77 -26.14 26.80
CA SER D 345 -2.38 -27.20 25.88
C SER D 345 -0.96 -26.97 25.39
N ILE D 346 -0.60 -25.72 25.07
CA ILE D 346 0.75 -25.40 24.63
C ILE D 346 1.79 -25.64 25.73
N ALA D 347 1.45 -25.27 26.97
CA ALA D 347 2.36 -25.43 28.10
C ALA D 347 2.59 -26.93 28.35
N HIS D 348 1.56 -27.73 28.09
CA HIS D 348 1.63 -29.17 28.28
C HIS D 348 2.66 -29.72 27.31
N VAL D 349 2.58 -29.27 26.06
CA VAL D 349 3.52 -29.67 25.01
C VAL D 349 4.93 -29.19 25.36
N MET D 350 5.05 -27.98 25.92
CA MET D 350 6.36 -27.45 26.29
C MET D 350 7.01 -28.33 27.35
N GLU D 351 6.25 -28.71 28.37
CA GLU D 351 6.79 -29.57 29.41
C GLU D 351 7.16 -30.94 28.84
N ALA D 352 6.32 -31.48 27.97
CA ALA D 352 6.61 -32.78 27.37
C ALA D 352 7.87 -32.73 26.53
N VAL D 353 8.12 -31.57 25.90
CA VAL D 353 9.31 -31.39 25.06
C VAL D 353 10.54 -31.34 25.93
N GLU D 354 10.47 -30.58 27.03
CA GLU D 354 11.60 -30.45 27.94
C GLU D 354 11.94 -31.74 28.66
N ARG D 355 10.94 -32.61 28.82
CA ARG D 355 11.12 -33.89 29.49
C ARG D 355 11.50 -35.00 28.51
N GLY D 356 11.62 -34.64 27.24
CA GLY D 356 12.00 -35.60 26.22
C GLY D 356 10.92 -36.56 25.75
N ILE D 357 9.69 -36.35 26.21
CA ILE D 357 8.56 -37.22 25.82
C ILE D 357 8.13 -36.90 24.37
N LEU D 358 8.19 -35.63 24.00
CA LEU D 358 7.89 -35.20 22.64
C LEU D 358 9.27 -34.89 22.09
N LYS D 359 9.60 -35.44 20.93
CA LYS D 359 10.92 -35.21 20.35
C LYS D 359 11.04 -33.86 19.70
N GLU D 360 9.90 -33.30 19.28
CA GLU D 360 9.89 -31.97 18.68
C GLU D 360 8.77 -31.09 19.20
N GLY D 361 8.97 -29.78 19.12
CA GLY D 361 7.98 -28.84 19.59
C GLY D 361 8.63 -27.71 20.37
N PRO D 362 7.85 -26.71 20.81
CA PRO D 362 8.43 -25.59 21.56
C PRO D 362 8.74 -25.95 23.01
N THR D 363 9.51 -25.09 23.67
CA THR D 363 9.86 -25.26 25.08
C THR D 363 9.47 -23.96 25.76
N PHE D 364 9.48 -23.93 27.09
CA PHE D 364 9.13 -22.71 27.78
C PHE D 364 9.99 -21.54 27.38
N GLY D 365 9.35 -20.39 27.19
CA GLY D 365 10.06 -19.19 26.82
C GLY D 365 10.23 -18.98 25.33
N ASP D 366 9.81 -19.97 24.54
CA ASP D 366 9.95 -19.91 23.09
C ASP D 366 8.71 -19.29 22.41
N PHE D 367 8.72 -17.97 22.28
CA PHE D 367 7.63 -17.24 21.64
C PHE D 367 7.36 -17.67 20.18
N LYS D 368 8.40 -17.70 19.35
CA LYS D 368 8.25 -18.10 17.95
C LYS D 368 7.63 -19.50 17.82
N GLY D 369 8.09 -20.45 18.64
CA GLY D 369 7.54 -21.80 18.61
C GLY D 369 6.10 -21.85 19.13
N ALA D 370 5.78 -21.04 20.13
CA ALA D 370 4.43 -21.00 20.69
C ALA D 370 3.48 -20.46 19.64
N LYS D 371 3.89 -19.38 18.98
CA LYS D 371 3.10 -18.75 17.93
C LYS D 371 2.81 -19.73 16.79
N GLN D 372 3.83 -20.47 16.36
CA GLN D 372 3.65 -21.44 15.30
C GLN D 372 2.72 -22.57 15.72
N LEU D 373 2.85 -23.05 16.95
CA LEU D 373 2.01 -24.13 17.44
C LEU D 373 0.55 -23.64 17.56
N ALA D 374 0.37 -22.39 17.99
CA ALA D 374 -0.97 -21.82 18.12
C ALA D 374 -1.66 -21.79 16.75
N LEU D 375 -0.92 -21.40 15.71
CA LEU D 375 -1.44 -21.35 14.35
C LEU D 375 -1.69 -22.75 13.81
N ASP D 376 -0.78 -23.68 14.12
CA ASP D 376 -0.95 -25.07 13.68
C ASP D 376 -2.15 -25.74 14.37
N ILE D 377 -2.47 -25.31 15.59
CA ILE D 377 -3.61 -25.84 16.31
C ILE D 377 -4.89 -25.37 15.63
N ALA D 378 -4.97 -24.06 15.36
CA ALA D 378 -6.13 -23.47 14.70
C ALA D 378 -6.47 -24.12 13.35
N TYR D 379 -5.44 -24.37 12.55
CA TYR D 379 -5.61 -24.98 11.24
C TYR D 379 -5.43 -26.48 11.22
N ARG D 380 -5.20 -27.07 12.39
CA ARG D 380 -4.98 -28.51 12.53
C ARG D 380 -3.91 -28.99 11.53
N LYS D 381 -2.78 -28.27 11.53
CA LYS D 381 -1.67 -28.54 10.63
C LYS D 381 -0.61 -29.39 11.34
N GLY D 382 -0.36 -30.58 10.80
CA GLY D 382 0.64 -31.47 11.37
C GLY D 382 0.16 -32.25 12.58
N GLU D 383 0.90 -33.30 12.92
CA GLU D 383 0.56 -34.14 14.05
C GLU D 383 0.46 -33.46 15.40
N LEU D 384 1.46 -32.65 15.74
CA LEU D 384 1.47 -31.95 17.02
C LEU D 384 0.26 -31.02 17.15
N GLY D 385 0.06 -30.17 16.13
CA GLY D 385 -1.06 -29.25 16.12
C GLY D 385 -2.39 -29.97 16.26
N ASN D 386 -2.58 -31.07 15.54
CA ASN D 386 -3.82 -31.84 15.65
C ASN D 386 -4.03 -32.46 17.01
N LEU D 387 -2.93 -32.89 17.63
CA LEU D 387 -3.03 -33.48 18.96
C LEU D 387 -3.36 -32.41 20.01
N ALA D 388 -2.64 -31.28 19.95
CA ALA D 388 -2.86 -30.20 20.90
C ALA D 388 -4.27 -29.58 20.74
N ALA D 389 -4.83 -29.70 19.53
CA ALA D 389 -6.16 -29.19 19.23
C ALA D 389 -7.25 -30.03 19.93
N GLU D 390 -6.84 -31.13 20.57
CA GLU D 390 -7.76 -32.01 21.28
C GLU D 390 -7.85 -31.69 22.78
N GLY D 391 -6.93 -30.86 23.28
CA GLY D 391 -6.95 -30.52 24.69
C GLY D 391 -6.01 -31.39 25.49
N VAL D 392 -5.65 -30.99 26.72
CA VAL D 392 -4.71 -31.75 27.56
C VAL D 392 -5.14 -33.14 27.98
N LYS D 393 -6.41 -33.34 28.31
CA LYS D 393 -6.87 -34.66 28.73
C LYS D 393 -6.65 -35.70 27.63
N ALA D 394 -7.12 -35.42 26.41
CA ALA D 394 -6.98 -36.33 25.28
C ALA D 394 -5.52 -36.45 24.83
N MET D 395 -4.79 -35.33 24.89
CA MET D 395 -3.40 -35.31 24.52
C MET D 395 -2.60 -36.14 25.54
N ALA D 396 -2.92 -35.98 26.81
CA ALA D 396 -2.25 -36.71 27.89
C ALA D 396 -2.53 -38.22 27.79
N GLU D 397 -3.68 -38.59 27.24
CA GLU D 397 -3.98 -40.01 27.08
C GLU D 397 -3.14 -40.61 25.95
N LYS D 398 -2.82 -39.80 24.96
CA LYS D 398 -2.01 -40.24 23.84
C LYS D 398 -0.52 -40.32 24.19
N LEU D 399 -0.04 -39.36 24.96
CA LEU D 399 1.37 -39.30 25.31
C LEU D 399 1.74 -39.96 26.63
N GLY D 400 0.73 -40.27 27.45
CA GLY D 400 0.99 -40.85 28.76
C GLY D 400 1.55 -39.79 29.69
N THR D 401 1.02 -38.58 29.56
CA THR D 401 1.50 -37.43 30.34
C THR D 401 0.48 -36.91 31.36
N HIS D 402 -0.37 -37.82 31.83
CA HIS D 402 -1.42 -37.51 32.79
C HIS D 402 -0.93 -36.75 34.05
N ASP D 403 0.24 -37.09 34.55
CA ASP D 403 0.75 -36.44 35.75
C ASP D 403 0.91 -34.92 35.64
N PHE D 404 1.06 -34.38 34.43
CA PHE D 404 1.15 -32.94 34.28
C PHE D 404 0.07 -32.36 33.34
N ALA D 405 -1.07 -33.07 33.27
CA ALA D 405 -2.24 -32.66 32.49
C ALA D 405 -3.15 -31.81 33.42
N MET D 406 -3.08 -30.49 33.28
CA MET D 406 -3.86 -29.59 34.14
C MET D 406 -5.30 -29.32 33.66
N HIS D 407 -6.22 -30.15 34.12
CA HIS D 407 -7.64 -30.03 33.78
C HIS D 407 -8.49 -30.73 34.85
N VAL D 408 -9.79 -30.45 34.82
CA VAL D 408 -10.76 -31.11 35.69
C VAL D 408 -11.94 -31.37 34.74
N LYS D 409 -12.35 -32.64 34.65
CA LYS D 409 -13.44 -33.07 33.77
C LYS D 409 -13.14 -32.82 32.30
N GLY D 410 -11.86 -32.66 31.95
CA GLY D 410 -11.49 -32.40 30.57
C GLY D 410 -11.37 -30.92 30.19
N LEU D 411 -11.80 -30.01 31.06
CA LEU D 411 -11.66 -28.58 30.76
C LEU D 411 -10.40 -28.11 31.50
N GLU D 412 -9.51 -27.44 30.77
CA GLU D 412 -8.25 -26.94 31.32
C GLU D 412 -8.36 -25.95 32.48
N VAL D 413 -7.53 -26.13 33.50
CA VAL D 413 -7.50 -25.25 34.68
C VAL D 413 -7.14 -23.83 34.22
N SER D 414 -7.77 -22.84 34.83
CA SER D 414 -7.51 -21.45 34.46
C SER D 414 -6.36 -20.76 35.24
N GLY D 415 -6.45 -19.44 35.37
CA GLY D 415 -5.37 -18.65 35.95
C GLY D 415 -4.95 -18.60 37.39
N TYR D 416 -5.30 -19.61 38.19
CA TYR D 416 -4.93 -19.59 39.61
C TYR D 416 -4.30 -20.90 40.03
N ASN D 417 -3.03 -20.84 40.43
CA ASN D 417 -2.28 -22.03 40.85
C ASN D 417 -2.62 -22.31 42.32
N CYS D 418 -3.18 -23.49 42.56
CA CYS D 418 -3.67 -23.82 43.87
C CYS D 418 -2.93 -24.83 44.75
N TYR D 419 -1.62 -24.92 44.62
CA TYR D 419 -0.82 -25.80 45.47
C TYR D 419 -1.16 -25.58 46.95
N ILE D 420 -1.36 -24.34 47.35
CA ILE D 420 -1.67 -24.06 48.76
C ILE D 420 -3.04 -23.44 49.01
N TYR D 421 -3.96 -23.59 48.07
CA TYR D 421 -5.29 -22.98 48.19
C TYR D 421 -6.37 -24.02 48.00
N PRO D 422 -6.76 -24.70 49.09
CA PRO D 422 -7.80 -25.75 49.06
C PRO D 422 -9.18 -25.34 48.65
N ALA D 423 -9.65 -24.18 49.07
CA ALA D 423 -10.99 -23.73 48.66
C ALA D 423 -11.01 -23.49 47.14
N MET D 424 -9.94 -22.87 46.60
CA MET D 424 -9.92 -22.63 45.18
C MET D 424 -9.75 -23.94 44.40
N ALA D 425 -9.05 -24.91 44.99
CA ALA D 425 -8.89 -26.22 44.36
C ALA D 425 -10.26 -26.88 44.32
N LEU D 426 -11.03 -26.71 45.39
CA LEU D 426 -12.39 -27.26 45.46
C LEU D 426 -13.27 -26.57 44.42
N ALA D 427 -13.06 -25.27 44.22
CA ALA D 427 -13.84 -24.51 43.24
C ALA D 427 -13.58 -25.09 41.84
N TYR D 428 -12.30 -25.36 41.54
CA TYR D 428 -11.93 -25.95 40.26
C TYR D 428 -12.47 -27.36 40.13
N GLY D 429 -12.37 -28.12 41.21
CA GLY D 429 -12.84 -29.49 41.18
C GLY D 429 -14.35 -29.66 41.03
N THR D 430 -15.13 -28.74 41.60
CA THR D 430 -16.58 -28.86 41.55
C THR D 430 -17.28 -28.00 40.49
N SER D 431 -16.53 -27.14 39.79
CA SER D 431 -17.12 -26.27 38.76
C SER D 431 -18.03 -27.08 37.84
N ALA D 432 -19.28 -26.63 37.69
CA ALA D 432 -20.31 -27.33 36.89
C ALA D 432 -19.94 -27.72 35.48
N ILE D 433 -19.07 -26.94 34.84
CA ILE D 433 -18.69 -27.19 33.46
C ILE D 433 -17.29 -27.76 33.29
N GLY D 434 -16.59 -28.00 34.39
CA GLY D 434 -15.21 -28.45 34.32
C GLY D 434 -14.37 -27.30 34.88
N ALA D 435 -13.06 -27.50 35.03
CA ALA D 435 -12.18 -26.48 35.59
C ALA D 435 -12.32 -25.07 35.02
N HIS D 436 -12.74 -24.14 35.87
CA HIS D 436 -12.92 -22.73 35.50
C HIS D 436 -13.06 -21.98 36.83
N HIS D 437 -12.62 -20.74 36.88
CA HIS D 437 -12.74 -19.92 38.09
C HIS D 437 -14.08 -19.17 38.07
N LYS D 438 -14.75 -19.22 36.92
CA LYS D 438 -16.04 -18.54 36.70
C LYS D 438 -17.04 -18.59 37.87
N GLU D 439 -17.34 -19.80 38.31
CA GLU D 439 -18.37 -20.02 39.32
C GLU D 439 -17.98 -19.74 40.76
N ALA D 440 -16.69 -19.64 41.04
CA ALA D 440 -16.29 -19.34 42.40
C ALA D 440 -14.82 -18.97 42.46
N TRP D 441 -14.55 -17.68 42.52
CA TRP D 441 -13.17 -17.19 42.62
C TRP D 441 -12.99 -16.91 44.11
N VAL D 442 -12.74 -17.99 44.85
CA VAL D 442 -12.63 -17.95 46.29
C VAL D 442 -11.20 -17.75 46.82
N ILE D 443 -10.24 -17.75 45.91
CA ILE D 443 -8.85 -17.59 46.33
C ILE D 443 -8.60 -16.25 47.00
N ALA D 444 -9.30 -15.21 46.54
CA ALA D 444 -9.12 -13.88 47.11
C ALA D 444 -9.60 -13.86 48.57
N TRP D 445 -10.70 -14.55 48.83
CA TRP D 445 -11.27 -14.64 50.18
C TRP D 445 -10.37 -15.49 51.08
N GLU D 446 -9.78 -16.55 50.51
CA GLU D 446 -8.86 -17.42 51.24
C GLU D 446 -7.61 -16.65 51.66
N ILE D 447 -7.15 -15.78 50.77
CA ILE D 447 -5.95 -14.97 51.02
C ILE D 447 -6.26 -13.80 51.96
N GLY D 448 -7.30 -13.03 51.65
CA GLY D 448 -7.66 -11.88 52.48
C GLY D 448 -7.47 -10.53 51.79
N THR D 449 -6.92 -10.56 50.57
CA THR D 449 -6.71 -9.34 49.78
C THR D 449 -7.26 -9.56 48.38
N ALA D 450 -7.27 -8.50 47.56
CA ALA D 450 -7.78 -8.58 46.20
C ALA D 450 -6.95 -7.75 45.23
N PRO D 451 -6.95 -8.13 43.94
CA PRO D 451 -6.21 -7.41 42.90
C PRO D 451 -6.55 -5.92 42.87
N ILE D 452 -7.83 -5.59 43.02
CA ILE D 452 -8.33 -4.22 43.00
C ILE D 452 -7.68 -3.30 44.05
N GLU D 453 -7.17 -3.89 45.13
CA GLU D 453 -6.50 -3.12 46.18
C GLU D 453 -5.07 -2.72 45.80
N TYR D 462 -0.38 -15.98 55.81
CA TYR D 462 -1.20 -17.05 55.18
C TYR D 462 -0.85 -18.48 55.64
N LYS D 463 -1.85 -19.22 56.10
CA LYS D 463 -1.70 -20.60 56.54
C LYS D 463 -2.71 -21.48 55.82
N ILE D 464 -2.27 -22.66 55.38
CA ILE D 464 -3.15 -23.60 54.67
C ILE D 464 -4.19 -24.19 55.61
N SER D 465 -5.46 -24.06 55.22
CA SER D 465 -6.58 -24.56 56.03
C SER D 465 -7.62 -25.30 55.19
N TYR D 466 -8.21 -26.35 55.76
CA TYR D 466 -9.25 -27.12 55.07
C TYR D 466 -10.56 -27.03 55.82
N ASP D 467 -10.72 -25.94 56.57
CA ASP D 467 -11.92 -25.67 57.36
C ASP D 467 -13.17 -25.93 56.51
N PRO D 468 -14.14 -26.68 57.05
CA PRO D 468 -15.40 -27.02 56.37
C PRO D 468 -16.15 -25.81 55.84
N ILE D 469 -15.98 -24.66 56.47
CA ILE D 469 -16.67 -23.45 56.04
C ILE D 469 -16.26 -23.04 54.60
N LYS D 470 -15.10 -23.51 54.17
CA LYS D 470 -14.61 -23.24 52.83
C LYS D 470 -15.54 -23.86 51.77
N ALA D 471 -16.11 -25.03 52.09
CA ALA D 471 -17.03 -25.68 51.16
C ALA D 471 -18.32 -24.86 51.12
N GLN D 472 -18.71 -24.32 52.28
CA GLN D 472 -19.90 -23.49 52.35
C GLN D 472 -19.70 -22.22 51.50
N LYS D 473 -18.52 -21.59 51.64
CA LYS D 473 -18.17 -20.39 50.88
C LYS D 473 -18.20 -20.67 49.37
N VAL D 474 -17.69 -21.84 48.96
CA VAL D 474 -17.67 -22.21 47.54
C VAL D 474 -19.11 -22.35 47.02
N VAL D 475 -19.99 -22.97 47.81
CA VAL D 475 -21.40 -23.13 47.42
C VAL D 475 -22.07 -21.75 47.35
N GLU D 476 -21.76 -20.87 48.29
CA GLU D 476 -22.36 -19.55 48.26
C GLU D 476 -21.98 -18.76 47.01
N LEU D 477 -20.71 -18.83 46.62
CA LEU D 477 -20.24 -18.12 45.44
C LEU D 477 -20.81 -18.75 44.17
N GLN D 478 -20.89 -20.08 44.14
CA GLN D 478 -21.43 -20.75 42.99
C GLN D 478 -22.87 -20.32 42.76
N ARG D 479 -23.63 -20.13 43.83
CA ARG D 479 -25.02 -19.70 43.69
C ARG D 479 -25.13 -18.34 43.00
N LEU D 480 -24.22 -17.44 43.29
CA LEU D 480 -24.24 -16.12 42.67
C LEU D 480 -23.55 -16.09 41.30
N ARG D 481 -22.30 -16.52 41.26
CA ARG D 481 -21.48 -16.50 40.06
C ARG D 481 -21.82 -17.56 39.03
N GLY D 482 -22.12 -18.77 39.49
CA GLY D 482 -22.48 -19.85 38.60
C GLY D 482 -23.99 -19.94 38.40
N GLY D 483 -24.74 -19.19 39.20
CA GLY D 483 -26.19 -19.22 39.10
C GLY D 483 -26.77 -17.90 38.64
N LEU D 484 -27.03 -17.02 39.62
CA LEU D 484 -27.61 -15.70 39.36
C LEU D 484 -27.04 -14.93 38.14
N PHE D 485 -25.74 -14.66 38.12
CA PHE D 485 -25.18 -13.91 37.00
C PHE D 485 -25.22 -14.60 35.65
N GLU D 486 -25.32 -15.93 35.65
CA GLU D 486 -25.41 -16.70 34.41
C GLU D 486 -26.85 -16.88 33.94
N MET D 487 -27.80 -16.53 34.81
CA MET D 487 -29.24 -16.65 34.51
C MET D 487 -29.90 -15.32 34.14
N LEU D 488 -29.35 -14.20 34.62
CA LEU D 488 -29.95 -12.89 34.36
C LEU D 488 -29.99 -12.42 32.90
N THR D 489 -28.88 -12.45 32.17
CA THR D 489 -27.54 -12.85 32.62
C THR D 489 -26.83 -11.49 32.57
N ALA D 490 -26.07 -11.16 33.60
CA ALA D 490 -25.40 -9.86 33.62
C ALA D 490 -23.99 -10.04 34.12
N CYS D 491 -23.16 -9.02 33.92
CA CYS D 491 -21.76 -9.09 34.36
C CYS D 491 -21.64 -9.10 35.87
N ARG D 492 -20.86 -10.04 36.39
CA ARG D 492 -20.63 -10.17 37.83
C ARG D 492 -19.51 -9.23 38.32
N LEU D 493 -18.77 -8.61 37.40
CA LEU D 493 -17.65 -7.74 37.80
C LEU D 493 -18.00 -6.47 38.59
N PRO D 494 -19.12 -5.78 38.27
CA PRO D 494 -19.40 -4.60 39.08
C PRO D 494 -19.44 -4.97 40.56
N TRP D 495 -20.02 -6.12 40.85
CA TRP D 495 -20.11 -6.60 42.22
C TRP D 495 -18.74 -7.08 42.74
N VAL D 496 -18.10 -7.98 41.99
CA VAL D 496 -16.81 -8.53 42.38
C VAL D 496 -15.69 -7.50 42.54
N GLU D 497 -15.58 -6.60 41.58
CA GLU D 497 -14.49 -5.63 41.55
C GLU D 497 -14.68 -4.30 42.27
N VAL D 498 -15.82 -3.65 42.05
CA VAL D 498 -16.05 -2.36 42.68
C VAL D 498 -17.08 -2.36 43.82
N GLY D 499 -17.59 -3.54 44.15
CA GLY D 499 -18.53 -3.67 45.25
C GLY D 499 -19.97 -3.25 45.05
N LEU D 500 -20.46 -3.24 43.81
CA LEU D 500 -21.85 -2.88 43.55
C LEU D 500 -22.67 -3.82 44.41
N SER D 501 -23.64 -3.27 45.15
CA SER D 501 -24.47 -4.05 46.04
C SER D 501 -25.29 -5.14 45.34
N LEU D 502 -25.28 -6.34 45.92
CA LEU D 502 -26.02 -7.47 45.39
C LEU D 502 -27.53 -7.25 45.41
N ASP D 503 -27.99 -6.36 46.31
CA ASP D 503 -29.42 -6.08 46.45
C ASP D 503 -30.11 -5.43 45.25
N TYR D 504 -29.33 -4.85 44.33
CA TYR D 504 -29.91 -4.28 43.11
C TYR D 504 -30.48 -5.38 42.24
N TYR D 505 -29.86 -6.56 42.27
CA TYR D 505 -30.27 -7.66 41.41
C TYR D 505 -31.67 -8.21 41.59
N PRO D 506 -32.06 -8.60 42.82
CA PRO D 506 -33.43 -9.10 42.94
C PRO D 506 -34.44 -7.95 42.76
N LYS D 507 -34.03 -6.72 43.06
CA LYS D 507 -34.92 -5.56 42.88
C LYS D 507 -35.17 -5.28 41.42
N LEU D 508 -34.11 -5.35 40.61
CA LEU D 508 -34.21 -5.13 39.18
C LEU D 508 -35.04 -6.25 38.56
N LEU D 509 -34.78 -7.49 38.98
CA LEU D 509 -35.49 -8.64 38.46
C LEU D 509 -37.01 -8.48 38.68
N LYS D 510 -37.39 -8.00 39.86
CA LYS D 510 -38.79 -7.75 40.17
C LYS D 510 -39.35 -6.60 39.32
N ALA D 511 -38.62 -5.49 39.22
CA ALA D 511 -39.10 -4.35 38.42
C ALA D 511 -39.31 -4.75 36.97
N ILE D 512 -38.51 -5.68 36.47
CA ILE D 512 -38.62 -6.12 35.09
C ILE D 512 -39.72 -7.14 34.86
N THR D 513 -39.69 -8.22 35.64
CA THR D 513 -40.64 -9.30 35.46
C THR D 513 -41.94 -9.19 36.25
N GLY D 514 -41.95 -8.36 37.30
CA GLY D 514 -43.14 -8.27 38.14
C GLY D 514 -43.18 -9.44 39.12
N VAL D 515 -42.14 -10.27 39.11
CA VAL D 515 -42.08 -11.41 39.99
C VAL D 515 -41.12 -11.19 41.15
N THR D 516 -41.61 -11.41 42.38
CA THR D 516 -40.75 -11.24 43.53
C THR D 516 -39.84 -12.45 43.71
N TYR D 517 -38.55 -12.20 43.81
CA TYR D 517 -37.58 -13.26 44.07
C TYR D 517 -36.88 -12.93 45.37
N THR D 518 -37.12 -13.71 46.40
CA THR D 518 -36.42 -13.49 47.67
C THR D 518 -35.02 -14.08 47.48
N TRP D 519 -34.11 -13.82 48.41
CA TRP D 519 -32.76 -14.38 48.28
C TRP D 519 -32.82 -15.89 48.32
N ASP D 520 -33.75 -16.42 49.11
CA ASP D 520 -33.91 -17.87 49.19
C ASP D 520 -34.40 -18.42 47.82
N ASP D 521 -35.29 -17.69 47.16
CA ASP D 521 -35.78 -18.08 45.84
C ASP D 521 -34.60 -18.21 44.86
N LEU D 522 -33.72 -17.21 44.87
CA LEU D 522 -32.56 -17.20 43.98
C LEU D 522 -31.54 -18.29 44.30
N TYR D 523 -31.30 -18.55 45.57
CA TYR D 523 -30.36 -19.60 45.98
C TYR D 523 -30.86 -20.95 45.52
N LYS D 524 -32.17 -21.15 45.69
CA LYS D 524 -32.82 -22.40 45.30
C LYS D 524 -32.80 -22.58 43.78
N ALA D 525 -33.03 -21.49 43.04
CA ALA D 525 -33.00 -21.53 41.59
C ALA D 525 -31.59 -21.90 41.11
N ALA D 526 -30.58 -21.34 41.77
CA ALA D 526 -29.19 -21.64 41.43
C ALA D 526 -28.86 -23.10 41.75
N ASP D 527 -29.32 -23.58 42.91
CA ASP D 527 -29.09 -24.97 43.30
C ASP D 527 -29.82 -25.94 42.35
N ARG D 528 -30.99 -25.55 41.89
CA ARG D 528 -31.77 -26.36 40.96
C ARG D 528 -30.94 -26.54 39.69
N VAL D 529 -30.41 -25.42 39.17
CA VAL D 529 -29.57 -25.42 37.97
C VAL D 529 -28.30 -26.28 38.19
N TYR D 530 -27.66 -26.17 39.36
CA TYR D 530 -26.46 -26.97 39.65
C TYR D 530 -26.77 -28.47 39.69
N SER D 531 -27.92 -28.82 40.28
CA SER D 531 -28.30 -30.24 40.34
C SER D 531 -28.77 -30.78 39.00
N LEU D 532 -29.37 -29.92 38.18
CA LEU D 532 -29.82 -30.33 36.86
C LEU D 532 -28.58 -30.57 35.98
N ILE D 533 -27.61 -29.67 36.06
CA ILE D 533 -26.39 -29.82 35.26
C ILE D 533 -25.65 -31.09 35.66
N ARG D 534 -25.51 -31.32 36.97
CA ARG D 534 -24.81 -32.51 37.42
C ARG D 534 -25.54 -33.78 36.92
N ALA D 535 -26.87 -33.74 36.93
CA ALA D 535 -27.66 -34.87 36.46
C ALA D 535 -27.37 -35.11 34.99
N TYR D 536 -27.19 -34.02 34.25
CA TYR D 536 -26.90 -34.10 32.83
C TYR D 536 -25.57 -34.82 32.60
N TRP D 537 -24.55 -34.46 33.38
CA TRP D 537 -23.23 -35.12 33.27
C TRP D 537 -23.33 -36.62 33.56
N VAL D 538 -24.00 -36.95 34.67
CA VAL D 538 -24.15 -38.34 35.11
C VAL D 538 -24.93 -39.15 34.06
N ARG D 539 -26.01 -38.58 33.57
CA ARG D 539 -26.83 -39.22 32.55
C ARG D 539 -26.02 -39.44 31.26
N GLU D 540 -25.29 -38.42 30.82
CA GLU D 540 -24.50 -38.53 29.60
C GLU D 540 -23.29 -39.45 29.74
N PHE D 541 -22.77 -39.57 30.96
CA PHE D 541 -21.65 -40.45 31.22
C PHE D 541 -22.14 -41.88 31.51
N ASN D 542 -23.43 -42.08 31.28
CA ASN D 542 -24.07 -43.38 31.46
C ASN D 542 -23.86 -43.95 32.86
N GLY D 543 -23.98 -43.08 33.87
CA GLY D 543 -23.82 -43.52 35.24
C GLY D 543 -22.40 -43.74 35.72
N LYS D 544 -21.44 -43.75 34.80
CA LYS D 544 -20.03 -43.92 35.16
C LYS D 544 -19.57 -42.59 35.75
N TRP D 545 -19.58 -42.51 37.08
CA TRP D 545 -19.25 -41.28 37.77
C TRP D 545 -18.99 -41.50 39.26
N ASP D 546 -17.99 -40.82 39.80
CA ASP D 546 -17.69 -40.92 41.23
C ASP D 546 -17.04 -39.61 41.68
N ARG D 547 -16.71 -39.52 42.97
CA ARG D 547 -16.13 -38.30 43.52
C ARG D 547 -14.85 -37.78 42.86
N LYS D 548 -14.09 -38.65 42.21
CA LYS D 548 -12.84 -38.26 41.58
C LYS D 548 -13.08 -37.29 40.42
N MET D 549 -14.32 -37.24 39.91
CA MET D 549 -14.65 -36.31 38.84
C MET D 549 -14.51 -34.88 39.36
N ASP D 550 -14.66 -34.73 40.66
CA ASP D 550 -14.58 -33.43 41.36
C ASP D 550 -13.24 -33.16 42.06
N TYR D 551 -12.21 -33.89 41.67
CA TYR D 551 -10.88 -33.70 42.23
C TYR D 551 -10.06 -32.73 41.38
N PRO D 552 -9.18 -31.95 42.03
CA PRO D 552 -8.38 -31.03 41.22
C PRO D 552 -7.23 -31.87 40.62
N PRO D 553 -6.46 -31.30 39.69
CA PRO D 553 -5.36 -32.05 39.08
C PRO D 553 -4.32 -32.64 40.05
N LYS D 554 -3.89 -33.85 39.74
CA LYS D 554 -2.91 -34.59 40.53
C LYS D 554 -1.63 -33.82 40.91
N ARG D 555 -1.16 -32.94 40.01
CA ARG D 555 0.04 -32.16 40.28
C ARG D 555 -0.02 -31.36 41.57
N TRP D 556 -1.19 -30.87 41.98
CA TRP D 556 -1.29 -30.09 43.22
C TRP D 556 -1.12 -30.92 44.50
N PHE D 557 -1.14 -32.24 44.35
CA PHE D 557 -0.98 -33.17 45.46
C PHE D 557 0.39 -33.80 45.46
N THR D 558 0.92 -34.12 44.27
CA THR D 558 2.22 -34.79 44.14
C THR D 558 3.51 -33.96 44.16
N GLU D 559 3.37 -32.65 43.99
CA GLU D 559 4.51 -31.76 44.05
C GLU D 559 4.03 -30.42 44.60
N GLY D 560 4.94 -29.49 44.86
CA GLY D 560 4.52 -28.21 45.41
C GLY D 560 5.23 -27.03 44.82
N LEU D 561 4.97 -25.87 45.40
CA LEU D 561 5.58 -24.62 44.96
C LEU D 561 7.10 -24.81 44.85
N LYS D 562 7.69 -24.19 43.83
CA LYS D 562 9.10 -24.33 43.57
C LYS D 562 9.93 -23.21 44.18
N SER D 563 9.26 -22.21 44.73
CA SER D 563 9.97 -21.08 45.32
C SER D 563 9.14 -20.32 46.34
N GLY D 564 9.78 -19.35 47.00
CA GLY D 564 9.09 -18.54 47.99
C GLY D 564 9.02 -19.19 49.36
N PRO D 565 8.36 -18.51 50.31
CA PRO D 565 8.17 -18.95 51.71
C PRO D 565 7.40 -20.25 51.83
N HIS D 566 6.63 -20.58 50.79
CA HIS D 566 5.82 -21.78 50.79
C HIS D 566 6.40 -22.85 49.89
N LYS D 567 7.68 -22.73 49.57
CA LYS D 567 8.33 -23.72 48.71
C LYS D 567 8.11 -25.15 49.22
N GLY D 568 7.70 -26.03 48.31
CA GLY D 568 7.46 -27.43 48.62
C GLY D 568 6.07 -27.76 49.11
N GLU D 569 5.32 -26.73 49.51
CA GLU D 569 3.97 -26.95 50.03
C GLU D 569 2.96 -27.31 48.95
N HIS D 570 2.04 -28.22 49.29
CA HIS D 570 1.05 -28.72 48.36
C HIS D 570 -0.26 -29.09 49.07
N LEU D 571 -1.21 -29.64 48.32
CA LEU D 571 -2.49 -30.05 48.90
C LEU D 571 -2.42 -31.46 49.47
N ASP D 572 -3.24 -31.71 50.49
CA ASP D 572 -3.33 -33.01 51.17
C ASP D 572 -4.56 -33.74 50.65
N GLU D 573 -4.35 -34.91 50.08
CA GLU D 573 -5.43 -35.69 49.50
C GLU D 573 -6.59 -36.02 50.43
N LYS D 574 -6.28 -36.52 51.62
CA LYS D 574 -7.31 -36.89 52.58
C LYS D 574 -8.05 -35.67 53.10
N LYS D 575 -7.32 -34.58 53.33
CA LYS D 575 -7.94 -33.35 53.82
C LYS D 575 -8.88 -32.81 52.73
N TYR D 576 -8.44 -32.90 51.47
CA TYR D 576 -9.27 -32.44 50.37
C TYR D 576 -10.52 -33.31 50.26
N ASP D 577 -10.34 -34.62 50.39
CA ASP D 577 -11.44 -35.55 50.30
C ASP D 577 -12.55 -35.24 51.31
N GLU D 578 -12.14 -34.84 52.52
CA GLU D 578 -13.09 -34.50 53.59
C GLU D 578 -13.78 -33.19 53.23
N LEU D 579 -13.03 -32.26 52.66
CA LEU D 579 -13.59 -30.98 52.26
C LEU D 579 -14.63 -31.22 51.14
N LEU D 580 -14.34 -32.15 50.23
CA LEU D 580 -15.25 -32.49 49.15
C LEU D 580 -16.55 -33.12 49.70
N SER D 581 -16.45 -33.90 50.78
CA SER D 581 -17.63 -34.53 51.40
C SER D 581 -18.51 -33.47 52.05
N GLU D 582 -17.87 -32.42 52.56
CA GLU D 582 -18.61 -31.31 53.18
C GLU D 582 -19.39 -30.60 52.08
N TYR D 583 -18.77 -30.48 50.90
CA TYR D 583 -19.39 -29.84 49.73
C TYR D 583 -20.66 -30.63 49.32
N TYR D 584 -20.52 -31.95 49.22
CA TYR D 584 -21.66 -32.80 48.88
C TYR D 584 -22.75 -32.74 49.96
N ARG D 585 -22.35 -32.64 51.22
CA ARG D 585 -23.31 -32.55 52.31
C ARG D 585 -24.19 -31.32 52.14
N ILE D 586 -23.55 -30.17 51.97
CA ILE D 586 -24.26 -28.91 51.79
C ILE D 586 -25.20 -28.93 50.57
N ARG D 587 -24.79 -29.60 49.49
CA ARG D 587 -25.59 -29.67 48.25
C ARG D 587 -26.65 -30.77 48.24
N GLY D 588 -26.57 -31.70 49.19
CA GLY D 588 -27.53 -32.79 49.23
C GLY D 588 -27.17 -33.85 48.21
N TRP D 589 -25.89 -33.94 47.88
CA TRP D 589 -25.42 -34.94 46.92
C TRP D 589 -24.80 -36.09 47.69
N ASP D 590 -24.76 -37.28 47.09
CA ASP D 590 -24.16 -38.43 47.76
C ASP D 590 -22.63 -38.40 47.68
N GLU D 591 -21.98 -39.46 48.14
CA GLU D 591 -20.53 -39.49 48.13
C GLU D 591 -19.87 -39.77 46.77
N ARG D 592 -20.69 -39.89 45.74
CA ARG D 592 -20.19 -40.06 44.35
C ARG D 592 -20.40 -38.72 43.62
N GLY D 593 -20.93 -37.73 44.33
CA GLY D 593 -21.20 -36.43 43.72
C GLY D 593 -22.45 -36.41 42.83
N ILE D 594 -23.39 -37.30 43.14
CA ILE D 594 -24.65 -37.42 42.41
C ILE D 594 -25.78 -36.92 43.34
N PRO D 595 -26.67 -36.06 42.82
CA PRO D 595 -27.77 -35.55 43.64
C PRO D 595 -28.65 -36.69 44.18
N LYS D 596 -29.08 -36.56 45.44
CA LYS D 596 -29.96 -37.55 46.08
C LYS D 596 -31.41 -37.33 45.65
N LYS D 597 -32.21 -38.39 45.71
CA LYS D 597 -33.64 -38.29 45.35
C LYS D 597 -34.35 -37.16 46.09
N GLU D 598 -34.15 -37.07 47.41
CA GLU D 598 -34.81 -36.01 48.19
C GLU D 598 -34.38 -34.62 47.79
N THR D 599 -33.13 -34.50 47.38
CA THR D 599 -32.57 -33.23 46.94
C THR D 599 -33.22 -32.84 45.61
N LEU D 600 -33.38 -33.81 44.73
CA LEU D 600 -34.01 -33.54 43.44
C LEU D 600 -35.48 -33.17 43.64
N LYS D 601 -36.12 -33.75 44.65
CA LYS D 601 -37.52 -33.42 44.93
C LYS D 601 -37.63 -32.01 45.54
N GLU D 602 -36.74 -31.68 46.49
CA GLU D 602 -36.78 -30.35 47.12
C GLU D 602 -36.50 -29.25 46.12
N LEU D 603 -35.81 -29.59 45.04
CA LEU D 603 -35.45 -28.62 44.01
C LEU D 603 -36.38 -28.60 42.78
N ASP D 604 -37.47 -29.36 42.85
CA ASP D 604 -38.45 -29.44 41.75
C ASP D 604 -37.83 -30.02 40.49
N LEU D 605 -37.06 -31.09 40.67
CA LEU D 605 -36.40 -31.78 39.56
C LEU D 605 -36.76 -33.26 39.64
N ASP D 606 -38.01 -33.54 39.97
CA ASP D 606 -38.48 -34.91 40.09
C ASP D 606 -38.29 -35.63 38.76
N PHE D 607 -38.55 -34.91 37.66
CA PHE D 607 -38.40 -35.48 36.32
C PHE D 607 -37.01 -36.09 36.06
N VAL D 608 -36.02 -35.65 36.86
CA VAL D 608 -34.64 -36.13 36.75
C VAL D 608 -34.45 -37.54 37.32
N ILE D 609 -35.16 -37.86 38.39
CA ILE D 609 -35.04 -39.17 39.05
C ILE D 609 -35.18 -40.39 38.13
N PRO D 610 -36.31 -40.54 37.39
CA PRO D 610 -36.41 -41.73 36.53
C PRO D 610 -35.28 -41.87 35.52
N GLU D 611 -34.79 -40.74 35.01
CA GLU D 611 -33.70 -40.76 34.06
C GLU D 611 -32.34 -41.17 34.63
N LEU D 612 -32.03 -40.71 35.84
CA LEU D 612 -30.76 -41.12 36.45
C LEU D 612 -30.83 -42.58 36.89
N GLU D 613 -32.02 -43.03 37.29
CA GLU D 613 -32.21 -44.40 37.72
C GLU D 613 -32.02 -45.44 36.63
N LYS D 614 -32.15 -45.02 35.37
CA LYS D 614 -31.94 -45.92 34.23
C LYS D 614 -30.44 -46.12 34.01
N VAL D 615 -29.63 -45.32 34.70
CA VAL D 615 -28.19 -45.37 34.49
C VAL D 615 -27.34 -45.72 35.72
N THR D 616 -27.88 -45.44 36.90
CA THR D 616 -27.18 -45.73 38.15
C THR D 616 -28.22 -45.83 39.27
N ASN D 617 -27.79 -46.13 40.49
CA ASN D 617 -28.72 -46.21 41.62
C ASN D 617 -28.60 -44.88 42.36
N LEU D 618 -29.72 -44.36 42.82
CA LEU D 618 -29.73 -43.09 43.53
C LEU D 618 -29.71 -43.13 45.06
N GLU D 619 -28.90 -42.24 45.63
CA GLU D 619 -28.70 -41.99 47.07
C GLU D 619 -27.55 -42.70 47.85
FE1 SF4 E . -22.99 -11.32 -24.40
FE2 SF4 E . -21.57 -10.48 -26.48
FE3 SF4 E . -24.05 -11.47 -26.87
FE4 SF4 E . -22.06 -13.05 -26.20
S1 SF4 E . -22.20 -11.91 -28.15
S2 SF4 E . -24.16 -13.06 -25.30
S3 SF4 E . -20.76 -11.78 -24.77
S4 SF4 E . -23.52 -9.55 -25.71
C1 PTT F . -28.51 -1.36 -24.37
C2 PTT F . -27.58 -0.20 -24.63
C3 PTT F . -26.35 -0.74 -25.44
S3 PTT F . -26.73 -1.65 -26.86
C4 PTT F . -25.06 -0.53 -25.05
S4 PTT F . -23.66 -0.77 -26.04
W1 PTT F . -24.51 -2.18 -27.94
C5 PTT F . -24.81 0.23 -23.76
N6 PTT F . -24.34 -0.73 -22.76
C7 PTT F . -24.15 -0.18 -21.53
C8 PTT F . -23.04 -0.51 -20.71
O8 PTT F . -22.21 -1.56 -21.07
N9 PTT F . -22.82 0.18 -19.57
C10 PTT F . -23.61 1.22 -19.18
N10 PTT F . -23.41 1.78 -17.96
N11 PTT F . -24.61 1.65 -19.97
C12 PTT F . -24.94 0.95 -21.08
N13 PTT F . -25.94 1.38 -21.85
C14 PTT F . -26.10 0.95 -23.24
O2 PTT F . -27.14 0.04 -23.32
C21 PTT F . -25.05 -5.73 -24.31
C22 PTT F . -24.80 -6.44 -25.64
C23 PTT F . -24.87 -5.33 -26.72
S23 PTT F . -23.61 -4.15 -26.71
C24 PTT F . -25.85 -5.24 -27.68
S24 PTT F . -25.96 -3.90 -28.82
C25 PTT F . -26.93 -6.31 -27.68
N26 PTT F . -28.18 -5.97 -26.98
C27 PTT F . -29.04 -7.01 -26.78
C28 PTT F . -30.38 -6.75 -26.42
O28 PTT F . -30.74 -5.46 -26.32
N29 PTT F . -31.20 -7.78 -26.22
C30 PTT F . -30.83 -9.08 -26.47
N30 PTT F . -31.71 -10.09 -26.36
N31 PTT F . -29.57 -9.35 -26.84
C32 PTT F . -28.67 -8.37 -26.97
N33 PTT F . -27.35 -8.65 -27.16
C34 PTT F . -26.34 -7.61 -27.10
O22 PTT F . -25.98 -7.16 -25.83
P1 PTT F . -30.28 -1.98 -22.58
P2 PTT F . -25.36 -6.25 -21.79
MG1 PTT F . -27.94 -4.15 -21.80
CA1 PTT F . -20.71 -3.07 -21.13
O1P PTT F . -29.05 -2.47 -21.71
O2P PTT F . -31.22 -1.15 -21.64
O3P PTT F . -30.97 -3.16 -23.16
O4P PTT F . -29.68 -0.92 -23.61
O5P PTT F . -26.88 -5.85 -21.84
O6P PTT F . -25.11 -7.51 -20.89
O7P PTT F . -24.51 -5.08 -21.39
O8P PTT F . -24.98 -6.73 -23.32
OX1 PTT F . -22.60 -1.66 -28.61
FE1 SF4 G . 14.22 15.19 -28.66
FE2 SF4 G . 12.15 14.58 -30.25
FE3 SF4 G . 14.40 15.68 -31.34
FE4 SF4 G . 12.82 17.15 -29.79
S1 SF4 G . 12.26 16.27 -31.84
S2 SF4 G . 15.06 17.06 -29.64
S3 SF4 G . 12.03 15.64 -28.22
S4 SF4 G . 14.24 13.62 -30.33
C1 PTT H . 19.03 5.46 -31.96
C2 PTT H . 18.08 4.26 -31.90
C3 PTT H . 16.69 4.80 -32.31
S3 PTT H . 16.55 5.96 -33.57
C4 PTT H . 15.58 4.54 -31.51
S4 PTT H . 13.98 5.08 -31.84
W1 PTT H . 14.22 6.66 -33.74
C5 PTT H . 15.72 3.66 -30.27
N6 PTT H . 15.60 4.42 -29.04
C7 PTT H . 15.79 3.70 -27.92
C8 PTT H . 15.02 3.89 -26.75
O8 PTT H . 14.19 5.00 -26.67
N9 PTT H . 15.13 3.04 -25.71
C10 PTT H . 16.02 2.02 -25.71
N10 PTT H . 16.18 1.22 -24.63
N11 PTT H . 16.68 1.73 -26.85
C12 PTT H . 16.65 2.56 -27.92
N13 PTT H . 17.45 2.33 -28.98
C14 PTT H . 17.08 2.91 -30.27
O2 PTT H . 18.14 3.71 -30.61
C21 PTT H . 15.94 9.61 -30.13
C22 PTT H . 15.34 10.57 -31.15
C23 PTT H . 15.05 9.54 -32.24
S23 PTT H . 13.73 8.44 -32.05
C24 PTT H . 15.68 9.70 -33.50
S24 PTT H . 15.32 8.65 -34.83
C25 PTT H . 16.61 10.88 -33.79
N26 PTT H . 17.96 10.32 -33.66
C27 PTT H . 18.93 11.26 -33.48
C28 PTT H . 20.29 11.00 -33.57
O28 PTT H . 20.69 9.70 -33.70
N29 PTT H . 21.23 11.97 -33.61
C30 PTT H . 20.91 13.25 -33.47
N30 PTT H . 21.91 14.19 -33.49
N31 PTT H . 19.64 13.58 -33.32
C32 PTT H . 18.63 12.66 -33.29
N33 PTT H . 17.34 13.03 -32.99
C34 PTT H . 16.31 12.04 -32.79
O22 PTT H . 16.37 11.44 -31.53
P1 PTT H . 21.33 5.69 -30.66
P2 PTT H . 17.10 9.87 -27.77
MG1 PTT H . 19.44 7.78 -28.91
CA1 PTT H . 12.84 6.54 -26.05
O1P PTT H . 20.46 6.16 -29.43
O2P PTT H . 22.56 4.77 -30.27
O3P PTT H . 21.77 6.90 -31.38
O4P PTT H . 20.34 4.93 -31.67
O5P PTT H . 18.53 9.49 -28.32
O6P PTT H . 17.11 11.03 -26.74
O7P PTT H . 16.34 8.65 -27.31
O8P PTT H . 16.25 10.46 -28.99
OX1 PTT H . 12.14 6.41 -33.89
FE1 SF4 I . 26.66 2.57 23.03
FE2 SF4 I . 25.21 1.62 25.11
FE3 SF4 I . 27.77 2.57 25.49
FE4 SF4 I . 27.34 0.26 24.26
S1 SF4 I . 26.82 0.68 26.42
S2 SF4 I . 28.78 1.92 23.57
S3 SF4 I . 25.41 0.62 23.05
S4 SF4 I . 25.97 3.81 24.82
C1 PTT J . 23.78 13.13 26.12
C2 PTT J . 22.26 13.19 26.37
C3 PTT J . 21.86 11.78 26.88
S3 PTT J . 22.86 11.04 28.10
C4 PTT J . 20.79 11.10 26.39
S4 PTT J . 20.08 9.73 27.16
W1 PTT J . 21.74 8.92 28.83
C5 PTT J . 19.94 11.82 25.35
N6 PTT J . 20.08 11.07 24.10
C7 PTT J . 19.33 11.54 23.10
C8 PTT J . 18.79 10.73 22.11
O8 PTT J . 18.97 9.37 22.17
N9 PTT J . 18.14 11.30 21.06
C10 PTT J . 17.84 12.62 21.05
N10 PTT J . 17.08 13.19 20.11
N11 PTT J . 18.32 13.41 22.02
C12 PTT J . 19.08 12.95 23.03
N13 PTT J . 19.66 13.79 23.92
C14 PTT J . 20.21 13.35 25.21
O2 PTT J . 21.59 13.38 25.18
C21 PTT J . 24.04 7.76 24.52
C22 PTT J . 24.74 6.95 25.61
C23 PTT J . 24.06 7.31 26.94
S23 PTT J . 22.34 7.26 27.01
C24 PTT J . 24.83 7.81 28.02
S24 PTT J . 24.15 8.53 29.48
C25 PTT J . 26.32 7.97 27.83
N26 PTT J . 26.79 9.25 27.28
C27 PTT J . 28.13 9.18 26.92
C28 PTT J . 28.94 10.33 26.83
O28 PTT J . 28.39 11.56 27.10
N29 PTT J . 30.21 10.19 26.38
C30 PTT J . 30.85 9.00 26.34
N30 PTT J . 32.18 8.98 26.12
N31 PTT J . 30.17 7.86 26.53
C32 PTT J . 28.84 7.93 26.73
N33 PTT J . 28.22 6.76 26.77
C34 PTT J . 26.77 6.76 26.96
O22 PTT J . 26.13 6.99 25.71
P1 PTT J . 25.24 14.36 24.27
P2 PTT J . 24.56 8.19 22.05
MG1 PTT J . 24.93 11.40 22.74
CA1 PTT J . 18.98 7.30 21.72
O1P PTT J . 24.63 13.35 23.23
O2P PTT J . 25.26 15.81 23.62
O3P PTT J . 26.55 13.92 24.72
O4P PTT J . 24.21 14.38 25.50
O5P PTT J . 25.44 9.48 22.33
O6P PTT J . 25.19 7.34 20.93
O7P PTT J . 23.14 8.52 21.79
O8P PTT J . 24.72 7.32 23.34
OX1 PTT J . 20.16 7.66 29.41
FE1 SF4 K . -17.91 -6.29 30.01
FE2 SF4 K . -15.84 -5.61 31.62
FE3 SF4 K . -18.14 -6.66 32.67
FE4 SF4 K . -18.13 -4.20 31.70
S1 SF4 K . -16.93 -4.89 33.51
S2 SF4 K . -19.73 -5.77 31.31
S3 SF4 K . -16.70 -4.32 29.90
S4 SF4 K . -16.68 -7.74 31.24
C1 PTT L . -14.31 -17.01 30.31
C2 PTT L . -12.77 -17.17 30.18
C3 PTT L . -12.11 -15.90 30.77
S3 PTT L . -12.75 -15.30 32.26
C4 PTT L . -11.23 -15.18 30.06
S4 PTT L . -10.45 -13.77 30.69
W1 PTT L . -11.48 -13.26 32.86
C5 PTT L . -10.74 -15.58 28.65
N6 PTT L . -11.39 -14.73 27.65
C7 PTT L . -11.01 -15.00 26.39
C8 PTT L . -10.82 -14.01 25.39
O8 PTT L . -11.09 -12.70 25.67
N9 PTT L . -10.51 -14.41 24.13
C10 PTT L . -10.42 -15.73 23.76
N10 PTT L . -10.04 -16.11 22.52
N11 PTT L . -10.62 -16.68 24.69
C12 PTT L . -10.87 -16.36 25.98
N13 PTT L . -11.11 -17.32 26.89
C14 PTT L . -11.39 -16.94 28.27
O2 PTT L . -12.68 -17.08 28.79
C21 PTT L . -15.15 -11.61 29.89
C22 PTT L . -15.30 -10.78 31.18
C23 PTT L . -14.27 -11.50 32.10
S23 PTT L . -12.59 -11.36 31.68
C24 PTT L . -14.64 -12.20 33.25
S24 PTT L . -13.47 -13.00 34.27
C25 PTT L . -16.09 -12.27 33.71
N26 PTT L . -16.73 -13.45 33.09
C27 PTT L . -18.11 -13.41 33.17
C28 PTT L . -18.94 -14.55 33.09
O28 PTT L . -18.36 -15.80 32.99
N29 PTT L . -20.27 -14.42 33.21
C30 PTT L . -20.88 -13.25 33.58
N30 PTT L . -22.23 -13.26 33.69
N31 PTT L . -20.17 -12.13 33.71
C32 PTT L . -18.84 -12.17 33.46
N33 PTT L . -18.18 -11.01 33.33
C34 PTT L . -16.75 -10.98 33.10
O22 PTT L . -16.60 -10.88 31.71
P1 PTT L . -16.31 -18.09 28.97
P2 PTT L . -16.36 -11.66 27.57
MG1 PTT L . -16.51 -14.96 27.87
CA1 PTT L . -11.15 -10.60 25.50
O1P PTT L . -16.08 -16.95 27.92
O2P PTT L . -16.55 -19.44 28.20
O3P PTT L . -17.37 -17.71 29.95
O4P PTT L . -14.94 -18.18 29.80
O5P PTT L . -17.03 -13.03 27.85
O6P PTT L . -17.19 -10.63 26.79
O7P PTT L . -15.10 -11.95 26.87
O8P PTT L . -16.00 -10.96 28.91
OX1 PTT L . -9.77 -12.09 33.27
#